data_3IE1
#
_entry.id   3IE1
#
_cell.length_a   143.424
_cell.length_b   148.165
_cell.length_c   120.837
_cell.angle_alpha   90.000
_cell.angle_beta   109.610
_cell.angle_gamma   90.000
#
_symmetry.space_group_name_H-M   'C 1 2 1'
#
loop_
_entity.id
_entity.type
_entity.pdbx_description
1 polymer 'Ribonuclease TTHA0252'
2 polymer "RNA (5'-R(P*UP*UP*UP*U)-3')"
3 non-polymer 'SULFATE ION'
4 non-polymer 'CITRATE ANION'
5 non-polymer 'ZINC ION'
6 water water
#
loop_
_entity_poly.entity_id
_entity_poly.type
_entity_poly.pdbx_seq_one_letter_code
_entity_poly.pdbx_strand_id
1 'polypeptide(L)'
;MRIVPFGAAREVTGSAHLLLAGGRRVLLDCGMFQGKEEARNHAPFGFDPKEVDAVLLTHAHLDHVGRLPKLFREGYRGPV
YATRATVLLMEIVLEDALKVMDEPFFGPEDVEEALGHLRPLEYGEWLRLGALSLAFGQAGHLPGSAFVVAQGEGRTLVYS
GDLGNREKDVLPDPSLPPLADLVLAEGTYGDRPHRPYRETVREFLEILEKTLSQGGKVLIPTFAVERAQEILYVLYTHGH
RLPRAPIYLDSPMAGRVLSLYPRLVRYFSEEVQAHFLQGKNPFRPAGLEVVEHTEASKALNRAPGPMVVLAGSGMLAGGR
ILHHLKHGLSDPRNALVFVGYQPQGGLGAEIIARPPAVRILGEEVPLRASVHTLGGFSGAAGQDELLDWLQGEPRVVLVH
GEEEKLLALGKLLALRGQEVSLARFGEGVPV
;
A,B,C,D
2 'polyribonucleotide' UUUU E,F,G,H
#
# COMPACT_ATOMS: atom_id res chain seq x y z
N MET A 1 7.49 -18.92 41.12
CA MET A 1 6.51 -18.03 40.44
C MET A 1 5.87 -17.05 41.42
N ARG A 2 6.17 -15.78 41.22
CA ARG A 2 5.64 -14.70 42.03
C ARG A 2 5.39 -13.51 41.12
N ILE A 3 4.52 -12.60 41.58
CA ILE A 3 4.17 -11.42 40.82
C ILE A 3 4.38 -10.19 41.69
N VAL A 4 5.23 -9.29 41.23
CA VAL A 4 5.55 -8.08 41.97
C VAL A 4 4.88 -6.87 41.36
N PRO A 5 3.87 -6.32 42.04
CA PRO A 5 3.16 -5.15 41.54
C PRO A 5 4.11 -3.99 41.46
N PHE A 6 4.20 -3.35 40.30
CA PHE A 6 5.09 -2.21 40.15
C PHE A 6 4.38 -0.93 39.73
N GLY A 7 3.08 -0.90 40.00
CA GLY A 7 2.24 0.24 39.71
C GLY A 7 0.80 -0.13 39.98
N ALA A 8 -0.10 0.85 39.89
CA ALA A 8 -1.52 0.62 40.09
C ALA A 8 -1.86 -0.09 41.39
N ALA A 9 -1.17 0.27 42.46
CA ALA A 9 -1.41 -0.32 43.79
C ALA A 9 -2.07 0.76 44.65
N ARG A 10 -3.30 0.48 45.10
CA ARG A 10 -4.09 1.42 45.88
C ARG A 10 -4.34 2.66 45.02
N GLU A 11 -4.06 2.51 43.72
CA GLU A 11 -4.26 3.56 42.73
C GLU A 11 -4.64 2.91 41.39
N VAL A 12 -4.94 3.73 40.38
CA VAL A 12 -5.35 3.18 39.08
C VAL A 12 -4.32 3.33 37.97
N THR A 13 -3.48 4.35 38.04
CA THR A 13 -2.48 4.53 36.99
C THR A 13 -1.19 3.74 37.26
N GLY A 14 -0.23 3.84 36.33
CA GLY A 14 1.04 3.15 36.46
C GLY A 14 1.04 1.63 36.40
N SER A 15 -0.08 1.05 35.99
CA SER A 15 -0.23 -0.40 35.88
C SER A 15 0.97 -1.15 35.25
N ALA A 16 1.72 -1.88 36.08
CA ALA A 16 2.88 -2.64 35.63
C ALA A 16 3.21 -3.70 36.66
N HIS A 17 3.19 -4.96 36.26
CA HIS A 17 3.45 -6.04 37.20
C HIS A 17 4.43 -7.07 36.67
N LEU A 18 5.58 -7.16 37.33
CA LEU A 18 6.67 -8.07 36.98
C LEU A 18 6.42 -9.52 37.40
N LEU A 19 6.37 -10.41 36.42
CA LEU A 19 6.16 -11.82 36.68
C LEU A 19 7.49 -12.54 36.73
N LEU A 20 7.78 -13.19 37.86
CA LEU A 20 9.04 -13.92 38.03
C LEU A 20 8.79 -15.41 38.14
N ALA A 21 9.21 -16.14 37.13
CA ALA A 21 9.03 -17.59 37.12
C ALA A 21 9.87 -18.21 36.00
N GLY A 22 10.02 -19.54 36.06
CA GLY A 22 10.80 -20.28 35.08
C GLY A 22 12.20 -19.70 34.86
N GLY A 23 12.66 -18.91 35.83
CA GLY A 23 13.96 -18.29 35.72
C GLY A 23 13.86 -17.06 34.83
N ARG A 24 12.66 -16.83 34.30
CA ARG A 24 12.43 -15.70 33.42
C ARG A 24 11.78 -14.54 34.16
N ARG A 25 11.90 -13.35 33.60
CA ARG A 25 11.30 -12.15 34.17
C ARG A 25 10.37 -11.54 33.12
N VAL A 26 9.09 -11.89 33.18
CA VAL A 26 8.10 -11.36 32.23
C VAL A 26 7.41 -10.13 32.81
N LEU A 27 7.29 -9.08 32.01
CA LEU A 27 6.64 -7.85 32.47
C LEU A 27 5.22 -7.67 31.90
N LEU A 28 4.25 -7.55 32.80
CA LEU A 28 2.86 -7.37 32.42
C LEU A 28 2.49 -5.90 32.44
N ASP A 29 2.33 -5.33 31.25
CA ASP A 29 2.01 -3.91 31.05
C ASP A 29 3.13 -3.05 31.54
N CYS A 30 3.13 -1.81 31.08
CA CYS A 30 4.15 -0.88 31.46
C CYS A 30 3.56 0.51 31.29
N GLY A 31 2.52 0.78 32.05
CA GLY A 31 1.84 2.05 31.90
C GLY A 31 2.33 3.24 32.70
N MET A 32 1.93 4.43 32.29
CA MET A 32 2.33 5.62 33.00
C MET A 32 1.34 6.01 34.08
N PHE A 33 1.80 6.82 35.03
CA PHE A 33 0.98 7.32 36.13
C PHE A 33 0.36 8.57 35.55
N GLN A 34 -0.79 8.99 36.07
CA GLN A 34 -1.43 10.18 35.52
C GLN A 34 -1.99 11.11 36.60
N GLY A 35 -1.95 12.40 36.31
CA GLY A 35 -2.46 13.38 37.25
C GLY A 35 -1.51 13.70 38.39
N LYS A 36 -1.86 13.22 39.59
CA LYS A 36 -1.08 13.45 40.80
C LYS A 36 0.23 12.67 40.83
N GLU A 37 0.21 11.42 40.36
CA GLU A 37 1.41 10.59 40.35
C GLU A 37 2.30 10.95 39.17
N GLU A 38 1.78 11.76 38.26
CA GLU A 38 2.50 12.17 37.06
C GLU A 38 4.03 12.22 37.20
N ALA A 39 4.52 12.90 38.23
CA ALA A 39 5.96 13.04 38.47
C ALA A 39 6.68 11.70 38.60
N ARG A 40 6.06 10.77 39.31
CA ARG A 40 6.61 9.44 39.52
C ARG A 40 6.97 8.75 38.21
N ASN A 41 6.60 9.37 37.09
CA ASN A 41 6.90 8.81 35.79
C ASN A 41 8.37 9.04 35.52
N HIS A 42 8.90 10.05 36.19
CA HIS A 42 10.32 10.38 36.09
C HIS A 42 11.13 9.44 37.01
N ALA A 43 10.57 9.13 38.17
CA ALA A 43 11.23 8.25 39.12
C ALA A 43 11.61 6.90 38.50
N PRO A 44 12.37 6.06 39.23
CA PRO A 44 12.76 4.74 38.70
C PRO A 44 11.69 3.67 38.75
N PHE A 45 11.74 2.77 37.76
CA PHE A 45 10.80 1.67 37.68
C PHE A 45 10.68 0.90 38.96
N GLY A 46 11.83 0.54 39.54
CA GLY A 46 11.83 -0.24 40.76
C GLY A 46 12.42 -1.60 40.46
N PHE A 47 12.73 -1.82 39.19
CA PHE A 47 13.34 -3.06 38.73
C PHE A 47 14.26 -2.69 37.58
N ASP A 48 15.16 -3.60 37.21
CA ASP A 48 16.10 -3.33 36.13
C ASP A 48 15.53 -3.77 34.79
N PRO A 49 15.16 -2.78 33.96
CA PRO A 49 14.60 -3.04 32.64
C PRO A 49 15.42 -3.99 31.79
N LYS A 50 16.74 -3.89 31.91
CA LYS A 50 17.63 -4.74 31.14
C LYS A 50 17.51 -6.21 31.53
N GLU A 51 16.99 -6.49 32.72
CA GLU A 51 16.85 -7.88 33.13
C GLU A 51 15.49 -8.48 32.87
N VAL A 52 14.70 -7.87 31.98
CA VAL A 52 13.39 -8.40 31.64
C VAL A 52 13.46 -9.29 30.38
N ASP A 53 12.90 -10.48 30.48
CA ASP A 53 12.89 -11.44 29.38
C ASP A 53 11.95 -11.16 28.21
N ALA A 54 10.81 -10.53 28.50
CA ALA A 54 9.81 -10.21 27.49
C ALA A 54 8.60 -9.59 28.16
N VAL A 55 8.01 -8.59 27.52
CA VAL A 55 6.82 -7.94 28.08
C VAL A 55 5.54 -8.14 27.26
N LEU A 56 4.42 -8.26 27.96
CA LEU A 56 3.08 -8.44 27.37
C LEU A 56 2.22 -7.23 27.68
N LEU A 57 1.48 -6.74 26.69
CA LEU A 57 0.59 -5.60 26.89
C LEU A 57 -0.85 -6.05 26.82
N THR A 58 -1.64 -5.74 27.85
CA THR A 58 -3.07 -6.11 27.86
C THR A 58 -3.88 -5.23 26.88
N HIS A 59 -3.61 -3.93 26.85
CA HIS A 59 -4.29 -3.06 25.93
C HIS A 59 -3.55 -1.77 25.69
N ALA A 60 -4.02 -0.98 24.74
CA ALA A 60 -3.33 0.25 24.38
C ALA A 60 -3.56 1.50 25.21
N HIS A 61 -4.39 1.42 26.24
CA HIS A 61 -4.60 2.63 27.05
C HIS A 61 -3.24 3.11 27.63
N LEU A 62 -3.07 4.43 27.70
CA LEU A 62 -1.82 5.00 28.20
C LEU A 62 -1.44 4.57 29.60
N ASP A 63 -2.40 4.21 30.44
CA ASP A 63 -2.07 3.83 31.81
C ASP A 63 -1.59 2.37 31.89
N HIS A 64 -1.39 1.77 30.74
CA HIS A 64 -0.89 0.39 30.69
C HIS A 64 0.24 0.30 29.66
N VAL A 65 0.58 1.44 29.07
CA VAL A 65 1.56 1.50 28.03
C VAL A 65 2.42 2.76 28.05
N GLY A 66 1.90 3.82 28.65
CA GLY A 66 2.60 5.08 28.71
C GLY A 66 4.06 5.04 29.11
N ARG A 67 4.50 4.00 29.81
CA ARG A 67 5.90 3.94 30.23
C ARG A 67 6.81 3.03 29.41
N LEU A 68 6.22 2.21 28.54
CA LEU A 68 7.01 1.32 27.72
C LEU A 68 8.21 2.03 27.08
N PRO A 69 7.97 3.17 26.42
CA PRO A 69 9.08 3.88 25.80
C PRO A 69 10.19 4.23 26.78
N LYS A 70 9.87 4.26 28.07
CA LYS A 70 10.88 4.56 29.08
C LYS A 70 11.70 3.28 29.27
N LEU A 71 10.99 2.17 29.36
CA LEU A 71 11.63 0.87 29.53
C LEU A 71 12.80 0.76 28.56
N PHE A 72 12.54 1.01 27.28
CA PHE A 72 13.56 0.92 26.26
C PHE A 72 14.61 2.04 26.41
N ARG A 73 14.16 3.22 26.83
CA ARG A 73 15.08 4.34 27.02
C ARG A 73 16.13 3.94 28.07
N GLU A 74 15.81 2.95 28.88
CA GLU A 74 16.72 2.52 29.92
C GLU A 74 17.36 1.15 29.64
N GLY A 75 17.43 0.76 28.37
CA GLY A 75 18.09 -0.48 28.04
C GLY A 75 17.31 -1.69 27.55
N TYR A 76 16.06 -1.83 27.94
CA TYR A 76 15.32 -3.00 27.49
C TYR A 76 15.40 -3.09 25.96
N ARG A 77 15.45 -4.32 25.46
CA ARG A 77 15.52 -4.57 24.02
C ARG A 77 14.83 -5.89 23.69
N GLY A 78 14.14 -6.44 24.68
CA GLY A 78 13.46 -7.70 24.47
C GLY A 78 12.18 -7.53 23.70
N PRO A 79 11.39 -8.59 23.57
CA PRO A 79 10.13 -8.50 22.83
C PRO A 79 8.98 -7.93 23.65
N VAL A 80 8.04 -7.29 22.95
CA VAL A 80 6.84 -6.70 23.55
C VAL A 80 5.64 -7.26 22.78
N TYR A 81 4.99 -8.27 23.36
CA TYR A 81 3.84 -8.91 22.73
C TYR A 81 2.46 -8.25 22.99
N ALA A 82 1.64 -8.15 21.95
CA ALA A 82 0.30 -7.57 22.03
C ALA A 82 -0.57 -8.13 20.91
N THR A 83 -1.79 -7.62 20.78
CA THR A 83 -2.66 -8.05 19.69
C THR A 83 -2.39 -6.99 18.63
N ARG A 84 -2.69 -7.28 17.36
CA ARG A 84 -2.44 -6.30 16.31
C ARG A 84 -3.18 -5.01 16.67
N ALA A 85 -4.38 -5.19 17.22
CA ALA A 85 -5.24 -4.10 17.65
C ALA A 85 -4.51 -3.21 18.66
N THR A 86 -3.97 -3.82 19.70
CA THR A 86 -3.24 -3.06 20.70
C THR A 86 -2.05 -2.38 20.02
N VAL A 87 -1.39 -3.12 19.13
CA VAL A 87 -0.24 -2.56 18.45
C VAL A 87 -0.58 -1.32 17.64
N LEU A 88 -1.63 -1.40 16.82
CA LEU A 88 -1.99 -0.24 16.01
C LEU A 88 -2.49 0.95 16.83
N LEU A 89 -3.36 0.70 17.81
CA LEU A 89 -3.87 1.77 18.66
C LEU A 89 -2.70 2.47 19.35
N MET A 90 -1.86 1.66 19.98
CA MET A 90 -0.66 2.04 20.72
C MET A 90 0.19 3.12 20.07
N GLU A 91 0.39 2.99 18.76
CA GLU A 91 1.16 3.96 18.01
C GLU A 91 0.54 5.36 18.18
N ILE A 92 -0.79 5.42 18.01
CA ILE A 92 -1.57 6.66 18.14
C ILE A 92 -1.51 7.17 19.58
N VAL A 93 -1.74 6.26 20.53
CA VAL A 93 -1.73 6.60 21.93
C VAL A 93 -0.44 7.29 22.33
N LEU A 94 0.69 6.66 22.01
CA LEU A 94 2.01 7.22 22.33
C LEU A 94 2.30 8.54 21.63
N GLU A 95 2.25 8.55 20.30
CA GLU A 95 2.50 9.77 19.54
C GLU A 95 1.81 10.97 20.20
N ASP A 96 0.59 10.75 20.65
CA ASP A 96 -0.14 11.83 21.29
C ASP A 96 0.48 12.18 22.63
N ALA A 97 0.75 11.15 23.44
CA ALA A 97 1.36 11.34 24.76
C ALA A 97 2.59 12.24 24.65
N LEU A 98 3.39 12.01 23.62
CA LEU A 98 4.58 12.82 23.40
C LEU A 98 4.20 14.29 23.36
N LYS A 99 3.30 14.63 22.44
CA LYS A 99 2.87 16.01 22.29
C LYS A 99 2.18 16.58 23.54
N VAL A 100 1.48 15.73 24.28
CA VAL A 100 0.78 16.20 25.46
C VAL A 100 1.69 16.44 26.66
N MET A 101 2.77 15.69 26.74
CA MET A 101 3.66 15.82 27.88
C MET A 101 4.41 17.13 28.04
N ASP A 102 4.36 17.62 29.28
CA ASP A 102 5.00 18.85 29.72
C ASP A 102 6.47 18.49 29.92
N GLU A 103 6.68 17.48 30.75
CA GLU A 103 8.00 16.97 31.06
C GLU A 103 8.18 15.64 30.33
N PRO A 104 8.50 15.69 29.03
CA PRO A 104 8.68 14.46 28.26
C PRO A 104 9.80 13.60 28.83
N PHE A 105 9.43 12.56 29.57
CA PHE A 105 10.38 11.64 30.16
C PHE A 105 10.79 10.57 29.15
N PHE A 106 10.62 10.88 27.88
CA PHE A 106 11.01 9.99 26.81
C PHE A 106 10.83 10.76 25.51
N GLY A 107 11.36 10.21 24.42
CA GLY A 107 11.23 10.92 23.16
C GLY A 107 10.97 10.03 21.96
N PRO A 108 10.80 10.67 20.78
CA PRO A 108 10.53 9.98 19.53
C PRO A 108 11.44 8.79 19.31
N GLU A 109 12.69 8.92 19.75
CA GLU A 109 13.65 7.84 19.60
C GLU A 109 13.22 6.64 20.45
N ASP A 110 12.71 6.93 21.64
CA ASP A 110 12.26 5.90 22.55
C ASP A 110 10.98 5.26 22.02
N VAL A 111 10.06 6.09 21.54
CA VAL A 111 8.80 5.57 21.00
C VAL A 111 9.08 4.66 19.81
N GLU A 112 9.88 5.16 18.88
CA GLU A 112 10.23 4.41 17.68
C GLU A 112 10.86 3.06 18.05
N GLU A 113 11.78 3.09 19.01
CA GLU A 113 12.47 1.88 19.48
C GLU A 113 11.46 0.92 20.12
N ALA A 114 10.59 1.46 20.95
CA ALA A 114 9.57 0.67 21.63
C ALA A 114 8.67 -0.03 20.63
N LEU A 115 8.06 0.74 19.75
CA LEU A 115 7.15 0.20 18.75
C LEU A 115 7.86 -0.87 17.91
N GLY A 116 9.16 -0.67 17.70
CA GLY A 116 9.94 -1.61 16.91
C GLY A 116 9.95 -3.03 17.41
N HIS A 117 9.82 -3.22 18.73
CA HIS A 117 9.85 -4.58 19.28
C HIS A 117 8.49 -5.19 19.56
N LEU A 118 7.46 -4.66 18.91
CA LEU A 118 6.11 -5.16 19.11
C LEU A 118 5.89 -6.37 18.23
N ARG A 119 5.56 -7.50 18.83
CA ARG A 119 5.30 -8.71 18.06
C ARG A 119 3.90 -9.25 18.35
N PRO A 120 3.08 -9.43 17.30
CA PRO A 120 1.71 -9.93 17.44
C PRO A 120 1.52 -11.23 18.22
N LEU A 121 0.51 -11.22 19.08
CA LEU A 121 0.12 -12.35 19.91
C LEU A 121 -1.41 -12.27 20.12
N GLU A 122 -2.16 -13.02 19.31
CA GLU A 122 -3.63 -13.03 19.38
C GLU A 122 -4.20 -14.04 20.37
N TYR A 123 -5.49 -13.92 20.67
CA TYR A 123 -6.13 -14.81 21.64
C TYR A 123 -5.99 -16.28 21.31
N GLY A 124 -5.66 -17.08 22.34
CA GLY A 124 -5.52 -18.51 22.15
C GLY A 124 -4.22 -18.87 21.47
N GLU A 125 -3.31 -17.91 21.48
CA GLU A 125 -2.01 -18.08 20.89
C GLU A 125 -1.09 -18.25 22.09
N TRP A 126 -0.45 -19.42 22.17
CA TRP A 126 0.44 -19.69 23.30
C TRP A 126 1.89 -19.37 23.06
N LEU A 127 2.41 -18.53 23.95
CA LEU A 127 3.79 -18.08 23.93
C LEU A 127 4.56 -18.88 24.97
N ARG A 128 5.79 -19.28 24.64
CA ARG A 128 6.62 -20.03 25.58
C ARG A 128 7.96 -19.38 25.91
N LEU A 129 8.19 -19.15 27.19
CA LEU A 129 9.43 -18.57 27.69
C LEU A 129 9.85 -19.50 28.82
N GLY A 130 11.01 -20.12 28.70
CA GLY A 130 11.44 -21.03 29.73
C GLY A 130 10.49 -22.21 29.79
N ALA A 131 10.00 -22.51 30.98
CA ALA A 131 9.05 -23.61 31.17
C ALA A 131 7.66 -22.99 31.31
N LEU A 132 7.64 -21.66 31.20
CA LEU A 132 6.43 -20.85 31.31
C LEU A 132 5.58 -20.82 30.03
N SER A 133 4.25 -20.92 30.20
CA SER A 133 3.32 -20.86 29.07
C SER A 133 2.38 -19.67 29.27
N LEU A 134 2.29 -18.81 28.26
CA LEU A 134 1.46 -17.63 28.34
C LEU A 134 0.40 -17.54 27.26
N ALA A 135 -0.74 -16.95 27.60
CA ALA A 135 -1.84 -16.77 26.66
C ALA A 135 -2.77 -15.61 27.00
N PHE A 136 -3.28 -14.97 25.96
CA PHE A 136 -4.22 -13.87 26.08
C PHE A 136 -5.68 -14.37 26.15
N GLY A 137 -6.50 -13.67 26.94
CA GLY A 137 -7.91 -14.00 27.09
C GLY A 137 -8.77 -12.78 26.72
N GLN A 138 -10.01 -13.03 26.31
CA GLN A 138 -10.92 -11.94 25.91
C GLN A 138 -11.35 -11.12 27.12
N ALA A 139 -10.97 -9.85 27.16
CA ALA A 139 -11.32 -8.97 28.28
C ALA A 139 -12.39 -7.92 27.95
N GLY A 140 -12.54 -7.63 26.65
CA GLY A 140 -13.54 -6.68 26.18
C GLY A 140 -13.61 -5.29 26.77
N HIS A 141 -12.46 -4.63 26.88
CA HIS A 141 -12.36 -3.29 27.46
C HIS A 141 -11.97 -2.30 26.37
N LEU A 142 -11.28 -2.82 25.36
CA LEU A 142 -10.82 -2.05 24.22
C LEU A 142 -10.67 -3.00 23.06
N PRO A 143 -10.57 -2.46 21.85
CA PRO A 143 -10.39 -3.37 20.73
C PRO A 143 -9.08 -4.07 20.99
N GLY A 144 -9.10 -5.41 20.98
CA GLY A 144 -7.87 -6.18 21.19
C GLY A 144 -7.35 -6.28 22.61
N SER A 145 -8.17 -5.95 23.60
CA SER A 145 -7.77 -5.97 25.00
C SER A 145 -7.78 -7.40 25.52
N ALA A 146 -6.91 -7.71 26.49
CA ALA A 146 -6.93 -9.06 27.02
C ALA A 146 -6.47 -9.13 28.46
N PHE A 147 -6.71 -10.29 29.06
CA PHE A 147 -6.26 -10.57 30.41
C PHE A 147 -5.21 -11.66 30.19
N VAL A 148 -4.21 -11.76 31.06
CA VAL A 148 -3.18 -12.78 30.85
C VAL A 148 -3.33 -14.06 31.65
N VAL A 149 -3.03 -15.18 31.01
CA VAL A 149 -3.04 -16.45 31.70
C VAL A 149 -1.60 -16.92 31.67
N ALA A 150 -0.96 -16.92 32.83
CA ALA A 150 0.42 -17.38 32.99
C ALA A 150 0.33 -18.73 33.68
N GLN A 151 0.91 -19.75 33.06
CA GLN A 151 0.87 -21.07 33.65
C GLN A 151 2.26 -21.67 33.59
N GLY A 152 2.71 -22.21 34.71
CA GLY A 152 4.04 -22.80 34.77
C GLY A 152 4.42 -23.15 36.20
N GLU A 153 5.42 -24.00 36.35
CA GLU A 153 5.85 -24.44 37.66
C GLU A 153 4.64 -25.05 38.36
N GLY A 154 3.83 -25.74 37.59
CA GLY A 154 2.64 -26.39 38.14
C GLY A 154 1.60 -25.46 38.75
N ARG A 155 1.82 -24.15 38.66
CA ARG A 155 0.89 -23.14 39.18
C ARG A 155 0.20 -22.37 38.04
N THR A 156 -0.86 -21.65 38.38
CA THR A 156 -1.61 -20.87 37.41
C THR A 156 -1.95 -19.47 37.93
N LEU A 157 -1.50 -18.46 37.20
CA LEU A 157 -1.77 -17.07 37.56
C LEU A 157 -2.56 -16.33 36.48
N VAL A 158 -3.51 -15.52 36.89
CA VAL A 158 -4.30 -14.76 35.95
C VAL A 158 -4.19 -13.29 36.31
N TYR A 159 -3.82 -12.46 35.34
CA TYR A 159 -3.74 -11.02 35.55
C TYR A 159 -4.86 -10.41 34.67
N SER A 160 -5.92 -9.94 35.33
CA SER A 160 -7.09 -9.36 34.65
C SER A 160 -6.90 -8.14 33.74
N GLY A 161 -5.79 -7.41 33.89
CA GLY A 161 -5.64 -6.23 33.06
C GLY A 161 -6.88 -5.39 33.37
N ASP A 162 -7.57 -4.91 32.35
CA ASP A 162 -8.80 -4.14 32.54
C ASP A 162 -9.94 -4.94 31.97
N LEU A 163 -11.04 -5.01 32.72
CA LEU A 163 -12.19 -5.75 32.25
C LEU A 163 -13.26 -4.82 31.73
N GLY A 164 -13.96 -5.27 30.70
CA GLY A 164 -15.00 -4.44 30.17
C GLY A 164 -16.34 -4.60 30.87
N ASN A 165 -17.23 -3.68 30.52
CA ASN A 165 -18.59 -3.63 31.00
C ASN A 165 -19.41 -4.42 29.96
N ARG A 166 -19.61 -5.71 30.19
CA ARG A 166 -20.34 -6.55 29.24
C ARG A 166 -21.72 -6.04 28.82
N GLU A 167 -22.32 -5.12 29.58
CA GLU A 167 -23.64 -4.65 29.21
C GLU A 167 -23.68 -3.88 27.88
N LYS A 168 -22.61 -3.18 27.53
CA LYS A 168 -22.56 -2.41 26.29
C LYS A 168 -22.53 -3.27 25.00
N ASP A 169 -22.47 -2.63 23.83
CA ASP A 169 -22.55 -3.37 22.56
C ASP A 169 -21.38 -3.45 21.55
N VAL A 170 -20.44 -2.50 21.60
CA VAL A 170 -19.32 -2.48 20.66
C VAL A 170 -18.26 -3.59 20.76
N LEU A 171 -17.77 -3.84 21.98
CA LEU A 171 -16.77 -4.86 22.22
C LEU A 171 -17.42 -6.20 22.59
N PRO A 172 -16.69 -7.32 22.42
CA PRO A 172 -17.28 -8.62 22.77
C PRO A 172 -17.27 -8.82 24.27
N ASP A 173 -18.03 -9.79 24.74
CA ASP A 173 -18.07 -10.05 26.16
C ASP A 173 -16.71 -10.38 26.71
N PRO A 174 -16.43 -9.94 27.93
CA PRO A 174 -15.11 -10.31 28.42
C PRO A 174 -15.27 -11.82 28.67
N SER A 175 -14.17 -12.56 28.70
CA SER A 175 -14.27 -13.99 28.94
C SER A 175 -14.07 -14.31 30.41
N LEU A 176 -14.60 -15.43 30.84
CA LEU A 176 -14.38 -15.82 32.22
C LEU A 176 -12.93 -16.29 32.24
N PRO A 177 -12.22 -16.03 33.35
CA PRO A 177 -10.84 -16.46 33.44
C PRO A 177 -10.82 -17.94 33.77
N PRO A 178 -9.68 -18.60 33.58
CA PRO A 178 -9.60 -20.03 33.90
C PRO A 178 -9.41 -20.13 35.41
N LEU A 179 -9.70 -21.29 36.00
CA LEU A 179 -9.50 -21.47 37.44
C LEU A 179 -7.99 -21.33 37.69
N ALA A 180 -7.59 -20.45 38.60
CA ALA A 180 -6.17 -20.24 38.85
C ALA A 180 -5.76 -20.23 40.32
N ASP A 181 -4.47 -20.39 40.56
CA ASP A 181 -3.95 -20.41 41.92
C ASP A 181 -3.95 -19.00 42.45
N LEU A 182 -3.81 -18.04 41.55
CA LEU A 182 -3.81 -16.63 41.94
C LEU A 182 -4.37 -15.73 40.83
N VAL A 183 -5.16 -14.72 41.22
CA VAL A 183 -5.72 -13.79 40.26
C VAL A 183 -5.38 -12.38 40.70
N LEU A 184 -4.67 -11.69 39.85
CA LEU A 184 -4.30 -10.31 40.11
C LEU A 184 -5.31 -9.52 39.30
N ALA A 185 -6.38 -9.04 39.96
CA ALA A 185 -7.45 -8.31 39.28
C ALA A 185 -7.62 -6.84 39.63
N GLU A 186 -8.30 -6.12 38.74
CA GLU A 186 -8.59 -4.69 38.91
C GLU A 186 -9.90 -4.49 39.68
N GLY A 187 -10.07 -3.29 40.22
CA GLY A 187 -11.29 -3.02 40.97
C GLY A 187 -11.68 -1.56 40.90
N THR A 188 -11.54 -0.96 39.71
CA THR A 188 -11.88 0.44 39.51
C THR A 188 -13.25 0.82 40.11
N TYR A 189 -14.26 -0.03 39.90
CA TYR A 189 -15.58 0.20 40.43
C TYR A 189 -15.89 -0.91 41.41
N GLY A 190 -14.93 -1.19 42.30
CA GLY A 190 -15.13 -2.26 43.26
C GLY A 190 -16.21 -1.92 44.26
N ASP A 191 -16.54 -0.64 44.39
CA ASP A 191 -17.55 -0.19 45.33
C ASP A 191 -19.00 -0.23 44.83
N ARG A 192 -19.21 -0.04 43.53
CA ARG A 192 -20.57 0.01 42.99
C ARG A 192 -20.80 -0.56 41.59
N PRO A 193 -22.05 -0.90 41.28
CA PRO A 193 -22.41 -1.44 39.97
C PRO A 193 -22.78 -0.24 39.10
N HIS A 194 -22.97 -0.44 37.81
CA HIS A 194 -23.31 0.66 36.93
C HIS A 194 -24.81 0.74 36.64
N ARG A 195 -25.24 1.88 36.11
CA ARG A 195 -26.64 2.05 35.73
C ARG A 195 -26.73 1.10 34.52
N PRO A 196 -27.87 0.42 34.35
CA PRO A 196 -27.96 -0.47 33.20
C PRO A 196 -27.64 0.22 31.87
N TYR A 197 -27.30 -0.58 30.87
CA TYR A 197 -26.95 0.01 29.57
C TYR A 197 -28.18 0.49 28.78
N ARG A 198 -29.17 -0.38 28.66
CA ARG A 198 -30.40 -0.06 27.95
C ARG A 198 -30.98 1.28 28.35
N GLU A 199 -31.11 1.50 29.65
CA GLU A 199 -31.67 2.74 30.14
C GLU A 199 -30.76 3.96 30.01
N THR A 200 -29.46 3.77 29.89
CA THR A 200 -28.63 4.95 29.75
C THR A 200 -28.75 5.41 28.31
N VAL A 201 -28.90 4.46 27.40
CA VAL A 201 -29.05 4.80 25.98
C VAL A 201 -30.37 5.54 25.77
N ARG A 202 -31.45 4.96 26.29
CA ARG A 202 -32.77 5.54 26.17
C ARG A 202 -32.74 6.96 26.71
N GLU A 203 -32.12 7.11 27.86
CA GLU A 203 -32.06 8.42 28.44
C GLU A 203 -31.28 9.29 27.47
N PHE A 204 -30.15 8.78 26.98
CA PHE A 204 -29.30 9.51 26.04
C PHE A 204 -30.10 10.04 24.86
N LEU A 205 -30.82 9.15 24.18
CA LEU A 205 -31.63 9.54 23.04
C LEU A 205 -32.62 10.64 23.46
N GLU A 206 -33.24 10.47 24.62
CA GLU A 206 -34.18 11.47 25.11
C GLU A 206 -33.52 12.85 25.14
N ILE A 207 -32.39 12.95 25.82
CA ILE A 207 -31.68 14.23 25.91
C ILE A 207 -31.38 14.77 24.52
N LEU A 208 -31.19 13.87 23.58
CA LEU A 208 -30.86 14.29 22.23
C LEU A 208 -32.03 14.88 21.46
N GLU A 209 -33.16 14.17 21.47
CA GLU A 209 -34.33 14.67 20.75
C GLU A 209 -34.78 16.02 21.30
N LYS A 210 -34.75 16.16 22.61
CA LYS A 210 -35.14 17.42 23.21
C LYS A 210 -34.20 18.58 22.92
N THR A 211 -32.89 18.33 23.02
CA THR A 211 -31.95 19.42 22.78
C THR A 211 -31.91 19.86 21.32
N LEU A 212 -31.85 18.88 20.42
CA LEU A 212 -31.76 19.16 19.00
C LEU A 212 -33.01 19.85 18.45
N SER A 213 -34.18 19.32 18.80
CA SER A 213 -35.43 19.90 18.34
C SER A 213 -35.59 21.37 18.68
N GLN A 214 -35.17 21.76 19.88
CA GLN A 214 -35.30 23.15 20.27
C GLN A 214 -34.15 23.92 19.67
N GLY A 215 -33.39 23.23 18.82
CA GLY A 215 -32.26 23.85 18.16
C GLY A 215 -31.06 24.16 19.03
N GLY A 216 -30.86 23.38 20.10
CA GLY A 216 -29.73 23.61 20.98
C GLY A 216 -28.46 22.85 20.61
N LYS A 217 -27.57 22.66 21.57
CA LYS A 217 -26.32 21.95 21.34
C LYS A 217 -26.06 20.90 22.38
N VAL A 218 -25.66 19.71 21.94
CA VAL A 218 -25.34 18.64 22.86
C VAL A 218 -23.81 18.54 22.92
N LEU A 219 -23.25 18.88 24.07
CA LEU A 219 -21.81 18.85 24.29
C LEU A 219 -21.45 17.58 25.03
N ILE A 220 -20.66 16.72 24.37
CA ILE A 220 -20.24 15.44 24.94
C ILE A 220 -18.70 15.32 25.12
N PRO A 221 -18.19 15.62 26.33
CA PRO A 221 -16.73 15.49 26.49
C PRO A 221 -16.38 13.99 26.42
N THR A 222 -15.36 13.65 25.63
CA THR A 222 -14.97 12.25 25.48
C THR A 222 -13.50 11.91 25.29
N PHE A 223 -13.19 10.66 25.61
CA PHE A 223 -11.87 10.11 25.45
C PHE A 223 -11.80 9.83 23.96
N ALA A 224 -10.62 9.96 23.39
CA ALA A 224 -10.44 9.72 21.98
C ALA A 224 -10.43 8.25 21.63
N VAL A 225 -10.30 7.36 22.61
CA VAL A 225 -10.24 5.96 22.22
C VAL A 225 -11.54 5.15 22.10
N GLU A 226 -11.80 4.12 22.87
CA GLU A 226 -13.06 3.41 22.61
C GLU A 226 -14.28 4.35 22.72
N ARG A 227 -14.33 5.09 23.82
CA ARG A 227 -15.43 5.97 24.12
C ARG A 227 -15.96 6.84 22.98
N ALA A 228 -15.11 7.69 22.40
CA ALA A 228 -15.58 8.54 21.32
C ALA A 228 -16.40 7.82 20.24
N GLN A 229 -15.81 6.80 19.65
CA GLN A 229 -16.45 6.08 18.59
C GLN A 229 -17.61 5.22 19.06
N GLU A 230 -17.71 4.99 20.35
CA GLU A 230 -18.80 4.16 20.81
C GLU A 230 -20.09 4.96 20.87
N ILE A 231 -19.94 6.25 21.17
CA ILE A 231 -21.05 7.19 21.23
C ILE A 231 -21.57 7.28 19.78
N LEU A 232 -20.63 7.34 18.84
CA LEU A 232 -20.96 7.41 17.43
C LEU A 232 -21.75 6.16 17.02
N TYR A 233 -21.47 5.03 17.65
CA TYR A 233 -22.16 3.80 17.31
C TYR A 233 -23.65 3.93 17.61
N VAL A 234 -23.95 4.63 18.71
CA VAL A 234 -25.32 4.84 19.12
C VAL A 234 -25.98 5.77 18.12
N LEU A 235 -25.31 6.87 17.83
CA LEU A 235 -25.85 7.82 16.87
C LEU A 235 -26.14 7.12 15.56
N TYR A 236 -25.32 6.14 15.20
CA TYR A 236 -25.49 5.42 13.94
C TYR A 236 -26.67 4.48 13.94
N THR A 237 -26.92 3.82 15.07
CA THR A 237 -28.01 2.87 15.11
C THR A 237 -29.30 3.49 15.59
N HIS A 238 -29.30 4.79 15.83
CA HIS A 238 -30.51 5.45 16.28
C HIS A 238 -30.77 6.71 15.50
N GLY A 239 -29.88 6.99 14.55
CA GLY A 239 -30.01 8.18 13.73
C GLY A 239 -31.35 8.30 13.02
N HIS A 240 -31.97 7.18 12.69
CA HIS A 240 -33.25 7.20 12.00
C HIS A 240 -34.32 7.95 12.76
N ARG A 241 -34.33 7.81 14.07
CA ARG A 241 -35.33 8.49 14.86
C ARG A 241 -34.79 9.77 15.44
N LEU A 242 -33.54 10.10 15.12
CA LEU A 242 -32.96 11.31 15.69
C LEU A 242 -33.04 12.49 14.75
N PRO A 243 -33.28 13.68 15.30
CA PRO A 243 -33.37 14.86 14.43
C PRO A 243 -32.07 15.14 13.73
N ARG A 244 -32.20 15.64 12.50
CA ARG A 244 -31.10 15.97 11.64
C ARG A 244 -30.22 17.08 12.18
N ALA A 245 -28.94 16.78 12.35
CA ALA A 245 -28.00 17.80 12.81
C ALA A 245 -26.58 17.30 12.55
N PRO A 246 -25.63 18.23 12.35
CA PRO A 246 -24.26 17.80 12.10
C PRO A 246 -23.73 17.19 13.40
N ILE A 247 -22.88 16.16 13.28
CA ILE A 247 -22.29 15.50 14.45
C ILE A 247 -20.77 15.76 14.41
N TYR A 248 -20.32 16.81 15.10
CA TYR A 248 -18.90 17.14 15.11
C TYR A 248 -18.06 16.39 16.13
N LEU A 249 -17.14 15.57 15.63
CA LEU A 249 -16.19 14.80 16.42
C LEU A 249 -15.00 15.73 16.38
N ASP A 250 -15.04 16.78 17.20
CA ASP A 250 -13.99 17.79 17.24
C ASP A 250 -12.76 17.34 18.03
N SER A 251 -12.10 16.30 17.53
CA SER A 251 -10.90 15.73 18.12
C SER A 251 -10.10 14.91 17.10
N PRO A 252 -8.95 15.43 16.65
CA PRO A 252 -8.15 14.69 15.68
C PRO A 252 -7.80 13.28 16.16
N MET A 253 -7.32 13.18 17.40
CA MET A 253 -6.94 11.88 17.91
C MET A 253 -8.10 10.91 17.69
N ALA A 254 -9.31 11.32 18.06
CA ALA A 254 -10.49 10.47 17.91
C ALA A 254 -10.68 10.06 16.44
N GLY A 255 -10.27 10.95 15.55
CA GLY A 255 -10.37 10.67 14.12
C GLY A 255 -9.42 9.55 13.78
N ARG A 256 -8.13 9.78 14.02
CA ARG A 256 -7.13 8.77 13.74
C ARG A 256 -7.57 7.43 14.28
N VAL A 257 -8.06 7.40 15.52
CA VAL A 257 -8.54 6.14 16.08
C VAL A 257 -9.73 5.66 15.25
N LEU A 258 -10.68 6.55 14.94
CA LEU A 258 -11.82 6.12 14.15
C LEU A 258 -11.44 5.61 12.76
N SER A 259 -10.50 6.29 12.09
CA SER A 259 -10.04 5.90 10.76
C SER A 259 -9.52 4.48 10.79
N LEU A 260 -8.94 4.14 11.93
CA LEU A 260 -8.32 2.85 12.15
C LEU A 260 -9.26 1.70 12.42
N TYR A 261 -10.46 2.01 12.87
CA TYR A 261 -11.43 0.97 13.21
C TYR A 261 -11.88 -0.02 12.13
N PRO A 262 -11.95 0.39 10.86
CA PRO A 262 -12.39 -0.56 9.83
C PRO A 262 -11.37 -1.70 9.60
N ARG A 263 -10.15 -1.48 10.09
CA ARG A 263 -9.08 -2.45 9.97
C ARG A 263 -9.07 -3.42 11.14
N LEU A 264 -9.91 -3.15 12.14
CA LEU A 264 -10.00 -3.95 13.35
C LEU A 264 -11.36 -4.61 13.57
N VAL A 265 -12.18 -4.60 12.54
CA VAL A 265 -13.50 -5.21 12.67
C VAL A 265 -13.53 -6.56 13.43
N ARG A 266 -12.55 -7.42 13.20
CA ARG A 266 -12.56 -8.72 13.86
C ARG A 266 -12.43 -8.61 15.36
N TYR A 267 -12.01 -7.44 15.83
CA TYR A 267 -11.84 -7.18 17.27
C TYR A 267 -13.07 -6.69 18.01
N PHE A 268 -14.19 -6.63 17.31
CA PHE A 268 -15.43 -6.15 17.91
C PHE A 268 -16.44 -7.26 18.17
N SER A 269 -17.60 -6.85 18.66
CA SER A 269 -18.70 -7.78 18.93
C SER A 269 -19.30 -8.39 17.66
N GLU A 270 -19.97 -9.51 17.79
CA GLU A 270 -20.58 -10.14 16.63
C GLU A 270 -21.55 -9.15 15.96
N GLU A 271 -22.24 -8.37 16.77
CA GLU A 271 -23.16 -7.37 16.26
C GLU A 271 -22.39 -6.39 15.40
N VAL A 272 -21.38 -5.73 15.98
CA VAL A 272 -20.61 -4.79 15.18
C VAL A 272 -20.05 -5.48 13.91
N GLN A 273 -19.60 -6.72 14.05
CA GLN A 273 -19.05 -7.44 12.89
C GLN A 273 -20.10 -7.72 11.81
N ALA A 274 -21.33 -8.00 12.23
CA ALA A 274 -22.40 -8.27 11.28
C ALA A 274 -22.63 -7.02 10.39
N HIS A 275 -22.65 -5.84 11.01
CA HIS A 275 -22.86 -4.60 10.26
C HIS A 275 -21.81 -4.44 9.19
N PHE A 276 -20.55 -4.64 9.55
CA PHE A 276 -19.48 -4.49 8.57
C PHE A 276 -19.68 -5.47 7.43
N LEU A 277 -20.15 -6.68 7.73
CA LEU A 277 -20.38 -7.68 6.68
C LEU A 277 -21.37 -7.13 5.65
N GLN A 278 -22.33 -6.35 6.12
CA GLN A 278 -23.33 -5.73 5.24
C GLN A 278 -22.69 -4.53 4.52
N GLY A 279 -21.37 -4.54 4.41
CA GLY A 279 -20.66 -3.45 3.74
C GLY A 279 -20.72 -2.08 4.41
N LYS A 280 -21.31 -1.98 5.59
CA LYS A 280 -21.41 -0.68 6.26
C LYS A 280 -20.49 -0.44 7.47
N ASN A 281 -20.09 0.82 7.70
CA ASN A 281 -19.25 1.19 8.86
C ASN A 281 -20.19 1.80 9.91
N PRO A 282 -20.55 1.04 10.94
CA PRO A 282 -21.45 1.55 11.97
C PRO A 282 -20.90 2.59 12.95
N PHE A 283 -19.69 3.09 12.69
CA PHE A 283 -19.06 4.07 13.55
C PHE A 283 -19.05 5.43 12.91
N ARG A 284 -19.83 5.56 11.85
CA ARG A 284 -19.96 6.83 11.16
C ARG A 284 -21.43 7.01 10.93
N PRO A 285 -22.07 7.75 11.83
CA PRO A 285 -23.51 8.00 11.71
C PRO A 285 -23.65 9.09 10.66
N ALA A 286 -24.86 9.34 10.19
CA ALA A 286 -25.07 10.37 9.18
C ALA A 286 -24.76 11.77 9.72
N GLY A 287 -24.07 12.59 8.93
CA GLY A 287 -23.78 13.93 9.37
C GLY A 287 -22.50 14.12 10.15
N LEU A 288 -21.77 13.03 10.37
CA LEU A 288 -20.52 13.09 11.11
C LEU A 288 -19.47 13.89 10.37
N GLU A 289 -18.79 14.76 11.12
CA GLU A 289 -17.73 15.58 10.56
C GLU A 289 -16.58 15.51 11.57
N VAL A 290 -15.37 15.33 11.05
CA VAL A 290 -14.19 15.25 11.90
C VAL A 290 -13.55 16.60 11.74
N VAL A 291 -13.58 17.39 12.80
CA VAL A 291 -13.02 18.74 12.78
C VAL A 291 -11.51 18.70 13.03
N GLU A 292 -10.73 19.00 12.00
CA GLU A 292 -9.28 18.93 12.11
C GLU A 292 -8.50 20.07 12.78
N HIS A 293 -8.82 21.31 12.49
CA HIS A 293 -8.05 22.42 13.05
C HIS A 293 -8.83 23.44 13.89
N THR A 294 -8.06 24.24 14.64
CA THR A 294 -8.61 25.25 15.53
C THR A 294 -9.70 26.16 14.98
N GLU A 295 -9.38 26.86 13.89
CA GLU A 295 -10.33 27.79 13.28
C GLU A 295 -11.77 27.29 13.17
N ALA A 296 -11.92 26.08 12.64
CA ALA A 296 -13.23 25.48 12.49
C ALA A 296 -13.78 25.08 13.86
N SER A 297 -12.89 24.75 14.78
CA SER A 297 -13.30 24.34 16.11
C SER A 297 -13.85 25.53 16.87
N LYS A 298 -13.15 26.66 16.76
CA LYS A 298 -13.59 27.87 17.42
C LYS A 298 -14.93 28.32 16.80
N ALA A 299 -15.01 28.25 15.48
CA ALA A 299 -16.21 28.65 14.74
C ALA A 299 -17.44 28.01 15.32
N LEU A 300 -17.31 26.78 15.82
CA LEU A 300 -18.43 26.06 16.40
C LEU A 300 -18.99 26.71 17.67
N ASN A 301 -18.16 27.47 18.39
CA ASN A 301 -18.64 28.10 19.62
C ASN A 301 -19.60 29.23 19.28
N ARG A 302 -19.39 29.85 18.13
CA ARG A 302 -20.20 30.96 17.70
C ARG A 302 -21.39 30.54 16.83
N ALA A 303 -21.25 29.40 16.15
CA ALA A 303 -22.31 28.90 15.27
C ALA A 303 -23.47 28.42 16.11
N PRO A 304 -24.71 28.56 15.57
CA PRO A 304 -25.94 28.14 16.26
C PRO A 304 -26.16 26.63 16.20
N GLY A 305 -27.09 26.15 17.02
CA GLY A 305 -27.43 24.73 17.02
C GLY A 305 -28.38 24.54 15.87
N PRO A 306 -28.96 23.36 15.67
CA PRO A 306 -28.79 22.15 16.46
C PRO A 306 -27.54 21.38 16.03
N MET A 307 -26.81 20.86 17.01
CA MET A 307 -25.60 20.11 16.71
C MET A 307 -25.16 19.29 17.90
N VAL A 308 -24.48 18.20 17.61
CA VAL A 308 -23.94 17.34 18.63
C VAL A 308 -22.41 17.47 18.52
N VAL A 309 -21.76 17.71 19.65
CA VAL A 309 -20.30 17.84 19.68
C VAL A 309 -19.58 16.83 20.60
N LEU A 310 -18.52 16.22 20.06
CA LEU A 310 -17.71 15.27 20.79
C LEU A 310 -16.28 15.85 20.80
N ALA A 311 -15.75 16.05 22.00
CA ALA A 311 -14.40 16.57 22.14
C ALA A 311 -13.71 16.07 23.42
N GLY A 312 -12.38 16.12 23.43
CA GLY A 312 -11.63 15.70 24.59
C GLY A 312 -11.02 16.91 25.26
N SER A 313 -10.38 16.71 26.42
CA SER A 313 -10.24 15.40 27.03
C SER A 313 -11.51 14.98 27.77
N GLY A 314 -11.71 13.68 27.87
CA GLY A 314 -12.88 13.15 28.52
C GLY A 314 -12.99 13.49 29.99
N MET A 315 -11.98 14.17 30.53
CA MET A 315 -11.98 14.54 31.94
C MET A 315 -11.80 16.04 32.12
N LEU A 316 -12.05 16.78 31.05
CA LEU A 316 -11.95 18.23 31.03
C LEU A 316 -10.60 18.75 31.47
N ALA A 317 -9.60 17.88 31.41
CA ALA A 317 -8.24 18.25 31.80
C ALA A 317 -7.62 18.99 30.65
N GLY A 318 -8.44 19.75 29.93
CA GLY A 318 -7.94 20.49 28.78
C GLY A 318 -8.61 20.04 27.49
N GLY A 319 -8.09 20.50 26.36
CA GLY A 319 -8.65 20.14 25.08
C GLY A 319 -9.61 21.17 24.51
N ARG A 320 -10.23 20.85 23.39
CA ARG A 320 -11.17 21.75 22.75
C ARG A 320 -12.47 21.77 23.53
N ILE A 321 -12.76 20.67 24.22
CA ILE A 321 -13.99 20.58 24.97
C ILE A 321 -14.17 21.79 25.89
N LEU A 322 -13.07 22.31 26.44
CA LEU A 322 -13.17 23.46 27.32
C LEU A 322 -13.77 24.64 26.58
N HIS A 323 -13.12 25.03 25.49
CA HIS A 323 -13.60 26.14 24.67
C HIS A 323 -15.08 25.99 24.30
N HIS A 324 -15.57 24.76 24.15
CA HIS A 324 -16.97 24.58 23.84
C HIS A 324 -17.79 24.93 25.06
N LEU A 325 -17.50 24.26 26.18
CA LEU A 325 -18.20 24.50 27.43
C LEU A 325 -18.10 25.97 27.82
N LYS A 326 -16.96 26.58 27.56
CA LYS A 326 -16.79 27.97 27.90
C LYS A 326 -17.82 28.83 27.20
N HIS A 327 -18.30 28.40 26.05
CA HIS A 327 -19.25 29.22 25.29
C HIS A 327 -20.68 28.75 25.17
N GLY A 328 -21.00 27.53 25.59
CA GLY A 328 -22.36 27.07 25.43
C GLY A 328 -22.98 26.61 26.72
N LEU A 329 -22.19 26.66 27.78
CA LEU A 329 -22.64 26.25 29.10
C LEU A 329 -23.54 27.33 29.73
N SER A 330 -23.53 28.52 29.14
CA SER A 330 -24.31 29.66 29.61
C SER A 330 -25.68 29.78 28.94
N ASP A 331 -25.95 28.93 27.95
CA ASP A 331 -27.23 28.95 27.27
C ASP A 331 -28.02 27.75 27.73
N PRO A 332 -29.23 27.98 28.26
CA PRO A 332 -30.11 26.92 28.75
C PRO A 332 -30.64 25.98 27.67
N ARG A 333 -30.50 26.38 26.42
CA ARG A 333 -30.98 25.53 25.33
C ARG A 333 -30.00 24.38 25.09
N ASN A 334 -28.74 24.58 25.47
CA ASN A 334 -27.70 23.57 25.29
C ASN A 334 -27.73 22.54 26.41
N ALA A 335 -27.24 21.33 26.12
CA ALA A 335 -27.18 20.24 27.09
C ALA A 335 -25.75 19.70 27.20
N LEU A 336 -25.37 19.33 28.42
CA LEU A 336 -24.03 18.78 28.68
C LEU A 336 -24.21 17.32 29.08
N VAL A 337 -23.66 16.40 28.30
CA VAL A 337 -23.79 14.99 28.62
C VAL A 337 -22.44 14.32 28.90
N PHE A 338 -22.25 13.93 30.15
CA PHE A 338 -21.05 13.27 30.60
C PHE A 338 -21.27 11.80 30.34
N VAL A 339 -20.36 11.17 29.60
CA VAL A 339 -20.51 9.76 29.28
C VAL A 339 -19.38 8.91 29.81
N GLY A 340 -18.66 9.49 30.77
CA GLY A 340 -17.53 8.82 31.40
C GLY A 340 -17.27 9.39 32.79
N TYR A 341 -16.45 8.69 33.56
CA TYR A 341 -16.08 9.07 34.93
C TYR A 341 -15.34 10.41 35.02
N GLN A 342 -15.73 11.21 36.01
CA GLN A 342 -15.09 12.50 36.25
C GLN A 342 -14.36 12.42 37.60
N PRO A 343 -13.04 12.64 37.60
CA PRO A 343 -12.29 12.58 38.87
C PRO A 343 -12.78 13.61 39.88
N GLN A 344 -12.85 13.20 41.14
CA GLN A 344 -13.29 14.12 42.20
C GLN A 344 -12.26 15.24 42.28
N GLY A 345 -12.73 16.45 42.56
CA GLY A 345 -11.82 17.58 42.65
C GLY A 345 -11.72 18.31 41.33
N GLY A 346 -12.06 17.60 40.25
CA GLY A 346 -12.02 18.18 38.92
C GLY A 346 -13.25 18.99 38.50
N LEU A 347 -13.06 19.81 37.48
CA LEU A 347 -14.13 20.66 36.94
C LEU A 347 -15.42 19.89 36.66
N GLY A 348 -15.27 18.64 36.23
CA GLY A 348 -16.42 17.83 35.94
C GLY A 348 -17.29 17.77 37.17
N ALA A 349 -16.70 17.26 38.24
CA ALA A 349 -17.39 17.15 39.53
C ALA A 349 -17.98 18.49 39.92
N GLU A 350 -17.19 19.54 39.76
CA GLU A 350 -17.65 20.88 40.08
C GLU A 350 -18.95 21.18 39.34
N ILE A 351 -18.86 21.19 38.02
CA ILE A 351 -20.03 21.47 37.18
C ILE A 351 -21.20 20.60 37.60
N ILE A 352 -20.92 19.34 37.93
CA ILE A 352 -21.98 18.42 38.32
C ILE A 352 -22.64 18.82 39.64
N ALA A 353 -21.89 19.54 40.47
CA ALA A 353 -22.38 20.03 41.76
C ALA A 353 -23.47 21.02 41.41
N ARG A 354 -23.33 21.58 40.22
CA ARG A 354 -24.28 22.54 39.68
C ARG A 354 -24.36 23.88 40.40
N PRO A 355 -23.24 24.61 40.41
CA PRO A 355 -23.19 25.91 41.06
C PRO A 355 -23.84 26.93 40.12
N PRO A 356 -23.92 28.18 40.53
CA PRO A 356 -24.54 29.19 39.67
C PRO A 356 -23.69 29.59 38.46
N ALA A 357 -22.38 29.39 38.56
CA ALA A 357 -21.52 29.76 37.45
C ALA A 357 -20.05 29.40 37.65
N VAL A 358 -19.65 28.31 37.01
CA VAL A 358 -18.28 27.79 37.05
C VAL A 358 -17.32 28.71 36.32
N ARG A 359 -16.02 28.50 36.54
CA ARG A 359 -14.98 29.28 35.88
C ARG A 359 -14.29 28.37 34.88
N ILE A 360 -14.16 28.86 33.65
CA ILE A 360 -13.52 28.11 32.60
C ILE A 360 -12.56 29.01 31.85
N LEU A 361 -11.30 28.61 31.79
CA LEU A 361 -10.26 29.39 31.10
C LEU A 361 -10.28 30.88 31.41
N GLY A 362 -10.07 31.22 32.69
CA GLY A 362 -10.01 32.62 33.12
C GLY A 362 -11.23 33.46 32.79
N GLU A 363 -12.37 33.09 33.37
CA GLU A 363 -13.60 33.81 33.13
C GLU A 363 -14.69 32.99 33.78
N GLU A 364 -15.60 33.65 34.48
CA GLU A 364 -16.68 32.94 35.12
C GLU A 364 -17.81 32.86 34.09
N VAL A 365 -18.31 31.66 33.85
CA VAL A 365 -19.38 31.48 32.88
C VAL A 365 -20.63 30.97 33.57
N PRO A 366 -21.74 31.69 33.47
CA PRO A 366 -22.96 31.21 34.12
C PRO A 366 -23.24 29.79 33.62
N LEU A 367 -23.98 29.02 34.41
CA LEU A 367 -24.30 27.66 34.04
C LEU A 367 -25.80 27.43 33.85
N ARG A 368 -26.32 27.70 32.66
CA ARG A 368 -27.74 27.50 32.39
C ARG A 368 -28.00 26.16 31.70
N ALA A 369 -27.13 25.80 30.77
CA ALA A 369 -27.30 24.55 30.04
C ALA A 369 -27.57 23.41 31.00
N SER A 370 -28.38 22.45 30.57
CA SER A 370 -28.67 21.31 31.41
C SER A 370 -27.41 20.45 31.52
N VAL A 371 -27.35 19.61 32.54
CA VAL A 371 -26.22 18.72 32.73
C VAL A 371 -26.77 17.34 33.00
N HIS A 372 -26.05 16.33 32.49
CA HIS A 372 -26.47 14.95 32.65
C HIS A 372 -25.25 14.08 32.80
N THR A 373 -25.40 12.99 33.55
CA THR A 373 -24.30 12.10 33.81
C THR A 373 -24.77 10.71 33.50
N LEU A 374 -24.25 10.11 32.44
CA LEU A 374 -24.69 8.79 32.06
C LEU A 374 -23.63 7.76 32.41
N GLY A 375 -23.44 7.48 33.70
CA GLY A 375 -22.45 6.52 34.11
C GLY A 375 -22.59 5.15 33.47
N GLY A 376 -23.74 4.88 32.87
CA GLY A 376 -23.94 3.59 32.24
C GLY A 376 -23.04 3.37 31.03
N PHE A 377 -22.42 4.44 30.56
CA PHE A 377 -21.54 4.41 29.41
C PHE A 377 -20.09 4.01 29.78
N SER A 378 -19.88 3.66 31.04
CA SER A 378 -18.56 3.27 31.55
C SER A 378 -18.00 2.10 30.78
N GLY A 379 -16.68 2.16 30.55
CA GLY A 379 -15.99 1.08 29.86
C GLY A 379 -15.38 0.06 30.81
N ALA A 380 -15.66 0.22 32.10
CA ALA A 380 -15.12 -0.68 33.10
C ALA A 380 -16.16 -1.57 33.72
N ALA A 381 -15.78 -2.80 34.07
CA ALA A 381 -16.69 -3.72 34.69
C ALA A 381 -17.10 -3.15 36.03
N GLY A 382 -18.39 -2.98 36.24
CA GLY A 382 -18.86 -2.46 37.51
C GLY A 382 -18.71 -3.56 38.55
N GLN A 383 -18.92 -3.22 39.81
CA GLN A 383 -18.77 -4.18 40.89
C GLN A 383 -19.47 -5.53 40.71
N ASP A 384 -20.67 -5.52 40.17
CA ASP A 384 -21.38 -6.79 40.00
C ASP A 384 -20.69 -7.68 38.96
N GLU A 385 -20.06 -7.09 37.97
CA GLU A 385 -19.38 -7.86 36.94
C GLU A 385 -18.05 -8.39 37.48
N LEU A 386 -17.40 -7.55 38.28
CA LEU A 386 -16.15 -7.89 38.97
C LEU A 386 -16.42 -9.14 39.82
N LEU A 387 -17.44 -9.10 40.66
CA LEU A 387 -17.78 -10.25 41.49
C LEU A 387 -18.04 -11.52 40.68
N ASP A 388 -18.65 -11.37 39.52
CA ASP A 388 -18.96 -12.55 38.72
C ASP A 388 -17.76 -13.15 38.03
N TRP A 389 -16.86 -12.28 37.61
CA TRP A 389 -15.67 -12.71 36.93
C TRP A 389 -14.80 -13.42 37.95
N LEU A 390 -14.60 -12.76 39.08
CA LEU A 390 -13.78 -13.29 40.17
C LEU A 390 -14.36 -14.54 40.82
N GLN A 391 -15.68 -14.64 40.80
CA GLN A 391 -16.38 -15.78 41.37
C GLN A 391 -15.66 -17.10 41.14
N GLY A 392 -15.38 -17.82 42.23
CA GLY A 392 -14.70 -19.11 42.13
C GLY A 392 -13.21 -19.14 42.40
N GLU A 393 -12.48 -18.10 42.00
CA GLU A 393 -11.05 -18.09 42.23
C GLU A 393 -10.80 -18.04 43.73
N PRO A 394 -9.89 -18.89 44.23
CA PRO A 394 -9.56 -18.95 45.66
C PRO A 394 -8.75 -17.78 46.20
N ARG A 395 -7.72 -17.36 45.48
CA ARG A 395 -6.88 -16.27 45.94
C ARG A 395 -6.98 -15.08 44.98
N VAL A 396 -6.98 -13.86 45.51
CA VAL A 396 -7.12 -12.67 44.68
C VAL A 396 -6.37 -11.42 45.20
N VAL A 397 -5.49 -10.86 44.38
CA VAL A 397 -4.74 -9.67 44.76
C VAL A 397 -5.27 -8.52 43.92
N LEU A 398 -5.82 -7.51 44.59
CA LEU A 398 -6.42 -6.37 43.92
C LEU A 398 -5.52 -5.22 43.59
N VAL A 399 -5.49 -4.86 42.30
CA VAL A 399 -4.70 -3.73 41.83
C VAL A 399 -5.68 -2.89 41.05
N HIS A 400 -5.26 -1.71 40.62
CA HIS A 400 -6.09 -0.81 39.80
C HIS A 400 -7.39 -0.39 40.48
N GLY A 401 -7.30 0.62 41.34
CA GLY A 401 -8.45 1.11 42.06
C GLY A 401 -8.02 1.95 43.27
N GLU A 402 -8.95 2.70 43.83
CA GLU A 402 -8.65 3.50 45.00
C GLU A 402 -8.89 2.57 46.20
N GLU A 403 -7.90 2.48 47.09
CA GLU A 403 -7.98 1.64 48.28
C GLU A 403 -9.42 1.38 48.78
N GLU A 404 -10.21 2.44 48.88
CA GLU A 404 -11.59 2.36 49.33
C GLU A 404 -12.41 1.38 48.47
N LYS A 405 -12.39 1.60 47.15
CA LYS A 405 -13.10 0.74 46.21
C LYS A 405 -12.56 -0.68 46.31
N LEU A 406 -11.23 -0.83 46.24
CA LEU A 406 -10.59 -2.15 46.34
C LEU A 406 -11.03 -2.84 47.63
N LEU A 407 -10.97 -2.08 48.72
CA LEU A 407 -11.36 -2.58 50.03
C LEU A 407 -12.79 -3.08 49.91
N ALA A 408 -13.70 -2.20 49.52
CA ALA A 408 -15.12 -2.55 49.37
C ALA A 408 -15.33 -3.89 48.65
N LEU A 409 -14.58 -4.10 47.56
CA LEU A 409 -14.71 -5.33 46.79
C LEU A 409 -14.19 -6.48 47.65
N GLY A 410 -13.04 -6.26 48.29
CA GLY A 410 -12.45 -7.27 49.15
C GLY A 410 -13.38 -7.81 50.23
N LYS A 411 -14.04 -6.89 50.95
CA LYS A 411 -14.99 -7.29 51.99
C LYS A 411 -15.92 -8.33 51.43
N LEU A 412 -16.48 -8.03 50.27
CA LEU A 412 -17.38 -8.96 49.62
C LEU A 412 -16.63 -10.24 49.27
N LEU A 413 -15.41 -10.10 48.77
CA LEU A 413 -14.63 -11.28 48.42
C LEU A 413 -14.36 -12.14 49.66
N ALA A 414 -13.94 -11.48 50.75
CA ALA A 414 -13.65 -12.17 52.00
C ALA A 414 -14.91 -12.84 52.56
N LEU A 415 -15.98 -12.08 52.73
CA LEU A 415 -17.23 -12.63 53.26
C LEU A 415 -17.72 -13.79 52.41
N ARG A 416 -17.20 -13.87 51.19
CA ARG A 416 -17.57 -14.90 50.23
C ARG A 416 -16.70 -16.15 50.36
N GLY A 417 -15.57 -16.01 51.06
CA GLY A 417 -14.67 -17.14 51.26
C GLY A 417 -13.44 -17.08 50.39
N GLN A 418 -13.15 -15.91 49.84
CA GLN A 418 -12.01 -15.78 48.96
C GLN A 418 -10.81 -15.08 49.62
N GLU A 419 -9.67 -15.74 49.60
CA GLU A 419 -8.49 -15.17 50.20
C GLU A 419 -8.13 -13.96 49.35
N VAL A 420 -8.15 -12.78 49.94
CA VAL A 420 -7.86 -11.56 49.19
C VAL A 420 -6.96 -10.55 49.91
N SER A 421 -6.19 -9.82 49.11
CA SER A 421 -5.28 -8.79 49.62
C SER A 421 -5.30 -7.55 48.74
N LEU A 422 -4.53 -6.55 49.12
CA LEU A 422 -4.42 -5.32 48.36
C LEU A 422 -2.99 -5.03 47.96
N ALA A 423 -2.54 -5.66 46.89
CA ALA A 423 -1.18 -5.50 46.36
C ALA A 423 -0.45 -4.25 46.83
N ARG A 424 0.78 -4.43 47.30
CA ARG A 424 1.59 -3.31 47.76
C ARG A 424 2.72 -3.10 46.76
N PHE A 425 3.17 -1.85 46.64
CA PHE A 425 4.24 -1.53 45.70
C PHE A 425 5.54 -2.34 45.85
N GLY A 426 5.88 -3.07 44.79
CA GLY A 426 7.09 -3.87 44.79
C GLY A 426 7.16 -4.99 45.81
N GLU A 427 6.02 -5.60 46.13
CA GLU A 427 6.02 -6.69 47.10
C GLU A 427 5.43 -7.98 46.56
N GLY A 428 6.13 -8.58 45.61
CA GLY A 428 5.67 -9.83 45.02
C GLY A 428 4.88 -10.75 45.92
N VAL A 429 3.84 -11.38 45.36
CA VAL A 429 2.97 -12.30 46.11
C VAL A 429 3.23 -13.72 45.62
N PRO A 430 3.14 -14.72 46.51
CA PRO A 430 3.36 -16.10 46.10
C PRO A 430 2.27 -16.70 45.21
N VAL A 431 2.64 -17.13 44.00
CA VAL A 431 1.66 -17.74 43.11
C VAL A 431 1.32 -19.15 43.59
N MET B 1 -2.17 9.27 -43.67
CA MET B 1 -2.55 9.53 -42.24
C MET B 1 -3.72 10.50 -42.16
N ARG B 2 -4.76 10.09 -41.42
CA ARG B 2 -5.97 10.89 -41.26
C ARG B 2 -6.39 10.97 -39.80
N ILE B 3 -7.05 12.08 -39.48
CA ILE B 3 -7.57 12.34 -38.15
C ILE B 3 -9.04 12.68 -38.32
N VAL B 4 -9.90 11.90 -37.66
CA VAL B 4 -11.33 12.14 -37.77
C VAL B 4 -11.91 12.65 -36.46
N PRO B 5 -12.48 13.86 -36.48
CA PRO B 5 -13.09 14.53 -35.33
C PRO B 5 -14.43 13.95 -34.89
N PHE B 6 -14.46 13.28 -33.74
CA PHE B 6 -15.72 12.71 -33.22
C PHE B 6 -16.23 13.38 -31.95
N GLY B 7 -15.96 14.68 -31.81
CA GLY B 7 -16.40 15.42 -30.65
C GLY B 7 -16.05 16.88 -30.81
N ALA B 8 -16.19 17.64 -29.73
CA ALA B 8 -15.89 19.06 -29.72
C ALA B 8 -15.70 19.68 -31.10
N ALA B 9 -16.64 19.43 -32.00
CA ALA B 9 -16.57 20.00 -33.34
C ALA B 9 -17.56 21.17 -33.37
N ARG B 10 -17.04 22.39 -33.36
CA ARG B 10 -17.85 23.60 -33.36
C ARG B 10 -18.53 23.77 -32.02
N GLU B 11 -18.22 22.85 -31.10
CA GLU B 11 -18.75 22.88 -29.74
C GLU B 11 -17.50 22.71 -28.89
N VAL B 12 -17.63 22.50 -27.58
CA VAL B 12 -16.43 22.33 -26.76
C VAL B 12 -16.32 21.06 -25.93
N THR B 13 -17.29 20.15 -26.02
CA THR B 13 -17.20 18.90 -25.25
C THR B 13 -17.18 17.64 -26.06
N GLY B 14 -17.18 16.52 -25.36
CA GLY B 14 -17.17 15.22 -26.00
C GLY B 14 -15.97 14.95 -26.91
N SER B 15 -14.77 15.29 -26.45
CA SER B 15 -13.54 15.10 -27.22
C SER B 15 -13.18 13.66 -27.56
N ALA B 16 -13.19 13.35 -28.84
CA ALA B 16 -12.85 12.02 -29.34
C ALA B 16 -12.34 12.22 -30.74
N HIS B 17 -11.15 11.69 -31.01
CA HIS B 17 -10.53 11.86 -32.31
C HIS B 17 -9.90 10.58 -32.81
N LEU B 18 -10.43 10.07 -33.92
CA LEU B 18 -9.90 8.84 -34.46
C LEU B 18 -8.73 9.10 -35.39
N LEU B 19 -7.55 8.62 -34.98
CA LEU B 19 -6.35 8.74 -35.76
C LEU B 19 -6.17 7.45 -36.54
N LEU B 20 -6.26 7.53 -37.86
CA LEU B 20 -6.11 6.35 -38.72
C LEU B 20 -4.77 6.43 -39.45
N ALA B 21 -3.78 5.64 -39.02
CA ALA B 21 -2.45 5.68 -39.65
C ALA B 21 -1.42 4.66 -39.13
N GLY B 22 -0.54 4.23 -40.03
CA GLY B 22 0.50 3.27 -39.65
C GLY B 22 0.01 1.84 -39.52
N GLY B 23 -1.11 1.54 -40.17
CA GLY B 23 -1.67 0.20 -40.11
C GLY B 23 -2.31 -0.05 -38.76
N ARG B 24 -2.61 1.04 -38.05
CA ARG B 24 -3.22 0.95 -36.73
C ARG B 24 -4.30 2.02 -36.61
N ARG B 25 -5.13 1.88 -35.59
CA ARG B 25 -6.20 2.83 -35.34
C ARG B 25 -6.13 3.18 -33.86
N VAL B 26 -5.71 4.41 -33.57
CA VAL B 26 -5.57 4.90 -32.21
C VAL B 26 -6.57 6.02 -31.90
N LEU B 27 -7.13 5.99 -30.69
CA LEU B 27 -8.11 6.97 -30.27
C LEU B 27 -7.49 8.02 -29.35
N LEU B 28 -7.64 9.28 -29.75
CA LEU B 28 -7.11 10.42 -28.99
C LEU B 28 -8.23 11.02 -28.18
N ASP B 29 -8.21 10.76 -26.87
CA ASP B 29 -9.23 11.25 -25.94
C ASP B 29 -10.60 10.60 -26.15
N CYS B 30 -11.39 10.55 -25.07
CA CYS B 30 -12.70 9.94 -25.14
C CYS B 30 -13.59 10.60 -24.12
N GLY B 31 -13.77 11.91 -24.26
CA GLY B 31 -14.59 12.64 -23.31
C GLY B 31 -16.06 12.64 -23.60
N MET B 32 -16.84 13.09 -22.63
CA MET B 32 -18.28 13.12 -22.80
C MET B 32 -18.77 14.54 -23.03
N PHE B 33 -19.96 14.63 -23.62
CA PHE B 33 -20.59 15.91 -23.90
C PHE B 33 -21.24 16.39 -22.61
N GLN B 34 -21.25 17.70 -22.41
CA GLN B 34 -21.84 18.31 -21.23
C GLN B 34 -22.53 19.56 -21.73
N GLY B 35 -23.03 20.38 -20.81
CA GLY B 35 -23.71 21.59 -21.22
C GLY B 35 -25.02 21.33 -21.96
N LYS B 36 -24.98 21.47 -23.28
CA LYS B 36 -26.18 21.28 -24.09
C LYS B 36 -26.37 19.87 -24.65
N GLU B 37 -25.34 19.36 -25.33
CA GLU B 37 -25.40 18.02 -25.93
C GLU B 37 -25.90 16.97 -24.94
N GLU B 38 -25.13 16.77 -23.88
CA GLU B 38 -25.45 15.82 -22.81
C GLU B 38 -25.93 14.44 -23.24
N ALA B 39 -27.13 14.37 -23.79
CA ALA B 39 -27.70 13.08 -24.22
C ALA B 39 -26.94 12.41 -25.36
N ARG B 40 -26.06 13.16 -26.02
CA ARG B 40 -25.27 12.61 -27.11
C ARG B 40 -24.36 11.52 -26.54
N ASN B 41 -24.18 11.57 -25.22
CA ASN B 41 -23.33 10.60 -24.53
C ASN B 41 -23.92 9.19 -24.64
N HIS B 42 -24.97 9.05 -25.45
CA HIS B 42 -25.65 7.76 -25.63
C HIS B 42 -25.58 7.27 -27.08
N ALA B 43 -25.69 8.20 -28.03
CA ALA B 43 -25.64 7.87 -29.45
C ALA B 43 -24.42 7.01 -29.75
N PRO B 44 -24.43 6.28 -30.87
CA PRO B 44 -23.29 5.42 -31.23
C PRO B 44 -22.06 6.26 -31.59
N PHE B 45 -20.91 5.86 -31.07
CA PHE B 45 -19.64 6.57 -31.31
C PHE B 45 -19.51 7.14 -32.71
N GLY B 46 -19.27 6.24 -33.66
CA GLY B 46 -19.09 6.62 -35.05
C GLY B 46 -17.98 5.74 -35.57
N PHE B 47 -17.66 4.73 -34.79
CA PHE B 47 -16.60 3.77 -35.12
C PHE B 47 -16.72 2.53 -34.24
N ASP B 48 -16.10 1.45 -34.66
CA ASP B 48 -16.16 0.22 -33.90
C ASP B 48 -15.07 0.16 -32.83
N PRO B 49 -15.45 0.33 -31.57
CA PRO B 49 -14.50 0.29 -30.46
C PRO B 49 -13.66 -0.98 -30.38
N LYS B 50 -13.98 -1.96 -31.22
CA LYS B 50 -13.23 -3.21 -31.25
C LYS B 50 -12.11 -3.10 -32.27
N GLU B 51 -12.27 -2.15 -33.19
CA GLU B 51 -11.31 -1.85 -34.25
C GLU B 51 -10.17 -0.99 -33.73
N VAL B 52 -10.45 -0.25 -32.66
CA VAL B 52 -9.47 0.63 -32.05
C VAL B 52 -8.32 -0.20 -31.50
N ASP B 53 -7.10 0.20 -31.79
CA ASP B 53 -5.93 -0.52 -31.31
C ASP B 53 -5.41 -0.01 -29.97
N ALA B 54 -5.71 1.25 -29.65
CA ALA B 54 -5.28 1.84 -28.39
C ALA B 54 -5.79 3.27 -28.21
N VAL B 55 -5.78 3.74 -26.96
CA VAL B 55 -6.24 5.09 -26.69
C VAL B 55 -5.26 5.89 -25.85
N LEU B 56 -5.14 7.16 -26.19
CA LEU B 56 -4.26 8.05 -25.48
C LEU B 56 -5.18 9.11 -24.88
N LEU B 57 -5.00 9.41 -23.60
CA LEU B 57 -5.79 10.43 -22.93
C LEU B 57 -4.85 11.58 -22.57
N THR B 58 -5.23 12.80 -22.97
CA THR B 58 -4.42 13.97 -22.72
C THR B 58 -4.49 14.46 -21.28
N HIS B 59 -5.64 14.27 -20.63
CA HIS B 59 -5.81 14.64 -19.23
C HIS B 59 -7.08 14.07 -18.64
N ALA B 60 -7.25 14.28 -17.33
CA ALA B 60 -8.37 13.74 -16.57
C ALA B 60 -9.76 14.32 -16.75
N HIS B 61 -9.88 15.62 -17.03
CA HIS B 61 -11.19 16.24 -17.20
C HIS B 61 -12.24 15.31 -17.82
N LEU B 62 -13.41 15.30 -17.21
CA LEU B 62 -14.51 14.44 -17.64
C LEU B 62 -14.89 14.55 -19.11
N ASP B 63 -14.64 15.69 -19.74
CA ASP B 63 -14.99 15.84 -21.14
C ASP B 63 -13.88 15.37 -22.08
N HIS B 64 -12.95 14.61 -21.51
CA HIS B 64 -11.85 14.05 -22.26
C HIS B 64 -11.70 12.58 -21.91
N VAL B 65 -12.25 12.16 -20.78
CA VAL B 65 -12.16 10.76 -20.39
C VAL B 65 -13.52 10.16 -19.97
N GLY B 66 -14.55 11.00 -19.91
CA GLY B 66 -15.88 10.56 -19.50
C GLY B 66 -16.58 9.48 -20.31
N ARG B 67 -16.25 9.34 -21.59
CA ARG B 67 -16.89 8.30 -22.38
C ARG B 67 -16.00 7.08 -22.49
N LEU B 68 -14.78 7.20 -22.00
CA LEU B 68 -13.85 6.07 -22.04
C LEU B 68 -14.54 4.82 -21.52
N PRO B 69 -15.16 4.92 -20.33
CA PRO B 69 -15.87 3.78 -19.74
C PRO B 69 -16.91 3.19 -20.69
N LYS B 70 -17.59 4.04 -21.46
CA LYS B 70 -18.59 3.57 -22.41
C LYS B 70 -17.96 2.76 -23.53
N LEU B 71 -16.69 3.05 -23.83
CA LEU B 71 -15.98 2.35 -24.90
C LEU B 71 -15.80 0.88 -24.58
N PHE B 72 -15.40 0.58 -23.34
CA PHE B 72 -15.22 -0.81 -22.92
C PHE B 72 -16.58 -1.50 -22.92
N ARG B 73 -17.62 -0.72 -22.63
CA ARG B 73 -18.99 -1.21 -22.62
C ARG B 73 -19.45 -1.25 -24.07
N GLU B 74 -18.63 -1.88 -24.92
CA GLU B 74 -18.96 -2.00 -26.34
C GLU B 74 -17.94 -2.83 -27.11
N GLY B 75 -16.96 -3.40 -26.41
CA GLY B 75 -16.00 -4.24 -27.10
C GLY B 75 -14.52 -3.93 -26.98
N TYR B 76 -14.17 -2.67 -26.72
CA TYR B 76 -12.76 -2.32 -26.62
C TYR B 76 -12.08 -2.93 -25.39
N ARG B 77 -10.98 -3.64 -25.64
CA ARG B 77 -10.19 -4.28 -24.58
C ARG B 77 -8.70 -4.01 -24.78
N GLY B 78 -8.38 -3.07 -25.67
CA GLY B 78 -7.00 -2.72 -25.93
C GLY B 78 -6.42 -1.93 -24.78
N PRO B 79 -5.20 -1.38 -24.92
CA PRO B 79 -4.61 -0.61 -23.83
C PRO B 79 -5.09 0.84 -23.80
N VAL B 80 -4.78 1.54 -22.71
CA VAL B 80 -5.15 2.94 -22.55
C VAL B 80 -3.92 3.65 -22.02
N TYR B 81 -3.51 4.71 -22.71
CA TYR B 81 -2.31 5.42 -22.29
C TYR B 81 -2.55 6.83 -21.76
N ALA B 82 -1.84 7.14 -20.67
CA ALA B 82 -1.94 8.45 -20.04
C ALA B 82 -0.84 8.59 -18.99
N THR B 83 -0.50 9.81 -18.62
CA THR B 83 0.52 9.99 -17.61
C THR B 83 -0.01 9.43 -16.30
N ARG B 84 0.90 9.07 -15.38
CA ARG B 84 0.49 8.52 -14.09
C ARG B 84 -0.54 9.46 -13.48
N ALA B 85 -0.18 10.74 -13.46
CA ALA B 85 -1.08 11.76 -12.93
C ALA B 85 -2.46 11.57 -13.52
N THR B 86 -2.58 11.61 -14.84
CA THR B 86 -3.89 11.42 -15.46
C THR B 86 -4.51 10.11 -15.04
N VAL B 87 -3.67 9.10 -14.81
CA VAL B 87 -4.19 7.81 -14.42
C VAL B 87 -4.87 7.81 -13.06
N LEU B 88 -4.31 8.53 -12.09
CA LEU B 88 -4.94 8.58 -10.78
C LEU B 88 -6.16 9.50 -10.78
N LEU B 89 -5.94 10.78 -11.04
CA LEU B 89 -7.03 11.75 -11.10
C LEU B 89 -8.27 11.19 -11.77
N MET B 90 -8.05 10.55 -12.91
CA MET B 90 -9.11 9.98 -13.72
C MET B 90 -10.08 9.07 -12.98
N GLU B 91 -9.57 8.36 -11.98
CA GLU B 91 -10.40 7.47 -11.19
C GLU B 91 -11.34 8.27 -10.30
N ILE B 92 -10.81 9.34 -9.71
CA ILE B 92 -11.65 10.18 -8.88
C ILE B 92 -12.78 10.71 -9.77
N VAL B 93 -12.40 11.38 -10.86
CA VAL B 93 -13.36 11.95 -11.78
C VAL B 93 -14.35 10.94 -12.32
N LEU B 94 -13.87 9.73 -12.60
CA LEU B 94 -14.71 8.68 -13.13
C LEU B 94 -15.73 8.16 -12.11
N GLU B 95 -15.25 7.79 -10.92
CA GLU B 95 -16.13 7.31 -9.86
C GLU B 95 -17.23 8.34 -9.61
N ASP B 96 -16.82 9.61 -9.42
CA ASP B 96 -17.80 10.66 -9.18
C ASP B 96 -18.89 10.67 -10.24
N ALA B 97 -18.52 10.82 -11.51
CA ALA B 97 -19.50 10.84 -12.58
C ALA B 97 -20.54 9.75 -12.39
N LEU B 98 -20.14 8.63 -11.80
CA LEU B 98 -21.07 7.53 -11.55
C LEU B 98 -22.24 8.03 -10.70
N LYS B 99 -21.94 8.92 -9.76
CA LYS B 99 -22.95 9.46 -8.90
C LYS B 99 -23.74 10.58 -9.57
N VAL B 100 -23.08 11.68 -9.90
CA VAL B 100 -23.77 12.79 -10.54
C VAL B 100 -24.62 12.31 -11.71
N MET B 101 -24.10 11.35 -12.46
CA MET B 101 -24.81 10.77 -13.60
C MET B 101 -26.12 10.27 -12.98
N ASP B 102 -27.09 9.92 -13.81
CA ASP B 102 -28.38 9.46 -13.29
C ASP B 102 -28.92 8.43 -14.27
N GLU B 103 -28.70 8.72 -15.55
CA GLU B 103 -29.09 7.85 -16.66
C GLU B 103 -27.72 7.43 -17.20
N PRO B 104 -26.91 6.79 -16.35
CA PRO B 104 -25.57 6.33 -16.70
C PRO B 104 -25.47 5.50 -17.97
N PHE B 105 -24.83 6.06 -18.99
CA PHE B 105 -24.67 5.33 -20.24
C PHE B 105 -23.61 4.25 -20.06
N PHE B 106 -23.22 4.02 -18.80
CA PHE B 106 -22.24 3.02 -18.42
C PHE B 106 -22.33 2.78 -16.92
N GLY B 107 -22.04 1.56 -16.49
CA GLY B 107 -22.10 1.21 -15.08
C GLY B 107 -20.72 1.15 -14.44
N PRO B 108 -20.64 0.87 -13.13
CA PRO B 108 -19.38 0.77 -12.38
C PRO B 108 -18.48 -0.39 -12.76
N GLU B 109 -19.01 -1.36 -13.49
CA GLU B 109 -18.21 -2.51 -13.89
C GLU B 109 -17.38 -2.16 -15.12
N ASP B 110 -17.79 -1.11 -15.83
CA ASP B 110 -17.07 -0.64 -17.01
C ASP B 110 -15.97 0.26 -16.51
N VAL B 111 -16.36 1.16 -15.61
CA VAL B 111 -15.43 2.09 -15.01
C VAL B 111 -14.29 1.33 -14.35
N GLU B 112 -14.54 0.08 -13.96
CA GLU B 112 -13.51 -0.71 -13.32
C GLU B 112 -12.62 -1.42 -14.34
N GLU B 113 -13.20 -1.85 -15.45
CA GLU B 113 -12.41 -2.54 -16.46
C GLU B 113 -11.54 -1.57 -17.26
N ALA B 114 -12.05 -0.35 -17.46
CA ALA B 114 -11.30 0.65 -18.18
C ALA B 114 -10.06 0.94 -17.35
N LEU B 115 -10.27 1.38 -16.12
CA LEU B 115 -9.17 1.70 -15.20
C LEU B 115 -8.12 0.60 -15.16
N GLY B 116 -8.53 -0.61 -15.47
CA GLY B 116 -7.60 -1.72 -15.44
C GLY B 116 -6.57 -1.68 -16.56
N HIS B 117 -7.00 -1.24 -17.74
CA HIS B 117 -6.12 -1.15 -18.89
C HIS B 117 -5.26 0.08 -18.90
N LEU B 118 -5.47 0.97 -17.94
CA LEU B 118 -4.68 2.19 -17.85
C LEU B 118 -3.19 1.89 -17.69
N ARG B 119 -2.43 2.17 -18.74
CA ARG B 119 -0.98 1.96 -18.73
C ARG B 119 -0.27 3.31 -18.79
N PRO B 120 0.71 3.54 -17.91
CA PRO B 120 1.44 4.81 -17.90
C PRO B 120 2.22 5.12 -19.17
N LEU B 121 2.39 6.41 -19.42
CA LEU B 121 3.12 6.91 -20.58
C LEU B 121 3.43 8.34 -20.19
N GLU B 122 4.71 8.62 -19.95
CA GLU B 122 5.11 9.95 -19.55
C GLU B 122 5.52 10.87 -20.69
N TYR B 123 5.82 12.11 -20.34
CA TYR B 123 6.24 13.11 -21.30
C TYR B 123 7.57 12.69 -21.87
N GLY B 124 7.69 12.67 -23.20
CA GLY B 124 8.95 12.29 -23.82
C GLY B 124 9.04 10.82 -24.19
N GLU B 125 8.40 9.96 -23.41
CA GLU B 125 8.42 8.53 -23.69
C GLU B 125 7.72 8.25 -25.00
N TRP B 126 8.37 7.51 -25.89
CA TRP B 126 7.78 7.20 -27.18
C TRP B 126 7.14 5.82 -27.18
N LEU B 127 5.97 5.75 -27.76
CA LEU B 127 5.23 4.51 -27.85
C LEU B 127 5.19 4.16 -29.33
N ARG B 128 5.30 2.88 -29.64
CA ARG B 128 5.27 2.44 -31.02
C ARG B 128 4.11 1.48 -31.25
N LEU B 129 3.35 1.71 -32.32
CA LEU B 129 2.22 0.86 -32.66
C LEU B 129 2.18 0.65 -34.15
N GLY B 130 2.80 -0.44 -34.60
CA GLY B 130 2.84 -0.70 -36.03
C GLY B 130 3.83 0.26 -36.65
N ALA B 131 3.37 1.08 -37.60
CA ALA B 131 4.25 2.04 -38.25
C ALA B 131 4.04 3.47 -37.73
N LEU B 132 3.30 3.61 -36.65
CA LEU B 132 3.01 4.92 -36.06
C LEU B 132 3.80 5.10 -34.78
N SER B 133 4.17 6.35 -34.47
CA SER B 133 4.92 6.67 -33.26
C SER B 133 4.23 7.82 -32.54
N LEU B 134 4.03 7.66 -31.23
CA LEU B 134 3.35 8.66 -30.42
C LEU B 134 4.13 9.03 -29.18
N ALA B 135 3.93 10.26 -28.71
CA ALA B 135 4.58 10.76 -27.50
C ALA B 135 3.90 12.02 -26.99
N PHE B 136 3.75 12.12 -25.66
CA PHE B 136 3.11 13.25 -25.02
C PHE B 136 4.04 14.45 -24.92
N GLY B 137 3.45 15.64 -24.80
CA GLY B 137 4.21 16.89 -24.67
C GLY B 137 3.59 17.62 -23.50
N GLN B 138 4.33 18.51 -22.85
CA GLN B 138 3.81 19.25 -21.69
C GLN B 138 2.75 20.27 -22.08
N ALA B 139 1.49 19.99 -21.70
CA ALA B 139 0.35 20.85 -22.02
C ALA B 139 0.06 21.83 -20.90
N GLY B 140 0.50 21.49 -19.70
CA GLY B 140 0.31 22.35 -18.55
C GLY B 140 -1.08 22.89 -18.25
N HIS B 141 -2.10 22.04 -18.35
CA HIS B 141 -3.49 22.45 -18.10
C HIS B 141 -3.97 21.78 -16.81
N LEU B 142 -3.46 20.58 -16.54
CA LEU B 142 -3.78 19.85 -15.33
C LEU B 142 -2.57 18.98 -14.99
N PRO B 143 -2.54 18.38 -13.78
CA PRO B 143 -1.39 17.54 -13.48
C PRO B 143 -1.45 16.37 -14.45
N GLY B 144 -0.40 16.19 -15.23
CA GLY B 144 -0.36 15.10 -16.18
C GLY B 144 -0.94 15.47 -17.54
N SER B 145 -1.33 16.73 -17.73
CA SER B 145 -1.92 17.17 -19.00
C SER B 145 -0.87 17.13 -20.10
N ALA B 146 -1.27 16.59 -21.25
CA ALA B 146 -0.34 16.44 -22.35
C ALA B 146 -0.98 16.72 -23.70
N PHE B 147 -0.14 17.01 -24.70
CA PHE B 147 -0.65 17.13 -26.06
C PHE B 147 -0.02 15.94 -26.75
N VAL B 148 -0.57 15.55 -27.89
CA VAL B 148 -0.02 14.40 -28.55
C VAL B 148 0.74 14.74 -29.81
N VAL B 149 1.85 14.03 -30.01
CA VAL B 149 2.66 14.20 -31.21
C VAL B 149 2.61 12.84 -31.86
N ALA B 150 2.10 12.80 -33.10
CA ALA B 150 2.00 11.55 -33.81
C ALA B 150 2.81 11.62 -35.07
N GLN B 151 3.74 10.67 -35.24
CA GLN B 151 4.57 10.65 -36.44
C GLN B 151 4.48 9.32 -37.17
N GLY B 152 4.21 9.42 -38.46
CA GLY B 152 4.10 8.24 -39.29
C GLY B 152 3.89 8.59 -40.74
N GLU B 153 4.31 7.68 -41.63
CA GLU B 153 4.16 7.87 -43.06
C GLU B 153 4.81 9.21 -43.45
N GLY B 154 6.00 9.44 -42.92
CA GLY B 154 6.70 10.69 -43.21
C GLY B 154 5.80 11.89 -42.98
N ARG B 155 4.95 11.81 -41.97
CA ARG B 155 4.01 12.89 -41.67
C ARG B 155 3.92 13.15 -40.18
N THR B 156 3.54 14.37 -39.81
CA THR B 156 3.42 14.69 -38.41
C THR B 156 2.17 15.47 -38.04
N LEU B 157 1.47 14.93 -37.06
CA LEU B 157 0.25 15.50 -36.53
C LEU B 157 0.43 15.83 -35.04
N VAL B 158 -0.05 17.00 -34.64
CA VAL B 158 0.00 17.41 -33.24
C VAL B 158 -1.43 17.68 -32.81
N TYR B 159 -1.84 17.02 -31.74
CA TYR B 159 -3.17 17.21 -31.17
C TYR B 159 -2.88 18.00 -29.90
N SER B 160 -3.33 19.25 -29.87
CA SER B 160 -3.07 20.12 -28.73
C SER B 160 -3.53 19.64 -27.36
N GLY B 161 -4.69 18.99 -27.31
CA GLY B 161 -5.26 18.58 -26.03
C GLY B 161 -5.76 19.92 -25.50
N ASP B 162 -5.69 20.16 -24.19
CA ASP B 162 -6.09 21.46 -23.70
C ASP B 162 -4.86 22.16 -23.21
N LEU B 163 -4.58 23.33 -23.75
CA LEU B 163 -3.41 24.04 -23.29
C LEU B 163 -3.79 24.73 -22.00
N GLY B 164 -2.90 24.75 -21.03
CA GLY B 164 -3.23 25.43 -19.82
C GLY B 164 -3.02 26.91 -20.02
N ASN B 165 -3.11 27.67 -18.93
CA ASN B 165 -2.94 29.14 -18.90
C ASN B 165 -1.57 29.40 -18.26
N ARG B 166 -0.55 29.60 -19.08
CA ARG B 166 0.81 29.76 -18.59
C ARG B 166 1.16 30.92 -17.67
N GLU B 167 0.25 31.85 -17.45
CA GLU B 167 0.63 32.96 -16.57
C GLU B 167 0.52 32.60 -15.10
N LYS B 168 -0.13 31.47 -14.81
CA LYS B 168 -0.33 31.03 -13.43
C LYS B 168 0.89 30.38 -12.78
N ASP B 169 0.76 29.98 -11.52
CA ASP B 169 1.89 29.42 -10.79
C ASP B 169 1.98 27.92 -10.48
N VAL B 170 0.85 27.29 -10.16
CA VAL B 170 0.81 25.88 -9.81
C VAL B 170 1.31 24.88 -10.85
N LEU B 171 1.05 25.15 -12.13
CA LEU B 171 1.46 24.22 -13.19
C LEU B 171 2.65 24.66 -14.03
N PRO B 172 3.29 23.70 -14.71
CA PRO B 172 4.44 24.02 -15.56
C PRO B 172 3.97 24.63 -16.87
N ASP B 173 4.72 25.59 -17.41
CA ASP B 173 4.36 26.22 -18.68
C ASP B 173 4.29 25.14 -19.75
N PRO B 174 3.37 25.26 -20.71
CA PRO B 174 3.28 24.23 -21.74
C PRO B 174 4.50 24.31 -22.63
N SER B 175 4.91 23.16 -23.14
CA SER B 175 6.05 23.07 -24.02
C SER B 175 5.51 23.35 -25.43
N LEU B 176 6.28 24.07 -26.25
CA LEU B 176 5.84 24.36 -27.62
C LEU B 176 5.84 23.06 -28.38
N PRO B 177 5.04 22.98 -29.46
CA PRO B 177 4.98 21.75 -30.25
C PRO B 177 5.97 21.70 -31.40
N PRO B 178 6.23 20.51 -31.90
CA PRO B 178 7.17 20.40 -33.01
C PRO B 178 6.46 20.89 -34.27
N LEU B 179 7.22 21.32 -35.26
CA LEU B 179 6.63 21.77 -36.52
C LEU B 179 5.80 20.59 -37.00
N ALA B 180 4.58 20.86 -37.48
CA ALA B 180 3.70 19.78 -37.95
C ALA B 180 3.00 20.06 -39.28
N ASP B 181 2.56 18.98 -39.93
CA ASP B 181 1.87 19.10 -41.20
C ASP B 181 0.44 19.48 -40.89
N LEU B 182 -0.02 19.12 -39.70
CA LEU B 182 -1.37 19.41 -39.25
C LEU B 182 -1.47 19.51 -37.73
N VAL B 183 -2.13 20.55 -37.24
CA VAL B 183 -2.31 20.67 -35.80
C VAL B 183 -3.79 20.79 -35.45
N LEU B 184 -4.29 19.76 -34.78
CA LEU B 184 -5.67 19.72 -34.30
C LEU B 184 -5.63 20.46 -32.95
N ALA B 185 -5.93 21.75 -32.96
CA ALA B 185 -5.90 22.55 -31.74
C ALA B 185 -7.28 22.90 -31.14
N GLU B 186 -7.28 23.20 -29.84
CA GLU B 186 -8.48 23.61 -29.10
C GLU B 186 -8.55 25.13 -29.22
N GLY B 187 -9.72 25.72 -29.06
CA GLY B 187 -9.80 27.16 -29.19
C GLY B 187 -10.75 27.81 -28.21
N THR B 188 -11.01 27.11 -27.12
CA THR B 188 -11.90 27.57 -26.06
C THR B 188 -11.94 29.08 -25.90
N TYR B 189 -10.77 29.71 -25.84
CA TYR B 189 -10.75 31.15 -25.70
C TYR B 189 -10.17 31.85 -26.90
N GLY B 190 -10.58 31.40 -28.09
CA GLY B 190 -10.09 32.01 -29.31
C GLY B 190 -10.41 33.49 -29.50
N ASP B 191 -11.42 34.02 -28.83
CA ASP B 191 -11.76 35.42 -29.04
C ASP B 191 -11.08 36.44 -28.16
N ARG B 192 -10.57 36.01 -27.02
CA ARG B 192 -9.90 36.96 -26.12
C ARG B 192 -8.86 36.35 -25.20
N PRO B 193 -8.02 37.20 -24.61
CA PRO B 193 -6.96 36.80 -23.68
C PRO B 193 -7.53 36.92 -22.27
N HIS B 194 -6.80 36.46 -21.27
CA HIS B 194 -7.28 36.55 -19.89
C HIS B 194 -6.65 37.78 -19.26
N ARG B 195 -7.23 38.27 -18.18
CA ARG B 195 -6.63 39.42 -17.52
C ARG B 195 -5.37 38.93 -16.85
N PRO B 196 -4.31 39.76 -16.79
CA PRO B 196 -3.04 39.38 -16.17
C PRO B 196 -3.26 38.61 -14.88
N TYR B 197 -2.38 37.65 -14.61
CA TYR B 197 -2.54 36.84 -13.41
C TYR B 197 -2.13 37.57 -12.15
N ARG B 198 -1.00 38.26 -12.19
CA ARG B 198 -0.54 38.99 -11.03
C ARG B 198 -1.63 39.93 -10.52
N GLU B 199 -2.28 40.64 -11.43
CA GLU B 199 -3.33 41.57 -11.06
C GLU B 199 -4.55 40.85 -10.50
N THR B 200 -4.78 39.63 -10.96
CA THR B 200 -5.91 38.85 -10.51
C THR B 200 -5.72 38.44 -9.06
N VAL B 201 -4.54 37.91 -8.75
CA VAL B 201 -4.24 37.47 -7.39
C VAL B 201 -4.19 38.65 -6.42
N ARG B 202 -3.78 39.79 -6.93
CA ARG B 202 -3.70 40.98 -6.11
C ARG B 202 -5.09 41.42 -5.71
N GLU B 203 -5.96 41.60 -6.71
CA GLU B 203 -7.33 42.03 -6.46
C GLU B 203 -8.06 40.99 -5.62
N PHE B 204 -7.89 39.73 -6.00
CA PHE B 204 -8.50 38.64 -5.29
C PHE B 204 -8.13 38.67 -3.80
N LEU B 205 -6.89 39.06 -3.50
CA LEU B 205 -6.44 39.13 -2.10
C LEU B 205 -7.08 40.31 -1.40
N GLU B 206 -7.18 41.43 -2.09
CA GLU B 206 -7.79 42.62 -1.50
C GLU B 206 -9.19 42.29 -1.05
N ILE B 207 -9.95 41.67 -1.96
CA ILE B 207 -11.32 41.27 -1.67
C ILE B 207 -11.36 40.47 -0.37
N LEU B 208 -10.62 39.36 -0.34
CA LEU B 208 -10.59 38.50 0.83
C LEU B 208 -10.34 39.31 2.09
N GLU B 209 -9.38 40.22 2.03
CA GLU B 209 -9.07 41.06 3.20
C GLU B 209 -10.23 41.97 3.55
N LYS B 210 -10.88 42.51 2.53
CA LYS B 210 -12.01 43.40 2.74
C LYS B 210 -13.11 42.68 3.50
N THR B 211 -13.58 41.58 2.92
CA THR B 211 -14.67 40.87 3.52
C THR B 211 -14.33 40.14 4.81
N LEU B 212 -13.19 39.47 4.86
CA LEU B 212 -12.86 38.77 6.10
C LEU B 212 -12.77 39.78 7.26
N SER B 213 -12.07 40.88 7.03
CA SER B 213 -11.93 41.90 8.07
C SER B 213 -13.26 42.37 8.65
N GLN B 214 -14.28 42.47 7.81
CA GLN B 214 -15.57 42.90 8.31
C GLN B 214 -16.40 41.68 8.66
N GLY B 215 -15.71 40.58 8.94
CA GLY B 215 -16.37 39.35 9.33
C GLY B 215 -17.38 38.77 8.36
N GLY B 216 -17.21 39.06 7.07
CA GLY B 216 -18.12 38.53 6.09
C GLY B 216 -17.65 37.19 5.55
N LYS B 217 -18.44 36.58 4.68
CA LYS B 217 -18.08 35.30 4.08
C LYS B 217 -17.57 35.53 2.68
N VAL B 218 -16.62 34.72 2.25
CA VAL B 218 -16.12 34.80 0.89
C VAL B 218 -16.58 33.48 0.29
N LEU B 219 -17.50 33.58 -0.67
CA LEU B 219 -18.05 32.41 -1.32
C LEU B 219 -17.34 32.28 -2.66
N ILE B 220 -16.87 31.07 -2.97
CA ILE B 220 -16.13 30.83 -4.21
C ILE B 220 -16.58 29.58 -4.92
N PRO B 221 -17.40 29.72 -5.97
CA PRO B 221 -17.73 28.42 -6.56
C PRO B 221 -16.47 27.91 -7.29
N THR B 222 -16.22 26.61 -7.26
CA THR B 222 -14.99 26.07 -7.87
C THR B 222 -15.11 24.69 -8.39
N PHE B 223 -14.27 24.36 -9.35
CA PHE B 223 -14.25 23.02 -9.88
C PHE B 223 -13.42 22.24 -8.89
N ALA B 224 -13.81 20.99 -8.68
CA ALA B 224 -13.10 20.17 -7.74
C ALA B 224 -11.70 19.73 -8.19
N VAL B 225 -11.44 19.67 -9.50
CA VAL B 225 -10.15 19.17 -9.94
C VAL B 225 -8.86 20.00 -9.84
N GLU B 226 -8.63 21.01 -10.64
CA GLU B 226 -7.34 21.67 -10.44
C GLU B 226 -7.56 22.90 -9.60
N ARG B 227 -8.58 23.64 -10.01
CA ARG B 227 -9.01 24.90 -9.45
C ARG B 227 -9.10 25.11 -7.97
N ALA B 228 -9.85 24.23 -7.29
CA ALA B 228 -10.03 24.35 -5.84
C ALA B 228 -8.67 24.41 -5.18
N GLN B 229 -7.89 23.36 -5.36
CA GLN B 229 -6.59 23.33 -4.74
C GLN B 229 -5.75 24.52 -5.16
N GLU B 230 -5.83 24.91 -6.42
CA GLU B 230 -5.06 26.06 -6.86
C GLU B 230 -5.42 27.34 -6.11
N ILE B 231 -6.66 27.44 -5.65
CA ILE B 231 -7.10 28.62 -4.88
C ILE B 231 -6.53 28.46 -3.49
N LEU B 232 -6.57 27.23 -2.98
CA LEU B 232 -6.00 26.94 -1.68
C LEU B 232 -4.54 27.38 -1.73
N TYR B 233 -3.90 27.07 -2.86
CA TYR B 233 -2.51 27.42 -3.03
C TYR B 233 -2.31 28.92 -2.85
N VAL B 234 -2.98 29.71 -3.64
CA VAL B 234 -2.83 31.15 -3.53
C VAL B 234 -3.08 31.56 -2.07
N LEU B 235 -3.94 30.82 -1.38
CA LEU B 235 -4.23 31.13 0.02
C LEU B 235 -3.05 30.79 0.93
N TYR B 236 -2.47 29.62 0.73
CA TYR B 236 -1.32 29.17 1.53
C TYR B 236 -0.14 30.11 1.40
N THR B 237 0.07 30.63 0.20
CA THR B 237 1.19 31.52 -0.06
C THR B 237 1.00 32.99 0.32
N HIS B 238 -0.21 33.37 0.71
CA HIS B 238 -0.46 34.77 1.06
C HIS B 238 -1.24 34.93 2.37
N GLY B 239 -1.67 33.82 2.96
CA GLY B 239 -2.41 33.92 4.20
C GLY B 239 -1.60 34.68 5.23
N HIS B 240 -0.30 34.67 5.06
CA HIS B 240 0.60 35.38 5.96
C HIS B 240 0.12 36.83 6.10
N ARG B 241 -0.79 37.23 5.22
CA ARG B 241 -1.32 38.58 5.21
C ARG B 241 -2.85 38.57 5.36
N LEU B 242 -3.43 37.37 5.42
CA LEU B 242 -4.88 37.24 5.57
C LEU B 242 -5.30 37.03 7.02
N PRO B 243 -6.44 37.64 7.42
CA PRO B 243 -6.97 37.51 8.78
C PRO B 243 -7.41 36.08 8.98
N ARG B 244 -7.00 35.47 10.08
CA ARG B 244 -7.32 34.08 10.36
C ARG B 244 -8.81 33.80 10.39
N ALA B 245 -9.21 32.79 9.64
CA ALA B 245 -10.59 32.37 9.56
C ALA B 245 -10.54 30.97 9.05
N PRO B 246 -11.57 30.19 9.31
CA PRO B 246 -11.50 28.83 8.79
C PRO B 246 -11.69 28.93 7.29
N ILE B 247 -11.15 27.94 6.57
CA ILE B 247 -11.25 27.88 5.12
C ILE B 247 -11.91 26.56 4.81
N TYR B 248 -13.18 26.61 4.43
CA TYR B 248 -13.87 25.36 4.16
C TYR B 248 -13.88 24.94 2.71
N LEU B 249 -13.37 23.74 2.48
CA LEU B 249 -13.34 23.15 1.16
C LEU B 249 -14.54 22.26 1.26
N ASP B 250 -15.70 22.86 1.01
CA ASP B 250 -16.96 22.15 1.07
C ASP B 250 -17.15 21.29 -0.16
N SER B 251 -16.20 20.40 -0.39
CA SER B 251 -16.22 19.52 -1.55
C SER B 251 -15.54 18.16 -1.31
N PRO B 252 -16.34 17.12 -1.10
CA PRO B 252 -15.74 15.81 -0.88
C PRO B 252 -14.81 15.43 -2.02
N MET B 253 -15.21 15.75 -3.26
CA MET B 253 -14.40 15.39 -4.39
C MET B 253 -13.12 16.19 -4.41
N ALA B 254 -13.23 17.50 -4.27
CA ALA B 254 -12.04 18.35 -4.27
C ALA B 254 -11.06 17.86 -3.18
N GLY B 255 -11.62 17.23 -2.15
CA GLY B 255 -10.81 16.72 -1.07
C GLY B 255 -10.01 15.54 -1.57
N ARG B 256 -10.70 14.58 -2.17
CA ARG B 256 -10.03 13.40 -2.70
C ARG B 256 -8.90 13.80 -3.67
N VAL B 257 -9.09 14.90 -4.38
CA VAL B 257 -8.07 15.36 -5.31
C VAL B 257 -6.91 15.92 -4.51
N LEU B 258 -7.24 16.79 -3.56
CA LEU B 258 -6.24 17.41 -2.71
C LEU B 258 -5.32 16.35 -2.08
N SER B 259 -5.91 15.22 -1.72
CA SER B 259 -5.18 14.12 -1.10
C SER B 259 -4.20 13.52 -2.07
N LEU B 260 -4.67 13.35 -3.30
CA LEU B 260 -3.86 12.76 -4.34
C LEU B 260 -2.67 13.65 -4.67
N TYR B 261 -2.80 14.95 -4.48
CA TYR B 261 -1.71 15.81 -4.86
C TYR B 261 -0.29 15.54 -4.41
N PRO B 262 -0.07 15.12 -3.16
CA PRO B 262 1.31 14.87 -2.74
C PRO B 262 2.01 13.78 -3.57
N ARG B 263 1.24 12.79 -3.99
CA ARG B 263 1.77 11.69 -4.79
C ARG B 263 2.00 12.12 -6.23
N LEU B 264 1.63 13.35 -6.57
CA LEU B 264 1.80 13.80 -7.94
C LEU B 264 2.69 15.03 -8.04
N VAL B 265 3.50 15.25 -7.01
CA VAL B 265 4.39 16.39 -6.96
C VAL B 265 5.31 16.56 -8.18
N ARG B 266 5.78 15.46 -8.75
CA ARG B 266 6.66 15.57 -9.93
C ARG B 266 5.96 16.20 -11.12
N TYR B 267 4.67 16.45 -10.99
CA TYR B 267 3.91 17.02 -12.07
C TYR B 267 3.63 18.52 -11.96
N PHE B 268 4.02 19.14 -10.84
CA PHE B 268 3.78 20.56 -10.66
C PHE B 268 4.94 21.41 -11.09
N SER B 269 4.75 22.72 -11.08
CA SER B 269 5.80 23.65 -11.47
C SER B 269 6.99 23.50 -10.53
N GLU B 270 8.08 24.19 -10.83
CA GLU B 270 9.23 24.13 -9.96
C GLU B 270 8.75 24.73 -8.64
N GLU B 271 8.32 26.00 -8.70
CA GLU B 271 7.84 26.71 -7.53
C GLU B 271 7.02 25.82 -6.59
N VAL B 272 6.18 24.97 -7.15
CA VAL B 272 5.37 24.09 -6.33
C VAL B 272 6.17 22.94 -5.72
N GLN B 273 7.23 22.52 -6.40
CA GLN B 273 8.05 21.43 -5.88
C GLN B 273 9.00 21.89 -4.76
N ALA B 274 9.47 23.13 -4.86
CA ALA B 274 10.35 23.66 -3.83
C ALA B 274 9.67 23.51 -2.46
N HIS B 275 8.41 23.91 -2.36
CA HIS B 275 7.66 23.79 -1.10
C HIS B 275 7.66 22.33 -0.64
N PHE B 276 7.23 21.43 -1.52
CA PHE B 276 7.20 20.02 -1.19
C PHE B 276 8.60 19.56 -0.77
N LEU B 277 9.63 20.27 -1.25
CA LEU B 277 11.01 19.94 -0.92
C LEU B 277 11.34 20.37 0.50
N GLN B 278 10.79 21.52 0.90
CA GLN B 278 10.99 22.04 2.25
C GLN B 278 10.09 21.28 3.21
N GLY B 279 9.58 20.13 2.78
CA GLY B 279 8.72 19.33 3.63
C GLY B 279 7.31 19.86 3.85
N LYS B 280 7.00 21.02 3.27
CA LYS B 280 5.68 21.59 3.43
C LYS B 280 4.74 21.27 2.26
N ASN B 281 3.45 21.18 2.53
CA ASN B 281 2.41 20.91 1.52
C ASN B 281 1.77 22.27 1.27
N PRO B 282 2.10 22.92 0.16
CA PRO B 282 1.58 24.24 -0.21
C PRO B 282 0.08 24.33 -0.48
N PHE B 283 -0.55 23.17 -0.71
CA PHE B 283 -1.97 23.12 -1.00
C PHE B 283 -2.82 22.99 0.26
N ARG B 284 -2.25 23.35 1.40
CA ARG B 284 -2.96 23.24 2.66
C ARG B 284 -2.76 24.40 3.62
N PRO B 285 -3.38 25.55 3.30
CA PRO B 285 -3.27 26.76 4.13
C PRO B 285 -3.78 26.54 5.54
N ALA B 286 -3.51 27.51 6.40
CA ALA B 286 -3.92 27.39 7.79
C ALA B 286 -5.42 27.49 8.00
N GLY B 287 -5.99 26.46 8.61
CA GLY B 287 -7.42 26.50 8.89
C GLY B 287 -8.24 25.71 7.89
N LEU B 288 -7.56 25.04 6.97
CA LEU B 288 -8.27 24.27 5.98
C LEU B 288 -9.14 23.18 6.60
N GLU B 289 -10.37 23.09 6.13
CA GLU B 289 -11.27 22.07 6.63
C GLU B 289 -11.94 21.45 5.39
N VAL B 290 -12.25 20.16 5.45
CA VAL B 290 -12.85 19.51 4.31
C VAL B 290 -14.19 18.90 4.71
N VAL B 291 -15.26 19.60 4.37
CA VAL B 291 -16.59 19.17 4.73
C VAL B 291 -17.09 17.92 4.01
N GLU B 292 -17.15 16.81 4.73
CA GLU B 292 -17.55 15.56 4.13
C GLU B 292 -19.00 15.39 3.77
N HIS B 293 -19.90 15.79 4.67
CA HIS B 293 -21.33 15.57 4.44
C HIS B 293 -22.25 16.80 4.49
N THR B 294 -23.45 16.61 3.94
CA THR B 294 -24.49 17.64 3.87
C THR B 294 -24.72 18.45 5.12
N GLU B 295 -25.00 17.75 6.22
CA GLU B 295 -25.28 18.35 7.51
C GLU B 295 -24.27 19.42 7.89
N ALA B 296 -23.00 19.08 7.83
CA ALA B 296 -21.99 20.05 8.21
C ALA B 296 -21.94 21.21 7.20
N SER B 297 -22.12 20.89 5.92
CA SER B 297 -22.10 21.90 4.85
C SER B 297 -23.21 22.94 5.06
N LYS B 298 -24.43 22.46 5.23
CA LYS B 298 -25.55 23.34 5.47
C LYS B 298 -25.29 24.20 6.70
N ALA B 299 -24.95 23.55 7.80
CA ALA B 299 -24.66 24.25 9.04
C ALA B 299 -23.77 25.46 8.81
N LEU B 300 -23.05 25.49 7.69
CA LEU B 300 -22.19 26.61 7.39
C LEU B 300 -22.99 27.86 7.05
N ASN B 301 -24.20 27.68 6.51
CA ASN B 301 -25.07 28.81 6.14
C ASN B 301 -25.51 29.62 7.34
N ARG B 302 -25.92 28.94 8.41
CA ARG B 302 -26.33 29.67 9.59
C ARG B 302 -25.13 30.29 10.31
N ALA B 303 -24.07 29.53 10.53
CA ALA B 303 -22.89 30.08 11.22
C ALA B 303 -22.42 31.38 10.59
N PRO B 304 -21.87 32.27 11.41
CA PRO B 304 -21.36 33.59 10.98
C PRO B 304 -19.92 33.59 10.50
N GLY B 305 -19.57 34.62 9.76
CA GLY B 305 -18.20 34.73 9.28
C GLY B 305 -17.32 35.11 10.46
N PRO B 306 -16.03 35.40 10.20
CA PRO B 306 -15.50 35.36 8.85
C PRO B 306 -15.29 33.92 8.44
N MET B 307 -15.16 33.71 7.15
CA MET B 307 -14.92 32.38 6.62
C MET B 307 -14.73 32.42 5.11
N VAL B 308 -14.06 31.41 4.60
CA VAL B 308 -13.81 31.30 3.19
C VAL B 308 -14.41 29.97 2.84
N VAL B 309 -15.30 29.96 1.84
CA VAL B 309 -15.94 28.73 1.41
C VAL B 309 -15.61 28.43 -0.04
N LEU B 310 -15.33 27.16 -0.32
CA LEU B 310 -15.03 26.74 -1.67
C LEU B 310 -15.96 25.59 -1.92
N ALA B 311 -16.72 25.65 -3.00
CA ALA B 311 -17.64 24.58 -3.31
C ALA B 311 -18.09 24.68 -4.75
N GLY B 312 -18.61 23.59 -5.26
CA GLY B 312 -19.11 23.58 -6.62
C GLY B 312 -20.57 23.16 -6.64
N SER B 313 -21.08 22.79 -7.82
CA SER B 313 -20.31 22.78 -9.05
C SER B 313 -19.73 24.15 -9.34
N GLY B 314 -18.72 24.19 -10.20
CA GLY B 314 -18.03 25.42 -10.54
C GLY B 314 -18.80 26.41 -11.40
N MET B 315 -19.88 25.94 -12.01
CA MET B 315 -20.69 26.84 -12.83
C MET B 315 -22.12 26.85 -12.29
N LEU B 316 -22.23 27.06 -10.98
CA LEU B 316 -23.50 27.12 -10.26
C LEU B 316 -24.61 26.22 -10.76
N ALA B 317 -24.26 25.21 -11.54
CA ALA B 317 -25.25 24.29 -12.07
C ALA B 317 -25.58 23.22 -11.06
N GLY B 318 -25.78 23.62 -9.81
CA GLY B 318 -26.10 22.63 -8.80
C GLY B 318 -25.01 22.47 -7.75
N GLY B 319 -25.23 21.57 -6.80
CA GLY B 319 -24.24 21.35 -5.76
C GLY B 319 -24.34 22.27 -4.56
N ARG B 320 -23.44 22.08 -3.59
CA ARG B 320 -23.44 22.87 -2.38
C ARG B 320 -23.27 24.37 -2.53
N ILE B 321 -22.57 24.82 -3.57
CA ILE B 321 -22.38 26.25 -3.71
C ILE B 321 -23.74 26.99 -3.77
N LEU B 322 -24.77 26.33 -4.28
CA LEU B 322 -26.10 26.94 -4.38
C LEU B 322 -26.68 27.21 -2.99
N HIS B 323 -26.61 26.23 -2.10
CA HIS B 323 -27.09 26.42 -0.75
C HIS B 323 -26.32 27.55 -0.07
N HIS B 324 -25.02 27.63 -0.33
CA HIS B 324 -24.21 28.69 0.26
C HIS B 324 -24.63 30.04 -0.27
N LEU B 325 -25.02 30.06 -1.53
CA LEU B 325 -25.45 31.27 -2.21
C LEU B 325 -26.79 31.78 -1.68
N LYS B 326 -27.76 30.87 -1.63
CA LYS B 326 -29.09 31.20 -1.15
C LYS B 326 -29.03 31.96 0.15
N HIS B 327 -28.14 31.53 1.04
CA HIS B 327 -28.02 32.20 2.32
C HIS B 327 -26.91 33.21 2.41
N GLY B 328 -26.14 33.38 1.34
CA GLY B 328 -25.05 34.34 1.41
C GLY B 328 -25.23 35.62 0.63
N LEU B 329 -25.81 35.53 -0.57
CA LEU B 329 -26.00 36.71 -1.40
C LEU B 329 -26.77 37.84 -0.74
N SER B 330 -27.55 37.53 0.28
CA SER B 330 -28.37 38.55 0.92
C SER B 330 -27.62 39.52 1.82
N ASP B 331 -26.72 39.01 2.67
CA ASP B 331 -25.95 39.89 3.54
C ASP B 331 -24.93 40.64 2.67
N PRO B 332 -24.88 41.97 2.78
CA PRO B 332 -23.93 42.76 1.98
C PRO B 332 -22.50 42.73 2.48
N ARG B 333 -22.27 42.05 3.59
CA ARG B 333 -20.91 41.97 4.11
C ARG B 333 -20.17 40.82 3.45
N ASN B 334 -20.92 40.00 2.72
CA ASN B 334 -20.35 38.87 2.02
C ASN B 334 -19.84 39.19 0.62
N ALA B 335 -19.06 38.28 0.05
CA ALA B 335 -18.53 38.49 -1.28
C ALA B 335 -18.57 37.21 -2.11
N LEU B 336 -19.21 37.28 -3.27
CA LEU B 336 -19.27 36.15 -4.17
C LEU B 336 -18.09 36.43 -5.09
N VAL B 337 -17.18 35.49 -5.22
CA VAL B 337 -16.01 35.70 -6.07
C VAL B 337 -15.89 34.57 -7.08
N PHE B 338 -15.96 34.90 -8.37
CA PHE B 338 -15.84 33.89 -9.42
C PHE B 338 -14.38 33.75 -9.87
N VAL B 339 -13.96 32.52 -10.15
CA VAL B 339 -12.58 32.26 -10.57
C VAL B 339 -12.61 31.31 -11.75
N GLY B 340 -13.65 31.49 -12.57
CA GLY B 340 -13.85 30.68 -13.75
C GLY B 340 -14.95 31.25 -14.60
N TYR B 341 -14.95 30.88 -15.87
CA TYR B 341 -15.96 31.36 -16.79
C TYR B 341 -17.32 30.83 -16.39
N GLN B 342 -18.31 31.73 -16.36
CA GLN B 342 -19.67 31.34 -16.06
C GLN B 342 -20.39 31.34 -17.40
N PRO B 343 -20.96 30.20 -17.79
CA PRO B 343 -21.64 30.18 -19.08
C PRO B 343 -22.76 31.21 -19.13
N GLN B 344 -23.12 31.59 -20.34
CA GLN B 344 -24.19 32.56 -20.52
C GLN B 344 -25.53 31.84 -20.37
N GLY B 345 -26.48 32.51 -19.73
CA GLY B 345 -27.80 31.93 -19.56
C GLY B 345 -28.00 31.11 -18.29
N GLY B 346 -27.01 31.14 -17.42
CA GLY B 346 -27.07 30.40 -16.18
C GLY B 346 -27.10 31.35 -15.01
N LEU B 347 -27.25 30.80 -13.82
CA LEU B 347 -27.32 31.58 -12.59
C LEU B 347 -26.17 32.56 -12.36
N GLY B 348 -24.96 32.17 -12.72
CA GLY B 348 -23.82 33.06 -12.51
C GLY B 348 -24.03 34.35 -13.25
N ALA B 349 -24.37 34.21 -14.54
CA ALA B 349 -24.61 35.33 -15.44
C ALA B 349 -25.79 36.15 -14.92
N GLU B 350 -26.87 35.44 -14.58
CA GLU B 350 -28.03 36.09 -14.04
C GLU B 350 -27.57 36.96 -12.89
N ILE B 351 -26.69 36.42 -12.05
CA ILE B 351 -26.17 37.16 -10.90
C ILE B 351 -25.22 38.29 -11.27
N ILE B 352 -24.31 38.02 -12.20
CA ILE B 352 -23.35 39.03 -12.60
C ILE B 352 -24.08 40.27 -13.10
N ALA B 353 -25.23 40.04 -13.73
CA ALA B 353 -26.07 41.13 -14.23
C ALA B 353 -26.32 42.02 -13.03
N ARG B 354 -26.95 41.45 -12.00
CA ARG B 354 -27.21 42.14 -10.73
C ARG B 354 -28.66 42.59 -10.54
N PRO B 355 -29.61 41.72 -10.85
CA PRO B 355 -31.00 42.14 -10.65
C PRO B 355 -31.14 42.43 -9.16
N PRO B 356 -32.31 42.92 -8.73
CA PRO B 356 -32.44 43.18 -7.30
C PRO B 356 -32.45 41.87 -6.50
N ALA B 357 -32.98 40.81 -7.11
CA ALA B 357 -33.04 39.53 -6.44
C ALA B 357 -32.86 38.38 -7.41
N VAL B 358 -32.37 37.27 -6.89
CA VAL B 358 -32.11 36.09 -7.68
C VAL B 358 -32.86 34.95 -7.01
N ARG B 359 -33.28 33.98 -7.81
CA ARG B 359 -33.99 32.86 -7.25
C ARG B 359 -33.02 31.68 -7.11
N ILE B 360 -32.97 31.09 -5.92
CA ILE B 360 -32.11 29.94 -5.71
C ILE B 360 -32.84 28.89 -4.86
N LEU B 361 -32.94 27.69 -5.41
CA LEU B 361 -33.58 26.57 -4.75
C LEU B 361 -34.93 26.91 -4.14
N GLY B 362 -35.87 27.27 -5.01
CA GLY B 362 -37.23 27.59 -4.61
C GLY B 362 -37.47 28.87 -3.86
N GLU B 363 -36.41 29.65 -3.66
CA GLU B 363 -36.50 30.90 -2.92
C GLU B 363 -35.97 32.12 -3.64
N GLU B 364 -36.68 33.24 -3.47
CA GLU B 364 -36.30 34.49 -4.07
C GLU B 364 -35.32 35.13 -3.07
N VAL B 365 -34.10 35.44 -3.50
CA VAL B 365 -33.14 36.01 -2.58
C VAL B 365 -32.50 37.32 -3.01
N PRO B 366 -32.61 38.33 -2.14
CA PRO B 366 -32.06 39.67 -2.37
C PRO B 366 -30.61 39.51 -2.69
N LEU B 367 -30.13 40.31 -3.64
CA LEU B 367 -28.74 40.25 -4.01
C LEU B 367 -28.03 41.47 -3.43
N ARG B 368 -27.44 41.31 -2.25
CA ARG B 368 -26.73 42.42 -1.58
C ARG B 368 -25.21 42.21 -1.42
N ALA B 369 -24.77 40.96 -1.42
CA ALA B 369 -23.34 40.67 -1.29
C ALA B 369 -22.63 41.16 -2.54
N SER B 370 -21.36 41.52 -2.41
CA SER B 370 -20.62 41.96 -3.59
C SER B 370 -20.30 40.77 -4.48
N VAL B 371 -20.22 41.04 -5.78
CA VAL B 371 -19.93 40.01 -6.72
C VAL B 371 -18.68 40.45 -7.44
N HIS B 372 -17.74 39.52 -7.59
CA HIS B 372 -16.48 39.78 -8.24
C HIS B 372 -16.25 38.70 -9.26
N THR B 373 -15.64 39.08 -10.38
CA THR B 373 -15.36 38.10 -11.42
C THR B 373 -13.89 38.21 -11.78
N LEU B 374 -13.16 37.13 -11.51
CA LEU B 374 -11.75 37.13 -11.80
C LEU B 374 -11.45 36.04 -12.80
N GLY B 375 -11.53 36.38 -14.09
CA GLY B 375 -11.24 35.41 -15.12
C GLY B 375 -9.75 35.15 -15.16
N GLY B 376 -8.99 35.94 -14.41
CA GLY B 376 -7.56 35.75 -14.36
C GLY B 376 -7.22 34.33 -13.98
N PHE B 377 -7.97 33.79 -13.01
CA PHE B 377 -7.75 32.43 -12.55
C PHE B 377 -8.10 31.39 -13.59
N SER B 378 -8.26 31.79 -14.84
CA SER B 378 -8.63 30.81 -15.86
C SER B 378 -7.58 29.74 -16.12
N GLY B 379 -8.05 28.51 -16.36
CA GLY B 379 -7.14 27.42 -16.62
C GLY B 379 -6.93 27.01 -18.06
N ALA B 380 -7.31 27.89 -19.00
CA ALA B 380 -7.16 27.58 -20.40
C ALA B 380 -6.42 28.69 -21.06
N ALA B 381 -5.76 28.35 -22.16
CA ALA B 381 -4.99 29.31 -22.91
C ALA B 381 -5.78 30.55 -23.35
N GLY B 382 -5.23 31.72 -23.07
CA GLY B 382 -5.87 32.94 -23.53
C GLY B 382 -5.62 32.98 -25.03
N GLN B 383 -6.33 33.84 -25.76
CA GLN B 383 -6.16 33.91 -27.21
C GLN B 383 -4.69 34.13 -27.57
N ASP B 384 -4.03 35.03 -26.86
CA ASP B 384 -2.64 35.32 -27.13
C ASP B 384 -1.72 34.10 -26.98
N GLU B 385 -1.97 33.35 -25.91
CA GLU B 385 -1.21 32.17 -25.60
C GLU B 385 -1.45 31.09 -26.64
N LEU B 386 -2.68 31.03 -27.13
CA LEU B 386 -3.12 30.08 -28.15
C LEU B 386 -2.39 30.37 -29.45
N LEU B 387 -2.37 31.64 -29.84
CA LEU B 387 -1.68 32.04 -31.06
C LEU B 387 -0.20 31.69 -30.91
N ASP B 388 0.46 32.23 -29.88
CA ASP B 388 1.87 31.93 -29.62
C ASP B 388 2.20 30.44 -29.74
N TRP B 389 1.39 29.58 -29.16
CA TRP B 389 1.66 28.16 -29.25
C TRP B 389 1.52 27.65 -30.68
N LEU B 390 0.55 28.19 -31.42
CA LEU B 390 0.30 27.78 -32.80
C LEU B 390 1.26 28.45 -33.78
N GLN B 391 1.98 29.45 -33.28
CA GLN B 391 2.92 30.19 -34.10
C GLN B 391 3.77 29.28 -34.95
N GLY B 392 3.82 29.59 -36.24
CA GLY B 392 4.63 28.83 -37.17
C GLY B 392 4.02 27.61 -37.81
N GLU B 393 2.95 27.06 -37.25
CA GLU B 393 2.35 25.87 -37.84
C GLU B 393 1.55 26.23 -39.10
N PRO B 394 1.76 25.49 -40.19
CA PRO B 394 1.06 25.74 -41.46
C PRO B 394 -0.41 25.38 -41.53
N ARG B 395 -0.83 24.32 -40.86
CA ARG B 395 -2.24 23.94 -40.91
C ARG B 395 -2.85 23.70 -39.53
N VAL B 396 -3.95 24.39 -39.25
CA VAL B 396 -4.63 24.23 -37.97
C VAL B 396 -6.15 24.05 -38.11
N VAL B 397 -6.63 22.88 -37.66
CA VAL B 397 -8.06 22.55 -37.68
C VAL B 397 -8.56 22.75 -36.24
N LEU B 398 -9.30 23.83 -36.05
CA LEU B 398 -9.85 24.20 -34.75
C LEU B 398 -10.91 23.25 -34.24
N VAL B 399 -11.01 23.16 -32.93
CA VAL B 399 -11.99 22.29 -32.28
C VAL B 399 -12.11 22.82 -30.86
N HIS B 400 -12.83 22.07 -30.02
CA HIS B 400 -13.02 22.40 -28.62
C HIS B 400 -13.25 23.88 -28.33
N GLY B 401 -14.31 24.41 -28.89
CA GLY B 401 -14.65 25.81 -28.71
C GLY B 401 -15.96 26.13 -29.43
N GLU B 402 -16.51 27.30 -29.16
CA GLU B 402 -17.77 27.73 -29.78
C GLU B 402 -17.48 28.40 -31.10
N GLU B 403 -18.13 27.92 -32.16
CA GLU B 403 -17.99 28.47 -33.51
C GLU B 403 -17.58 29.92 -33.54
N GLU B 404 -18.34 30.76 -32.86
CA GLU B 404 -18.05 32.19 -32.83
C GLU B 404 -16.60 32.39 -32.40
N LYS B 405 -16.21 31.70 -31.33
CA LYS B 405 -14.87 31.76 -30.79
C LYS B 405 -13.77 31.08 -31.62
N LEU B 406 -14.04 29.91 -32.21
CA LEU B 406 -13.06 29.26 -33.08
C LEU B 406 -12.78 30.11 -34.32
N LEU B 407 -13.82 30.77 -34.83
CA LEU B 407 -13.71 31.64 -35.99
C LEU B 407 -12.92 32.87 -35.62
N ALA B 408 -13.10 33.35 -34.39
CA ALA B 408 -12.38 34.54 -33.93
C ALA B 408 -10.86 34.24 -33.95
N LEU B 409 -10.52 33.01 -33.57
CA LEU B 409 -9.14 32.57 -33.54
C LEU B 409 -8.72 32.37 -35.00
N GLY B 410 -9.51 31.57 -35.72
CA GLY B 410 -9.25 31.30 -37.14
C GLY B 410 -9.04 32.55 -37.99
N LYS B 411 -9.72 33.63 -37.65
CA LYS B 411 -9.57 34.87 -38.39
C LYS B 411 -8.12 35.25 -38.35
N LEU B 412 -7.61 35.37 -37.12
CA LEU B 412 -6.22 35.75 -36.87
C LEU B 412 -5.21 34.77 -37.48
N LEU B 413 -5.45 33.47 -37.33
CA LEU B 413 -4.53 32.49 -37.87
C LEU B 413 -4.40 32.71 -39.37
N ALA B 414 -5.55 32.79 -40.03
CA ALA B 414 -5.60 33.01 -41.47
C ALA B 414 -4.82 34.28 -41.80
N LEU B 415 -5.17 35.37 -41.12
CA LEU B 415 -4.46 36.63 -41.34
C LEU B 415 -2.97 36.46 -41.14
N ARG B 416 -2.59 35.49 -40.31
CA ARG B 416 -1.19 35.25 -40.03
C ARG B 416 -0.53 34.34 -41.07
N GLY B 417 -1.32 33.91 -42.05
CA GLY B 417 -0.82 33.06 -43.12
C GLY B 417 -1.07 31.59 -42.86
N GLN B 418 -1.54 31.29 -41.66
CA GLN B 418 -1.80 29.92 -41.32
C GLN B 418 -3.12 29.44 -41.93
N GLU B 419 -3.06 28.26 -42.54
CA GLU B 419 -4.20 27.65 -43.18
C GLU B 419 -5.07 27.05 -42.09
N VAL B 420 -6.21 27.67 -41.82
CA VAL B 420 -7.11 27.23 -40.75
C VAL B 420 -8.52 26.75 -41.15
N SER B 421 -9.05 25.78 -40.41
CA SER B 421 -10.40 25.27 -40.67
C SER B 421 -11.02 24.68 -39.41
N LEU B 422 -12.34 24.56 -39.41
CA LEU B 422 -13.09 23.98 -38.28
C LEU B 422 -13.48 22.56 -38.57
N ALA B 423 -13.26 21.68 -37.60
CA ALA B 423 -13.59 20.26 -37.76
C ALA B 423 -15.09 20.05 -37.78
N ARG B 424 -15.50 18.97 -38.44
CA ARG B 424 -16.90 18.62 -38.55
C ARG B 424 -17.04 17.17 -38.15
N PHE B 425 -17.95 16.89 -37.23
CA PHE B 425 -18.16 15.52 -36.74
C PHE B 425 -18.00 14.47 -37.84
N GLY B 426 -17.36 13.35 -37.51
CA GLY B 426 -17.17 12.29 -38.46
C GLY B 426 -16.39 12.64 -39.73
N GLU B 427 -16.32 13.91 -40.10
CA GLU B 427 -15.62 14.32 -41.31
C GLU B 427 -14.11 14.29 -41.15
N GLY B 428 -13.51 13.19 -41.59
CA GLY B 428 -12.08 13.00 -41.50
C GLY B 428 -11.23 14.05 -42.17
N VAL B 429 -10.00 14.19 -41.67
CA VAL B 429 -9.04 15.15 -42.20
C VAL B 429 -7.70 14.45 -42.45
N PRO B 430 -7.09 14.71 -43.62
CA PRO B 430 -5.80 14.11 -43.97
C PRO B 430 -4.61 14.86 -43.36
N VAL B 431 -3.65 14.12 -42.82
CA VAL B 431 -2.49 14.73 -42.21
C VAL B 431 -1.42 14.97 -43.27
N MET C 1 17.96 15.90 -45.48
CA MET C 1 18.52 15.64 -44.13
C MET C 1 19.64 14.60 -44.14
N ARG C 2 20.81 14.99 -43.65
CA ARG C 2 21.93 14.08 -43.57
C ARG C 2 22.80 14.43 -42.35
N ILE C 3 23.28 13.38 -41.67
CA ILE C 3 24.11 13.54 -40.48
C ILE C 3 25.56 13.14 -40.82
N VAL C 4 26.52 13.94 -40.37
CA VAL C 4 27.94 13.70 -40.64
C VAL C 4 28.79 13.44 -39.40
N PRO C 5 29.39 12.24 -39.30
CA PRO C 5 30.23 11.87 -38.15
C PRO C 5 31.57 12.61 -38.04
N PHE C 6 31.85 13.17 -36.88
CA PHE C 6 33.10 13.87 -36.67
C PHE C 6 33.75 13.44 -35.36
N GLY C 7 33.58 12.16 -35.06
CA GLY C 7 34.14 11.59 -33.86
C GLY C 7 33.49 10.25 -33.68
N ALA C 8 33.84 9.55 -32.60
CA ALA C 8 33.28 8.25 -32.29
C ALA C 8 33.12 7.35 -33.52
N ALA C 9 33.87 7.65 -34.57
CA ALA C 9 33.82 6.87 -35.81
C ALA C 9 34.67 5.60 -35.71
N ARG C 10 33.99 4.47 -35.61
CA ARG C 10 34.66 3.18 -35.49
C ARG C 10 35.58 3.13 -34.25
N GLU C 11 35.28 4.00 -33.29
CA GLU C 11 36.00 4.06 -32.02
C GLU C 11 35.00 4.52 -30.96
N VAL C 12 35.48 5.06 -29.85
CA VAL C 12 34.57 5.52 -28.79
C VAL C 12 35.07 6.78 -28.13
N THR C 13 35.36 7.79 -28.92
CA THR C 13 35.85 9.02 -28.34
C THR C 13 35.57 10.24 -29.21
N GLY C 14 35.49 11.40 -28.57
CA GLY C 14 35.24 12.64 -29.28
C GLY C 14 34.01 12.67 -30.16
N SER C 15 32.91 12.07 -29.68
CA SER C 15 31.65 12.03 -30.42
C SER C 15 31.19 13.44 -30.80
N ALA C 16 30.74 13.59 -32.04
CA ALA C 16 30.26 14.87 -32.54
C ALA C 16 29.68 14.62 -33.91
N HIS C 17 28.36 14.83 -34.05
CA HIS C 17 27.68 14.59 -35.31
C HIS C 17 26.91 15.80 -35.81
N LEU C 18 27.36 16.33 -36.94
CA LEU C 18 26.74 17.50 -37.53
C LEU C 18 25.48 17.11 -38.29
N LEU C 19 24.35 17.64 -37.85
CA LEU C 19 23.08 17.39 -38.50
C LEU C 19 22.86 18.52 -39.48
N LEU C 20 22.58 18.19 -40.74
CA LEU C 20 22.33 19.20 -41.75
C LEU C 20 20.91 19.01 -42.25
N ALA C 21 20.04 19.98 -41.93
CA ALA C 21 18.63 19.91 -42.33
C ALA C 21 17.78 21.10 -41.88
N GLY C 22 16.69 21.30 -42.60
CA GLY C 22 15.78 22.40 -42.29
C GLY C 22 16.46 23.72 -42.56
N GLY C 23 17.57 23.66 -43.29
CA GLY C 23 18.34 24.85 -43.60
C GLY C 23 19.18 25.23 -42.38
N ARG C 24 19.52 24.23 -41.57
CA ARG C 24 20.29 24.47 -40.37
C ARG C 24 21.43 23.48 -40.11
N ARG C 25 22.34 23.86 -39.22
CA ARG C 25 23.44 22.99 -38.85
C ARG C 25 23.49 22.82 -37.34
N VAL C 26 23.20 21.60 -36.89
CA VAL C 26 23.18 21.26 -35.47
C VAL C 26 24.22 20.19 -35.13
N LEU C 27 25.01 20.48 -34.10
CA LEU C 27 26.05 19.58 -33.68
C LEU C 27 25.59 18.74 -32.50
N LEU C 28 25.28 17.47 -32.78
CA LEU C 28 24.84 16.55 -31.74
C LEU C 28 26.05 16.03 -30.99
N ASP C 29 26.26 16.55 -29.78
CA ASP C 29 27.40 16.18 -28.94
C ASP C 29 28.70 16.79 -29.50
N CYS C 30 29.59 17.15 -28.58
CA CYS C 30 30.88 17.74 -28.95
C CYS C 30 31.97 17.21 -28.01
N GLY C 31 32.23 15.90 -28.09
CA GLY C 31 33.22 15.30 -27.21
C GLY C 31 34.67 15.28 -27.64
N MET C 32 35.53 14.98 -26.67
CA MET C 32 36.97 14.92 -26.91
C MET C 32 37.46 13.48 -27.06
N PHE C 33 38.60 13.35 -27.73
CA PHE C 33 39.24 12.07 -27.96
C PHE C 33 40.18 11.89 -26.78
N GLN C 34 40.22 10.66 -26.27
CA GLN C 34 41.07 10.33 -25.14
C GLN C 34 41.85 9.03 -25.42
N GLY C 35 42.86 8.77 -24.60
CA GLY C 35 43.67 7.57 -24.78
C GLY C 35 44.55 7.65 -26.03
N LYS C 36 44.66 6.53 -26.73
CA LYS C 36 45.46 6.48 -27.95
C LYS C 36 44.74 7.21 -29.06
N GLU C 37 44.25 8.41 -28.75
CA GLU C 37 43.53 9.25 -29.70
C GLU C 37 43.59 10.69 -29.20
N GLU C 38 43.73 10.82 -27.90
CA GLU C 38 43.81 12.10 -27.21
C GLU C 38 44.39 13.24 -28.04
N ALA C 39 45.32 12.93 -28.94
CA ALA C 39 45.99 13.93 -29.76
C ALA C 39 45.13 14.63 -30.83
N ARG C 40 44.06 13.97 -31.26
CA ARG C 40 43.15 14.53 -32.26
C ARG C 40 42.57 15.86 -31.80
N ASN C 41 42.36 15.99 -30.49
CA ASN C 41 41.79 17.19 -29.88
C ASN C 41 42.54 18.43 -30.30
N HIS C 42 43.71 18.23 -30.89
CA HIS C 42 44.50 19.36 -31.34
C HIS C 42 44.36 19.55 -32.84
N ALA C 43 43.64 18.63 -33.47
CA ALA C 43 43.42 18.72 -34.91
C ALA C 43 42.07 19.36 -35.16
N PRO C 44 41.93 20.08 -36.29
CA PRO C 44 40.66 20.74 -36.61
C PRO C 44 39.47 19.78 -36.49
N PHE C 45 38.28 20.36 -36.32
CA PHE C 45 37.03 19.62 -36.16
C PHE C 45 36.61 18.83 -37.38
N GLY C 46 36.64 19.49 -38.53
CA GLY C 46 36.22 18.85 -39.77
C GLY C 46 35.11 19.68 -40.36
N PHE C 47 34.73 20.74 -39.63
CA PHE C 47 33.67 21.65 -40.05
C PHE C 47 33.92 23.04 -39.46
N ASP C 48 33.33 24.06 -40.05
CA ASP C 48 33.52 25.41 -39.55
C ASP C 48 32.65 25.73 -38.35
N PRO C 49 33.23 25.74 -37.16
CA PRO C 49 32.49 26.02 -35.92
C PRO C 49 31.64 27.30 -35.98
N LYS C 50 32.06 28.26 -36.79
CA LYS C 50 31.33 29.51 -36.94
C LYS C 50 30.09 29.33 -37.83
N GLU C 51 29.96 28.17 -38.45
CA GLU C 51 28.83 27.90 -39.32
C GLU C 51 27.80 27.02 -38.65
N VAL C 52 28.04 26.68 -37.40
CA VAL C 52 27.12 25.85 -36.64
C VAL C 52 26.03 26.74 -36.02
N ASP C 53 24.77 26.30 -36.13
CA ASP C 53 23.63 27.05 -35.61
C ASP C 53 23.29 26.77 -34.15
N ALA C 54 23.52 25.55 -33.72
CA ALA C 54 23.24 25.19 -32.35
C ALA C 54 23.74 23.79 -32.04
N VAL C 55 24.15 23.56 -30.81
CA VAL C 55 24.62 22.23 -30.43
C VAL C 55 23.74 21.68 -29.32
N LEU C 56 23.52 20.37 -29.33
CA LEU C 56 22.71 19.67 -28.35
C LEU C 56 23.62 18.62 -27.72
N LEU C 57 23.68 18.59 -26.39
CA LEU C 57 24.52 17.64 -25.66
C LEU C 57 23.68 16.58 -24.97
N THR C 58 23.93 15.31 -25.29
CA THR C 58 23.18 14.19 -24.73
C THR C 58 23.45 13.83 -23.27
N HIS C 59 24.55 14.33 -22.71
CA HIS C 59 24.90 14.11 -21.29
C HIS C 59 26.26 14.66 -20.92
N ALA C 60 26.56 14.65 -19.63
CA ALA C 60 27.81 15.24 -19.12
C ALA C 60 29.15 14.60 -19.45
N HIS C 61 29.16 13.37 -19.95
CA HIS C 61 30.41 12.71 -20.28
C HIS C 61 31.36 13.53 -21.09
N LEU C 62 32.57 13.65 -20.56
CA LEU C 62 33.64 14.43 -21.19
C LEU C 62 33.91 14.06 -22.65
N ASP C 63 33.68 12.81 -23.01
CA ASP C 63 33.93 12.42 -24.39
C ASP C 63 32.75 12.75 -25.28
N HIS C 64 31.89 13.63 -24.77
CA HIS C 64 30.68 14.08 -25.48
C HIS C 64 30.60 15.59 -25.29
N VAL C 65 31.23 16.04 -24.23
CA VAL C 65 31.25 17.45 -23.86
C VAL C 65 32.64 18.06 -24.09
N GLY C 66 33.67 17.23 -23.86
CA GLY C 66 35.05 17.61 -23.99
C GLY C 66 35.45 18.75 -24.90
N ARG C 67 35.33 18.55 -26.20
CA ARG C 67 35.72 19.58 -27.13
C ARG C 67 34.82 20.82 -27.16
N LEU C 68 33.67 20.78 -26.51
CA LEU C 68 32.76 21.92 -26.51
C LEU C 68 33.47 23.29 -26.47
N PRO C 69 34.39 23.49 -25.51
CA PRO C 69 35.13 24.76 -25.41
C PRO C 69 36.09 25.08 -26.56
N LYS C 70 36.45 24.05 -27.32
CA LYS C 70 37.33 24.22 -28.47
C LYS C 70 36.52 24.93 -29.55
N LEU C 71 35.28 24.46 -29.71
CA LEU C 71 34.34 25.01 -30.67
C LEU C 71 34.15 26.50 -30.38
N PHE C 72 33.96 26.80 -29.09
CA PHE C 72 33.79 28.18 -28.67
C PHE C 72 35.09 28.95 -28.89
N ARG C 73 36.21 28.24 -28.78
CA ARG C 73 37.51 28.84 -28.97
C ARG C 73 37.75 29.09 -30.44
N GLU C 74 37.21 28.20 -31.28
CA GLU C 74 37.35 28.31 -32.72
C GLU C 74 36.36 29.27 -33.39
N GLY C 75 35.51 29.94 -32.59
CA GLY C 75 34.57 30.89 -33.15
C GLY C 75 33.08 30.79 -32.83
N TYR C 76 32.61 29.63 -32.40
CA TYR C 76 31.18 29.46 -32.13
C TYR C 76 30.64 30.26 -30.95
N ARG C 77 29.69 31.13 -31.24
CA ARG C 77 29.06 31.94 -30.19
C ARG C 77 27.55 31.77 -30.17
N GLY C 78 27.11 30.51 -30.10
CA GLY C 78 25.68 30.22 -30.09
C GLY C 78 25.19 29.34 -28.95
N PRO C 79 23.91 28.92 -29.00
CA PRO C 79 23.30 28.07 -27.98
C PRO C 79 23.83 26.64 -27.88
N VAL C 80 23.63 26.04 -26.71
CA VAL C 80 24.04 24.66 -26.42
C VAL C 80 22.89 24.14 -25.57
N TYR C 81 22.13 23.18 -26.09
CA TYR C 81 20.99 22.66 -25.35
C TYR C 81 21.22 21.31 -24.71
N ALA C 82 21.01 21.26 -23.40
CA ALA C 82 21.17 20.02 -22.63
C ALA C 82 20.19 20.09 -21.47
N THR C 83 20.00 18.98 -20.76
CA THR C 83 19.11 19.01 -19.62
C THR C 83 19.81 19.73 -18.49
N ARG C 84 19.05 20.20 -17.52
CA ARG C 84 19.61 20.93 -16.38
C ARG C 84 20.72 20.08 -15.76
N ALA C 85 20.37 18.87 -15.36
CA ALA C 85 21.32 17.94 -14.75
C ALA C 85 22.64 18.02 -15.50
N THR C 86 22.57 17.73 -16.79
CA THR C 86 23.75 17.79 -17.63
C THR C 86 24.43 19.14 -17.39
N VAL C 87 23.72 20.23 -17.67
CA VAL C 87 24.27 21.57 -17.47
C VAL C 87 24.98 21.77 -16.14
N LEU C 88 24.61 20.99 -15.14
CA LEU C 88 25.23 21.10 -13.82
C LEU C 88 26.50 20.24 -13.79
N LEU C 89 26.34 18.93 -13.95
CA LEU C 89 27.46 18.01 -13.98
C LEU C 89 28.53 18.55 -14.89
N MET C 90 28.09 19.14 -15.99
CA MET C 90 28.96 19.71 -17.01
C MET C 90 29.84 20.84 -16.51
N GLU C 91 29.43 21.50 -15.43
CA GLU C 91 30.21 22.60 -14.86
C GLU C 91 31.35 22.04 -14.01
N ILE C 92 31.22 20.78 -13.64
CA ILE C 92 32.24 20.12 -12.85
C ILE C 92 33.22 19.51 -13.86
N VAL C 93 32.73 18.52 -14.61
CA VAL C 93 33.53 17.83 -15.61
C VAL C 93 34.48 18.74 -16.39
N LEU C 94 34.07 19.97 -16.69
CA LEU C 94 34.92 20.88 -17.43
C LEU C 94 35.97 21.59 -16.60
N GLU C 95 35.61 22.00 -15.39
CA GLU C 95 36.59 22.68 -14.51
C GLU C 95 37.78 21.75 -14.34
N ASP C 96 37.46 20.51 -13.99
CA ASP C 96 38.45 19.47 -13.78
C ASP C 96 39.29 19.20 -15.02
N ALA C 97 38.91 19.79 -16.14
CA ALA C 97 39.67 19.58 -17.37
C ALA C 97 40.72 20.67 -17.50
N LEU C 98 40.48 21.80 -16.85
CA LEU C 98 41.42 22.91 -16.89
C LEU C 98 42.61 22.60 -15.99
N LYS C 99 42.45 21.58 -15.14
CA LYS C 99 43.51 21.17 -14.23
C LYS C 99 44.07 19.80 -14.55
N VAL C 100 43.23 18.77 -14.47
CA VAL C 100 43.67 17.41 -14.74
C VAL C 100 43.80 17.15 -16.24
N MET C 101 44.67 17.92 -16.90
CA MET C 101 44.89 17.78 -18.34
C MET C 101 46.33 18.06 -18.74
N ASP C 102 46.88 17.18 -19.58
CA ASP C 102 48.26 17.33 -20.06
C ASP C 102 48.36 18.44 -21.08
N GLU C 103 48.03 18.13 -22.34
CA GLU C 103 48.07 19.11 -23.41
C GLU C 103 46.74 19.83 -23.49
N PRO C 104 46.69 21.08 -22.99
CA PRO C 104 45.44 21.84 -23.02
C PRO C 104 45.18 22.51 -24.37
N PHE C 105 44.08 22.13 -25.01
CA PHE C 105 43.71 22.70 -26.31
C PHE C 105 42.66 23.80 -26.17
N PHE C 106 42.39 24.19 -24.94
CA PHE C 106 41.45 25.27 -24.62
C PHE C 106 41.80 25.83 -23.24
N GLY C 107 41.72 27.15 -23.10
CA GLY C 107 42.05 27.77 -21.82
C GLY C 107 40.89 27.74 -20.85
N PRO C 108 40.99 28.45 -19.72
CA PRO C 108 39.92 28.47 -18.73
C PRO C 108 38.76 29.40 -19.15
N GLU C 109 39.11 30.40 -19.96
CA GLU C 109 38.16 31.37 -20.46
C GLU C 109 37.26 30.76 -21.53
N ASP C 110 37.71 29.64 -22.11
CA ASP C 110 36.93 28.98 -23.14
C ASP C 110 35.91 28.09 -22.48
N VAL C 111 36.05 27.92 -21.17
CA VAL C 111 35.10 27.09 -20.44
C VAL C 111 34.03 28.01 -19.88
N GLU C 112 34.37 29.27 -19.66
CA GLU C 112 33.38 30.21 -19.15
C GLU C 112 32.36 30.42 -20.26
N GLU C 113 32.86 30.68 -21.45
CA GLU C 113 32.04 30.90 -22.63
C GLU C 113 31.05 29.74 -22.78
N ALA C 114 31.58 28.57 -23.08
CA ALA C 114 30.75 27.38 -23.27
C ALA C 114 29.72 27.22 -22.16
N LEU C 115 30.14 27.42 -20.91
CA LEU C 115 29.21 27.29 -19.79
C LEU C 115 28.23 28.46 -19.75
N GLY C 116 28.55 29.52 -20.48
CA GLY C 116 27.70 30.70 -20.53
C GLY C 116 26.67 30.65 -21.65
N HIS C 117 26.67 29.56 -22.41
CA HIS C 117 25.73 29.39 -23.50
C HIS C 117 24.83 28.18 -23.29
N LEU C 118 24.99 27.49 -22.16
CA LEU C 118 24.15 26.34 -21.91
C LEU C 118 22.68 26.73 -21.67
N ARG C 119 21.79 26.19 -22.49
CA ARG C 119 20.37 26.46 -22.32
C ARG C 119 19.68 25.16 -21.97
N PRO C 120 18.79 25.20 -20.98
CA PRO C 120 18.09 23.97 -20.59
C PRO C 120 17.10 23.52 -21.64
N LEU C 121 17.01 22.20 -21.80
CA LEU C 121 16.10 21.54 -22.73
C LEU C 121 15.81 20.26 -21.98
N GLU C 122 14.56 19.93 -21.75
CA GLU C 122 14.28 18.74 -20.99
C GLU C 122 13.56 17.70 -21.81
N TYR C 123 13.47 16.49 -21.27
CA TYR C 123 12.82 15.40 -21.96
C TYR C 123 11.45 15.80 -22.45
N GLY C 124 11.22 15.59 -23.74
CA GLY C 124 9.92 15.90 -24.29
C GLY C 124 9.63 17.31 -24.75
N GLU C 125 10.44 18.29 -24.40
CA GLU C 125 10.14 19.64 -24.89
C GLU C 125 10.58 19.62 -26.33
N TRP C 126 10.02 20.47 -27.16
CA TRP C 126 10.46 20.49 -28.54
C TRP C 126 11.19 21.77 -28.84
N LEU C 127 12.31 21.65 -29.56
CA LEU C 127 13.09 22.81 -29.94
C LEU C 127 12.88 22.95 -31.43
N ARG C 128 12.82 24.20 -31.89
CA ARG C 128 12.62 24.46 -33.31
C ARG C 128 13.62 25.44 -33.87
N LEU C 129 14.35 25.00 -34.90
CA LEU C 129 15.34 25.84 -35.57
C LEU C 129 14.99 25.68 -37.03
N GLY C 130 14.67 26.78 -37.69
CA GLY C 130 14.30 26.66 -39.09
C GLY C 130 13.19 25.63 -39.16
N ALA C 131 13.25 24.72 -40.13
CA ALA C 131 12.23 23.72 -40.29
C ALA C 131 12.60 22.46 -39.58
N LEU C 132 13.42 22.57 -38.54
CA LEU C 132 13.84 21.39 -37.80
C LEU C 132 13.15 21.29 -36.44
N SER C 133 12.84 20.07 -36.02
CA SER C 133 12.17 19.86 -34.73
C SER C 133 12.97 18.83 -33.93
N LEU C 134 13.56 19.27 -32.83
CA LEU C 134 14.40 18.39 -32.01
C LEU C 134 13.86 18.13 -30.60
N ALA C 135 14.10 16.94 -30.08
CA ALA C 135 13.65 16.60 -28.74
C ALA C 135 14.45 15.48 -28.08
N PHE C 136 14.77 15.67 -26.79
CA PHE C 136 15.51 14.71 -25.99
C PHE C 136 14.63 13.52 -25.59
N GLY C 137 15.26 12.37 -25.34
CA GLY C 137 14.55 11.17 -24.95
C GLY C 137 15.28 10.60 -23.76
N GLN C 138 14.64 9.78 -22.94
CA GLN C 138 15.30 9.23 -21.77
C GLN C 138 16.32 8.15 -22.13
N ALA C 139 17.52 8.29 -21.58
CA ALA C 139 18.62 7.36 -21.83
C ALA C 139 19.12 6.69 -20.55
N GLY C 140 18.83 7.30 -19.41
CA GLY C 140 19.27 6.72 -18.15
C GLY C 140 20.69 6.20 -18.21
N HIS C 141 21.61 7.11 -18.50
CA HIS C 141 23.02 6.78 -18.60
C HIS C 141 23.72 7.61 -17.53
N LEU C 142 23.10 8.74 -17.20
CA LEU C 142 23.59 9.66 -16.18
C LEU C 142 22.42 10.59 -15.85
N PRO C 143 22.50 11.27 -14.71
CA PRO C 143 21.36 12.14 -14.46
C PRO C 143 21.28 13.15 -15.62
N GLY C 144 20.31 12.96 -16.51
CA GLY C 144 20.18 13.89 -17.62
C GLY C 144 20.56 13.33 -18.98
N SER C 145 20.99 12.07 -19.01
CA SER C 145 21.38 11.40 -20.24
C SER C 145 20.21 11.40 -21.22
N ALA C 146 20.48 11.64 -22.50
CA ALA C 146 19.39 11.67 -23.48
C ALA C 146 19.74 11.15 -24.87
N PHE C 147 18.71 10.92 -25.68
CA PHE C 147 18.90 10.51 -27.05
C PHE C 147 18.07 11.47 -27.89
N VAL C 148 18.71 12.13 -28.85
CA VAL C 148 18.05 13.11 -29.71
C VAL C 148 17.11 12.58 -30.79
N VAL C 149 15.90 13.11 -30.83
CA VAL C 149 14.93 12.74 -31.86
C VAL C 149 14.83 13.99 -32.73
N ALA C 150 14.99 13.82 -34.03
CA ALA C 150 14.93 14.95 -34.94
C ALA C 150 14.07 14.66 -36.16
N GLN C 151 13.09 15.53 -36.40
CA GLN C 151 12.18 15.40 -37.54
C GLN C 151 12.28 16.66 -38.36
N GLY C 152 12.17 16.49 -39.67
CA GLY C 152 12.23 17.63 -40.56
C GLY C 152 12.26 17.11 -41.97
N GLU C 153 11.66 17.85 -42.90
CA GLU C 153 11.61 17.47 -44.31
C GLU C 153 10.98 16.08 -44.48
N GLY C 154 9.87 15.84 -43.81
CA GLY C 154 9.22 14.55 -43.94
C GLY C 154 10.11 13.39 -43.54
N ARG C 155 11.24 13.71 -42.93
CA ARG C 155 12.19 12.70 -42.49
C ARG C 155 12.41 12.76 -40.96
N THR C 156 12.87 11.65 -40.40
CA THR C 156 13.11 11.54 -38.97
C THR C 156 14.36 10.76 -38.62
N LEU C 157 15.20 11.38 -37.79
CA LEU C 157 16.45 10.76 -37.34
C LEU C 157 16.50 10.63 -35.83
N VAL C 158 16.98 9.50 -35.35
CA VAL C 158 17.13 9.31 -33.91
C VAL C 158 18.62 9.08 -33.68
N TYR C 159 19.17 9.69 -32.65
CA TYR C 159 20.58 9.55 -32.33
C TYR C 159 20.71 9.01 -30.91
N SER C 160 20.89 7.70 -30.82
CA SER C 160 20.99 6.97 -29.55
C SER C 160 21.70 7.68 -28.40
N GLY C 161 22.71 8.48 -28.72
CA GLY C 161 23.46 9.09 -27.65
C GLY C 161 23.98 7.87 -26.94
N ASP C 162 24.24 7.95 -25.65
CA ASP C 162 24.72 6.78 -24.91
C ASP C 162 23.61 6.24 -24.04
N LEU C 163 23.18 5.02 -24.32
CA LEU C 163 22.12 4.42 -23.52
C LEU C 163 22.65 4.04 -22.14
N GLY C 164 21.80 3.37 -21.36
CA GLY C 164 22.17 2.96 -20.03
C GLY C 164 21.85 1.51 -19.75
N ASN C 165 22.47 0.99 -18.70
CA ASN C 165 22.25 -0.40 -18.30
C ASN C 165 20.86 -0.52 -17.68
N ARG C 166 19.89 -0.83 -18.52
CA ARG C 166 18.49 -0.97 -18.12
C ARG C 166 18.24 -1.93 -16.96
N GLU C 167 19.31 -2.41 -16.35
CA GLU C 167 19.18 -3.37 -15.24
C GLU C 167 19.65 -2.88 -13.87
N LYS C 168 20.07 -1.63 -13.76
CA LYS C 168 20.52 -1.11 -12.48
C LYS C 168 19.35 -0.40 -11.78
N ASP C 169 19.61 0.31 -10.68
CA ASP C 169 18.50 0.96 -9.97
C ASP C 169 18.65 2.43 -9.57
N VAL C 170 19.78 3.05 -9.87
CA VAL C 170 19.98 4.45 -9.50
C VAL C 170 19.33 5.44 -10.47
N LEU C 171 19.34 5.10 -11.76
CA LEU C 171 18.74 5.95 -12.78
C LEU C 171 17.56 5.31 -13.49
N PRO C 172 16.72 6.11 -14.16
CA PRO C 172 15.55 5.60 -14.88
C PRO C 172 15.87 4.71 -16.07
N ASP C 173 14.94 3.84 -16.41
CA ASP C 173 15.13 2.98 -17.57
C ASP C 173 15.15 3.92 -18.75
N PRO C 174 15.84 3.53 -19.84
CA PRO C 174 15.87 4.40 -21.03
C PRO C 174 14.56 4.23 -21.78
N SER C 175 14.08 5.29 -22.41
CA SER C 175 12.84 5.22 -23.17
C SER C 175 13.13 4.63 -24.54
N LEU C 176 12.13 4.04 -25.17
CA LEU C 176 12.32 3.48 -26.49
C LEU C 176 12.24 4.60 -27.50
N PRO C 177 12.95 4.46 -28.62
CA PRO C 177 12.94 5.50 -29.64
C PRO C 177 11.74 5.35 -30.56
N PRO C 178 11.46 6.39 -31.36
CA PRO C 178 10.34 6.37 -32.30
C PRO C 178 10.79 5.76 -33.62
N LEU C 179 9.87 5.19 -34.39
CA LEU C 179 10.25 4.63 -35.67
C LEU C 179 10.96 5.73 -36.46
N ALA C 180 12.25 5.55 -36.72
CA ALA C 180 13.01 6.54 -37.47
C ALA C 180 13.31 6.05 -38.88
N ASP C 181 13.82 6.96 -39.72
CA ASP C 181 14.19 6.60 -41.08
C ASP C 181 15.64 6.14 -41.06
N LEU C 182 16.39 6.67 -40.10
CA LEU C 182 17.80 6.37 -39.90
C LEU C 182 18.13 6.57 -38.43
N VAL C 183 18.94 5.67 -37.86
CA VAL C 183 19.32 5.76 -36.45
C VAL C 183 20.81 5.61 -36.20
N LEU C 184 21.45 6.70 -35.76
CA LEU C 184 22.87 6.69 -35.45
C LEU C 184 22.99 6.26 -33.99
N ALA C 185 23.24 4.98 -33.77
CA ALA C 185 23.34 4.44 -32.41
C ALA C 185 24.74 4.01 -31.99
N GLU C 186 24.94 3.83 -30.69
CA GLU C 186 26.23 3.39 -30.18
C GLU C 186 26.29 1.87 -30.28
N GLY C 187 27.44 1.29 -29.95
CA GLY C 187 27.58 -0.15 -30.02
C GLY C 187 28.67 -0.67 -29.09
N THR C 188 29.13 0.21 -28.20
CA THR C 188 30.18 -0.10 -27.23
C THR C 188 30.29 -1.58 -26.86
N TYR C 189 29.20 -2.18 -26.44
CA TYR C 189 29.19 -3.59 -26.05
C TYR C 189 28.30 -4.39 -26.99
N GLY C 190 28.39 -4.10 -28.28
CA GLY C 190 27.56 -4.79 -29.24
C GLY C 190 28.00 -6.22 -29.48
N ASP C 191 28.84 -6.74 -28.58
CA ASP C 191 29.34 -8.10 -28.72
C ASP C 191 28.99 -9.04 -27.57
N ARG C 192 28.54 -8.49 -26.45
CA ARG C 192 28.20 -9.32 -25.30
C ARG C 192 27.37 -8.58 -24.26
N PRO C 193 26.34 -9.24 -23.71
CA PRO C 193 25.50 -8.63 -22.69
C PRO C 193 26.25 -8.53 -21.37
N HIS C 194 25.56 -8.12 -20.30
CA HIS C 194 26.21 -7.99 -18.99
C HIS C 194 25.87 -9.11 -18.02
N ARG C 195 26.49 -9.04 -16.85
CA ARG C 195 26.26 -10.01 -15.79
C ARG C 195 25.12 -9.49 -14.92
N PRO C 196 23.93 -10.12 -15.02
CA PRO C 196 22.73 -9.74 -14.27
C PRO C 196 23.04 -9.00 -12.98
N TYR C 197 22.31 -7.91 -12.73
CA TYR C 197 22.53 -7.10 -11.55
C TYR C 197 22.39 -7.89 -10.24
N ARG C 198 21.23 -8.50 -10.03
CA ARG C 198 20.97 -9.29 -8.81
C ARG C 198 22.22 -9.99 -8.28
N GLU C 199 22.69 -10.99 -9.02
CA GLU C 199 23.88 -11.74 -8.64
C GLU C 199 25.08 -10.81 -8.51
N THR C 200 25.12 -9.76 -9.32
CA THR C 200 26.20 -8.79 -9.28
C THR C 200 26.09 -7.97 -8.00
N VAL C 201 24.92 -8.01 -7.36
CA VAL C 201 24.69 -7.26 -6.14
C VAL C 201 25.12 -8.09 -4.93
N ARG C 202 24.67 -9.34 -4.89
CA ARG C 202 25.01 -10.25 -3.79
C ARG C 202 26.51 -10.51 -3.80
N GLU C 203 27.02 -10.94 -4.95
CA GLU C 203 28.44 -11.23 -5.10
C GLU C 203 29.27 -10.05 -4.60
N PHE C 204 28.69 -8.85 -4.67
CA PHE C 204 29.38 -7.66 -4.21
C PHE C 204 29.39 -7.67 -2.68
N LEU C 205 28.21 -7.90 -2.11
CA LEU C 205 28.06 -7.94 -0.66
C LEU C 205 28.90 -9.10 -0.10
N GLU C 206 29.04 -10.16 -0.89
CA GLU C 206 29.82 -11.32 -0.47
C GLU C 206 31.28 -10.88 -0.34
N ILE C 207 31.79 -10.24 -1.38
CA ILE C 207 33.16 -9.75 -1.41
C ILE C 207 33.35 -8.60 -0.42
N LEU C 208 32.38 -8.43 0.47
CA LEU C 208 32.42 -7.38 1.48
C LEU C 208 32.58 -7.96 2.89
N GLU C 209 31.84 -9.03 3.16
CA GLU C 209 31.87 -9.69 4.47
C GLU C 209 33.07 -10.59 4.67
N LYS C 210 33.66 -11.06 3.57
CA LYS C 210 34.82 -11.94 3.64
C LYS C 210 36.13 -11.17 3.82
N THR C 211 36.16 -9.94 3.31
CA THR C 211 37.36 -9.11 3.40
C THR C 211 37.31 -8.07 4.53
N LEU C 212 36.12 -7.56 4.83
CA LEU C 212 35.98 -6.57 5.89
C LEU C 212 35.92 -7.23 7.26
N SER C 213 35.49 -8.49 7.30
CA SER C 213 35.39 -9.22 8.55
C SER C 213 36.76 -9.82 8.91
N GLN C 214 37.74 -9.59 8.05
CA GLN C 214 39.10 -10.11 8.27
C GLN C 214 40.14 -8.99 8.34
N GLY C 215 39.70 -7.80 8.72
CA GLY C 215 40.61 -6.67 8.82
C GLY C 215 41.13 -6.24 7.46
N GLY C 216 40.69 -6.94 6.42
CA GLY C 216 41.12 -6.64 5.07
C GLY C 216 40.35 -5.46 4.49
N LYS C 217 41.05 -4.63 3.72
CA LYS C 217 40.45 -3.46 3.09
C LYS C 217 39.82 -3.81 1.75
N VAL C 218 38.98 -2.91 1.24
CA VAL C 218 38.30 -3.11 -0.03
C VAL C 218 38.75 -2.01 -1.00
N LEU C 219 39.27 -2.42 -2.15
CA LEU C 219 39.73 -1.48 -3.17
C LEU C 219 38.76 -1.37 -4.34
N ILE C 220 38.13 -0.21 -4.47
CA ILE C 220 37.18 0.03 -5.54
C ILE C 220 37.37 1.40 -6.18
N PRO C 221 38.12 1.46 -7.29
CA PRO C 221 38.37 2.71 -7.99
C PRO C 221 37.14 3.07 -8.83
N THR C 222 36.75 4.35 -8.80
CA THR C 222 35.59 4.80 -9.57
C THR C 222 35.81 6.17 -10.22
N PHE C 223 34.84 6.60 -11.03
CA PHE C 223 34.93 7.89 -11.68
C PHE C 223 34.17 8.91 -10.88
N ALA C 224 34.67 10.15 -10.89
CA ALA C 224 34.03 11.23 -10.15
C ALA C 224 32.71 11.64 -10.80
N VAL C 225 31.95 10.66 -11.30
CA VAL C 225 30.66 10.95 -11.92
C VAL C 225 29.62 9.92 -11.48
N GLU C 226 28.99 9.24 -12.43
CA GLU C 226 27.98 8.24 -12.10
C GLU C 226 28.46 7.24 -11.05
N ARG C 227 29.35 6.34 -11.45
CA ARG C 227 29.92 5.31 -10.56
C ARG C 227 30.06 5.69 -9.09
N ALA C 228 30.91 6.67 -8.81
CA ALA C 228 31.15 7.12 -7.45
C ALA C 228 29.86 7.22 -6.64
N GLN C 229 29.01 8.16 -7.01
CA GLN C 229 27.74 8.38 -6.33
C GLN C 229 26.88 7.11 -6.29
N GLU C 230 26.99 6.31 -7.34
CA GLU C 230 26.22 5.07 -7.40
C GLU C 230 26.68 4.11 -6.30
N ILE C 231 27.99 3.90 -6.21
CA ILE C 231 28.54 3.01 -5.20
C ILE C 231 27.86 3.25 -3.86
N LEU C 232 27.81 4.52 -3.46
CA LEU C 232 27.19 4.92 -2.20
C LEU C 232 25.70 4.60 -2.16
N TYR C 233 25.27 3.63 -2.96
CA TYR C 233 23.87 3.25 -2.99
C TYR C 233 23.74 1.80 -2.55
N VAL C 234 24.40 0.90 -3.28
CA VAL C 234 24.34 -0.52 -2.95
C VAL C 234 24.89 -0.76 -1.54
N LEU C 235 25.26 0.34 -0.86
CA LEU C 235 25.78 0.27 0.50
C LEU C 235 24.67 0.73 1.43
N TYR C 236 24.37 2.03 1.36
CA TYR C 236 23.33 2.64 2.19
C TYR C 236 22.00 1.88 2.03
N THR C 237 21.92 1.03 1.01
CA THR C 237 20.71 0.25 0.78
C THR C 237 20.92 -1.22 1.13
N HIS C 238 22.15 -1.58 1.48
CA HIS C 238 22.47 -2.95 1.85
C HIS C 238 23.53 -3.04 2.96
N GLY C 239 23.92 -1.89 3.50
CA GLY C 239 24.91 -1.87 4.55
C GLY C 239 24.35 -2.38 5.86
N HIS C 240 23.06 -2.73 5.82
CA HIS C 240 22.34 -3.25 6.99
C HIS C 240 22.63 -4.74 7.18
N ARG C 241 23.61 -5.25 6.43
CA ARG C 241 23.97 -6.66 6.52
C ARG C 241 25.49 -6.84 6.36
N LEU C 242 26.24 -5.77 6.57
CA LEU C 242 27.69 -5.78 6.45
C LEU C 242 28.35 -5.19 7.68
N PRO C 243 29.63 -5.52 7.92
CA PRO C 243 30.42 -5.03 9.07
C PRO C 243 30.61 -3.51 9.08
N ARG C 244 30.68 -2.94 10.28
CA ARG C 244 30.86 -1.50 10.44
C ARG C 244 32.25 -1.05 10.00
N ALA C 245 32.45 -0.98 8.68
CA ALA C 245 33.72 -0.57 8.11
C ALA C 245 33.67 0.87 7.61
N PRO C 246 34.78 1.62 7.74
CA PRO C 246 34.84 3.01 7.29
C PRO C 246 35.02 3.12 5.77
N ILE C 247 34.00 3.61 5.09
CA ILE C 247 34.02 3.76 3.65
C ILE C 247 34.66 5.10 3.26
N TYR C 248 35.80 5.03 2.57
CA TYR C 248 36.50 6.24 2.17
C TYR C 248 36.32 6.64 0.72
N LEU C 249 35.50 7.67 0.49
CA LEU C 249 35.27 8.18 -0.85
C LEU C 249 36.44 9.11 -1.11
N ASP C 250 37.45 8.60 -1.81
CA ASP C 250 38.66 9.35 -2.09
C ASP C 250 38.66 10.05 -3.47
N SER C 251 38.13 11.26 -3.49
CA SER C 251 38.06 12.05 -4.73
C SER C 251 37.21 13.30 -4.54
N PRO C 252 37.83 14.49 -4.66
CA PRO C 252 37.14 15.78 -4.52
C PRO C 252 36.04 15.98 -5.56
N MET C 253 36.36 15.68 -6.82
CA MET C 253 35.37 15.84 -7.87
C MET C 253 34.20 14.93 -7.56
N ALA C 254 34.48 13.65 -7.36
CA ALA C 254 33.43 12.67 -7.05
C ALA C 254 32.65 13.12 -5.81
N GLY C 255 33.22 14.10 -5.10
CA GLY C 255 32.57 14.63 -3.91
C GLY C 255 31.75 15.85 -4.31
N ARG C 256 32.22 16.58 -5.30
CA ARG C 256 31.50 17.74 -5.77
C ARG C 256 30.23 17.29 -6.49
N VAL C 257 30.21 16.03 -6.92
CA VAL C 257 29.04 15.47 -7.59
C VAL C 257 28.04 15.07 -6.52
N LEU C 258 28.56 14.63 -5.38
CA LEU C 258 27.72 14.22 -4.27
C LEU C 258 26.91 15.44 -3.81
N SER C 259 27.56 16.60 -3.81
CA SER C 259 26.93 17.84 -3.41
C SER C 259 25.85 18.24 -4.41
N LEU C 260 26.13 17.99 -5.69
CA LEU C 260 25.19 18.35 -6.75
C LEU C 260 24.03 17.38 -6.89
N TYR C 261 24.29 16.11 -6.60
CA TYR C 261 23.27 15.07 -6.71
C TYR C 261 21.90 15.41 -6.10
N PRO C 262 21.87 15.99 -4.89
CA PRO C 262 20.57 16.31 -4.28
C PRO C 262 19.69 17.23 -5.15
N ARG C 263 20.28 18.28 -5.70
CA ARG C 263 19.53 19.21 -6.53
C ARG C 263 18.90 18.55 -7.78
N LEU C 264 19.43 17.40 -8.18
CA LEU C 264 18.92 16.68 -9.36
C LEU C 264 17.95 15.58 -8.95
N VAL C 265 17.13 15.87 -7.94
CA VAL C 265 16.16 14.92 -7.41
C VAL C 265 15.38 14.09 -8.44
N ARG C 266 14.67 14.79 -9.33
CA ARG C 266 13.84 14.15 -10.36
C ARG C 266 14.59 13.35 -11.42
N TYR C 267 15.86 13.68 -11.63
CA TYR C 267 16.68 13.02 -12.63
C TYR C 267 17.06 11.58 -12.28
N PHE C 268 16.44 11.02 -11.25
CA PHE C 268 16.74 9.65 -10.83
C PHE C 268 15.53 8.73 -10.98
N SER C 269 15.66 7.51 -10.50
CA SER C 269 14.57 6.54 -10.58
C SER C 269 13.55 6.78 -9.48
N GLU C 270 12.33 6.31 -9.69
CA GLU C 270 11.26 6.46 -8.70
C GLU C 270 11.88 6.09 -7.36
N GLU C 271 12.51 4.93 -7.34
CA GLU C 271 13.18 4.42 -6.15
C GLU C 271 13.99 5.54 -5.50
N VAL C 272 15.10 5.89 -6.13
CA VAL C 272 15.98 6.93 -5.60
C VAL C 272 15.28 8.17 -5.06
N GLN C 273 14.08 8.46 -5.55
CA GLN C 273 13.38 9.64 -5.05
C GLN C 273 12.52 9.30 -3.84
N ALA C 274 12.32 8.01 -3.59
CA ALA C 274 11.53 7.58 -2.45
C ALA C 274 12.36 7.83 -1.19
N HIS C 275 13.60 7.35 -1.22
CA HIS C 275 14.54 7.50 -0.11
C HIS C 275 14.76 8.99 0.11
N PHE C 276 14.56 9.76 -0.94
CA PHE C 276 14.72 11.22 -0.93
C PHE C 276 13.47 11.85 -0.34
N LEU C 277 12.32 11.29 -0.68
CA LEU C 277 11.05 11.79 -0.18
C LEU C 277 11.05 11.66 1.33
N GLN C 278 11.72 10.61 1.82
CA GLN C 278 11.81 10.34 3.24
C GLN C 278 13.06 11.02 3.81
N GLY C 279 13.39 12.19 3.25
CA GLY C 279 14.54 12.94 3.69
C GLY C 279 15.82 12.15 3.96
N LYS C 280 16.21 11.30 3.01
CA LYS C 280 17.42 10.49 3.17
C LYS C 280 18.23 10.34 1.89
N ASN C 281 19.43 10.91 1.88
CA ASN C 281 20.34 10.85 0.74
C ASN C 281 20.75 9.38 0.53
N PRO C 282 20.06 8.68 -0.38
CA PRO C 282 20.38 7.27 -0.64
C PRO C 282 21.79 7.04 -1.18
N PHE C 283 22.65 8.05 -1.07
CA PHE C 283 24.01 7.95 -1.55
C PHE C 283 25.03 8.29 -0.48
N ARG C 284 24.63 8.17 0.79
CA ARG C 284 25.52 8.46 1.91
C ARG C 284 25.42 7.39 2.99
N PRO C 285 25.86 6.16 2.69
CA PRO C 285 25.80 5.08 3.66
C PRO C 285 26.61 5.37 4.92
N ALA C 286 26.26 4.71 6.01
CA ALA C 286 26.95 4.89 7.28
C ALA C 286 28.44 4.63 7.12
N GLY C 287 29.26 5.61 7.52
CA GLY C 287 30.70 5.45 7.42
C GLY C 287 31.34 6.20 6.26
N LEU C 288 30.52 6.57 5.27
CA LEU C 288 31.00 7.30 4.10
C LEU C 288 31.76 8.58 4.43
N GLU C 289 32.80 8.87 3.65
CA GLU C 289 33.58 10.09 3.86
C GLU C 289 34.41 10.52 2.64
N VAL C 290 34.34 11.80 2.33
CA VAL C 290 35.06 12.40 1.21
C VAL C 290 36.50 12.69 1.55
N VAL C 291 37.42 12.04 0.84
CA VAL C 291 38.84 12.23 1.06
C VAL C 291 39.30 13.49 0.36
N GLU C 292 39.15 14.63 1.05
CA GLU C 292 39.53 15.91 0.50
C GLU C 292 40.99 15.97 0.06
N HIS C 293 41.82 16.58 0.89
CA HIS C 293 43.25 16.75 0.64
C HIS C 293 44.05 15.46 0.79
N THR C 294 45.13 15.36 0.01
CA THR C 294 46.00 14.17 0.03
C THR C 294 46.44 13.79 1.43
N GLU C 295 46.48 14.77 2.33
CA GLU C 295 46.89 14.56 3.71
C GLU C 295 46.15 13.38 4.36
N ALA C 296 44.83 13.41 4.29
CA ALA C 296 44.01 12.35 4.86
C ALA C 296 43.95 11.17 3.89
N SER C 297 44.49 11.39 2.70
CA SER C 297 44.53 10.37 1.65
C SER C 297 45.67 9.39 1.89
N LYS C 298 46.88 9.92 1.98
CA LYS C 298 48.06 9.10 2.23
C LYS C 298 47.85 8.37 3.55
N ALA C 299 46.96 8.91 4.37
CA ALA C 299 46.65 8.33 5.68
C ALA C 299 45.79 7.08 5.53
N LEU C 300 45.68 6.57 4.30
CA LEU C 300 44.90 5.37 4.03
C LEU C 300 45.75 4.17 3.63
N ASN C 301 46.93 4.44 3.10
CA ASN C 301 47.86 3.38 2.69
C ASN C 301 48.40 2.70 3.95
N ARG C 302 48.28 3.41 5.08
CA ARG C 302 48.76 2.92 6.35
C ARG C 302 47.63 2.66 7.35
N ALA C 303 46.55 3.43 7.24
CA ALA C 303 45.40 3.27 8.13
C ALA C 303 45.02 1.80 8.18
N PRO C 304 44.77 1.26 9.37
CA PRO C 304 44.40 -0.14 9.59
C PRO C 304 42.97 -0.49 9.18
N GLY C 305 42.82 -1.59 8.46
CA GLY C 305 41.50 -2.03 8.01
C GLY C 305 40.71 -2.70 9.12
N PRO C 306 39.52 -3.26 8.80
CA PRO C 306 38.93 -3.27 7.46
C PRO C 306 38.42 -1.89 7.06
N MET C 307 38.28 -1.66 5.75
CA MET C 307 37.80 -0.39 5.23
C MET C 307 37.46 -0.47 3.74
N VAL C 308 36.57 0.41 3.29
CA VAL C 308 36.17 0.45 1.89
C VAL C 308 36.86 1.64 1.22
N VAL C 309 37.73 1.34 0.25
CA VAL C 309 38.48 2.38 -0.46
C VAL C 309 37.89 2.74 -1.82
N LEU C 310 37.36 3.96 -1.92
CA LEU C 310 36.79 4.44 -3.18
C LEU C 310 37.64 5.62 -3.66
N ALA C 311 37.94 5.64 -4.96
CA ALA C 311 38.74 6.73 -5.51
C ALA C 311 38.94 6.61 -7.01
N GLY C 312 39.25 7.73 -7.64
CA GLY C 312 39.48 7.74 -9.08
C GLY C 312 40.98 7.72 -9.30
N SER C 313 41.44 7.36 -10.50
CA SER C 313 40.59 6.99 -11.63
C SER C 313 39.74 5.73 -11.45
N GLY C 314 39.16 5.27 -12.55
CA GLY C 314 38.32 4.09 -12.52
C GLY C 314 38.81 3.06 -13.53
N MET C 315 39.74 3.47 -14.37
CA MET C 315 40.33 2.58 -15.37
C MET C 315 41.74 2.34 -14.87
N LEU C 316 42.02 2.82 -13.67
CA LEU C 316 43.34 2.70 -13.06
C LEU C 316 44.31 3.50 -13.90
N ALA C 317 43.76 4.45 -14.66
CA ALA C 317 44.54 5.32 -15.54
C ALA C 317 45.31 6.36 -14.75
N GLY C 318 45.86 5.96 -13.62
CA GLY C 318 46.61 6.89 -12.80
C GLY C 318 45.71 7.56 -11.78
N GLY C 319 46.12 8.72 -11.30
CA GLY C 319 45.32 9.43 -10.32
C GLY C 319 45.66 9.01 -8.91
N ARG C 320 44.76 9.34 -7.98
CA ARG C 320 44.96 9.03 -6.56
C ARG C 320 44.42 7.64 -6.19
N ILE C 321 44.53 6.69 -7.11
CA ILE C 321 44.04 5.33 -6.86
C ILE C 321 45.16 4.31 -6.82
N LEU C 322 46.28 4.63 -7.48
CA LEU C 322 47.42 3.73 -7.52
C LEU C 322 48.20 3.72 -6.21
N HIS C 323 47.87 4.66 -5.32
CA HIS C 323 48.52 4.75 -4.03
C HIS C 323 48.00 3.64 -3.14
N HIS C 324 46.71 3.33 -3.30
CA HIS C 324 46.07 2.30 -2.51
C HIS C 324 46.25 0.89 -3.08
N LEU C 325 46.93 0.81 -4.23
CA LEU C 325 47.20 -0.47 -4.88
C LEU C 325 48.65 -0.87 -4.70
N LYS C 326 49.49 0.12 -4.38
CA LYS C 326 50.91 -0.10 -4.18
C LYS C 326 51.14 -0.56 -2.73
N HIS C 327 50.18 -0.24 -1.86
CA HIS C 327 50.27 -0.59 -0.45
C HIS C 327 49.06 -1.40 -0.01
N GLY C 328 48.68 -2.36 -0.86
CA GLY C 328 47.54 -3.21 -0.58
C GLY C 328 47.73 -4.59 -1.14
N LEU C 329 47.95 -4.68 -2.45
CA LEU C 329 48.16 -5.95 -3.13
C LEU C 329 49.18 -6.80 -2.36
N SER C 330 50.16 -6.15 -1.77
CA SER C 330 51.17 -6.84 -0.99
C SER C 330 50.47 -7.76 0.00
N ASP C 331 49.48 -7.21 0.70
CA ASP C 331 48.69 -7.95 1.68
C ASP C 331 47.74 -8.91 0.97
N PRO C 332 47.58 -10.13 1.51
CA PRO C 332 46.67 -11.10 0.88
C PRO C 332 45.28 -11.09 1.50
N ARG C 333 45.03 -10.12 2.38
CA ARG C 333 43.73 -9.99 3.05
C ARG C 333 42.83 -8.94 2.42
N ASN C 334 43.38 -8.15 1.50
CA ASN C 334 42.61 -7.11 0.82
C ASN C 334 42.07 -7.61 -0.52
N ALA C 335 40.88 -7.16 -0.87
CA ALA C 335 40.24 -7.58 -2.12
C ALA C 335 40.10 -6.43 -3.12
N LEU C 336 40.63 -6.65 -4.32
CA LEU C 336 40.56 -5.66 -5.38
C LEU C 336 39.30 -5.99 -6.18
N VAL C 337 38.44 -4.99 -6.37
CA VAL C 337 37.21 -5.19 -7.11
C VAL C 337 36.95 -4.14 -8.19
N PHE C 338 36.90 -4.59 -9.44
CA PHE C 338 36.65 -3.71 -10.57
C PHE C 338 35.16 -3.57 -10.82
N VAL C 339 34.70 -2.34 -10.95
CA VAL C 339 33.30 -2.05 -11.19
C VAL C 339 33.07 -1.60 -12.64
N GLY C 340 34.10 -1.00 -13.23
CA GLY C 340 33.98 -0.52 -14.60
C GLY C 340 34.87 -1.26 -15.59
N TYR C 341 34.54 -1.15 -16.88
CA TYR C 341 35.30 -1.81 -17.93
C TYR C 341 36.78 -1.46 -17.88
N GLN C 342 37.62 -2.48 -18.03
CA GLN C 342 39.06 -2.26 -18.01
C GLN C 342 39.71 -2.48 -19.37
N PRO C 343 40.44 -1.46 -19.85
CA PRO C 343 41.12 -1.49 -21.14
C PRO C 343 42.46 -2.24 -21.11
N GLN C 344 42.60 -3.22 -21.99
CA GLN C 344 43.84 -3.99 -22.09
C GLN C 344 45.02 -3.02 -22.15
N GLY C 345 46.22 -3.52 -21.98
CA GLY C 345 47.36 -2.63 -22.01
C GLY C 345 47.17 -1.55 -20.96
N GLY C 346 46.53 -1.96 -19.86
CA GLY C 346 46.29 -1.05 -18.76
C GLY C 346 46.59 -1.75 -17.45
N LEU C 347 46.93 -0.99 -16.42
CA LEU C 347 47.25 -1.56 -15.12
C LEU C 347 46.16 -2.50 -14.62
N GLY C 348 45.01 -2.48 -15.29
CA GLY C 348 43.91 -3.34 -14.91
C GLY C 348 44.07 -4.70 -15.54
N ALA C 349 44.16 -4.73 -16.87
CA ALA C 349 44.32 -5.98 -17.61
C ALA C 349 45.53 -6.73 -17.07
N GLU C 350 46.42 -6.00 -16.41
CA GLU C 350 47.63 -6.57 -15.83
C GLU C 350 47.29 -7.30 -14.54
N ILE C 351 46.60 -6.61 -13.64
CA ILE C 351 46.20 -7.18 -12.36
C ILE C 351 45.16 -8.29 -12.53
N ILE C 352 44.43 -8.23 -13.65
CA ILE C 352 43.40 -9.23 -13.95
C ILE C 352 44.04 -10.52 -14.48
N ALA C 353 45.28 -10.40 -14.95
CA ALA C 353 46.01 -11.55 -15.48
C ALA C 353 46.63 -12.35 -14.34
N ARG C 354 46.75 -11.72 -13.18
CA ARG C 354 47.31 -12.35 -11.98
C ARG C 354 48.81 -12.65 -12.10
N PRO C 355 49.61 -11.65 -12.52
CA PRO C 355 51.05 -11.87 -12.66
C PRO C 355 51.72 -12.03 -11.29
N PRO C 356 52.91 -12.65 -11.25
CA PRO C 356 53.62 -12.84 -9.99
C PRO C 356 53.80 -11.55 -9.19
N ALA C 357 53.73 -10.41 -9.87
CA ALA C 357 53.85 -9.11 -9.24
C ALA C 357 53.44 -8.07 -10.28
N VAL C 358 53.28 -6.83 -9.84
CA VAL C 358 52.88 -5.76 -10.76
C VAL C 358 53.58 -4.44 -10.48
N ARG C 359 53.94 -3.74 -11.54
CA ARG C 359 54.63 -2.45 -11.43
C ARG C 359 53.64 -1.28 -11.31
N ILE C 360 53.59 -0.70 -10.12
CA ILE C 360 52.71 0.44 -9.87
C ILE C 360 53.49 1.51 -9.10
N LEU C 361 53.78 2.60 -9.79
CA LEU C 361 54.52 3.71 -9.20
C LEU C 361 55.99 3.39 -8.95
N GLY C 362 56.76 3.32 -10.03
CA GLY C 362 58.18 3.03 -9.94
C GLY C 362 58.46 1.96 -8.91
N GLU C 363 58.08 0.72 -9.21
CA GLU C 363 58.30 -0.37 -8.28
C GLU C 363 57.69 -1.68 -8.79
N GLU C 364 57.23 -2.51 -7.85
CA GLU C 364 56.63 -3.80 -8.17
C GLU C 364 55.97 -4.30 -6.86
N VAL C 365 54.68 -4.59 -6.90
CA VAL C 365 54.00 -5.06 -5.71
C VAL C 365 53.47 -6.48 -5.87
N PRO C 366 53.43 -7.23 -4.77
CA PRO C 366 52.93 -8.62 -4.79
C PRO C 366 51.44 -8.60 -5.05
N LEU C 367 50.98 -9.47 -5.94
CA LEU C 367 49.55 -9.55 -6.27
C LEU C 367 48.86 -10.68 -5.51
N ARG C 368 48.88 -10.61 -4.18
CA ARG C 368 48.25 -11.64 -3.36
C ARG C 368 46.80 -11.27 -3.04
N ALA C 369 46.46 -9.99 -3.26
CA ALA C 369 45.11 -9.51 -3.01
C ALA C 369 44.15 -10.25 -3.93
N SER C 370 42.91 -10.43 -3.49
CA SER C 370 41.92 -11.13 -4.30
C SER C 370 41.14 -10.18 -5.22
N VAL C 371 41.57 -10.09 -6.48
CA VAL C 371 40.93 -9.21 -7.45
C VAL C 371 39.70 -9.87 -8.09
N HIS C 372 38.71 -9.04 -8.42
CA HIS C 372 37.48 -9.54 -9.01
C HIS C 372 36.92 -8.55 -10.04
N THR C 373 36.27 -9.07 -11.07
CA THR C 373 35.69 -8.24 -12.13
C THR C 373 34.18 -8.38 -12.18
N LEU C 374 33.48 -7.64 -11.33
CA LEU C 374 32.03 -7.69 -11.28
C LEU C 374 31.45 -6.99 -12.51
N GLY C 375 31.25 -7.76 -13.58
CA GLY C 375 30.72 -7.20 -14.81
C GLY C 375 29.26 -6.83 -14.69
N GLY C 376 28.94 -5.97 -13.72
CA GLY C 376 27.56 -5.56 -13.52
C GLY C 376 27.37 -4.10 -13.14
N PHE C 377 28.41 -3.49 -12.59
CA PHE C 377 28.33 -2.07 -12.22
C PHE C 377 28.54 -1.20 -13.44
N SER C 378 28.55 -1.84 -14.60
CA SER C 378 28.74 -1.15 -15.88
C SER C 378 27.70 -0.06 -16.07
N GLY C 379 28.18 1.16 -16.33
CA GLY C 379 27.30 2.27 -16.56
C GLY C 379 26.87 2.34 -18.01
N ALA C 380 27.28 1.33 -18.78
CA ALA C 380 26.94 1.26 -20.19
C ALA C 380 25.71 0.39 -20.37
N ALA C 381 25.50 -0.08 -21.59
CA ALA C 381 24.35 -0.93 -21.90
C ALA C 381 24.79 -2.18 -22.63
N GLY C 382 24.32 -3.33 -22.16
CA GLY C 382 24.69 -4.59 -22.79
C GLY C 382 24.10 -4.82 -24.17
N GLN C 383 24.79 -5.63 -24.96
CA GLN C 383 24.37 -5.96 -26.32
C GLN C 383 22.87 -6.19 -26.43
N ASP C 384 22.36 -7.15 -25.66
CA ASP C 384 20.94 -7.48 -25.67
C ASP C 384 20.09 -6.23 -25.56
N GLU C 385 20.57 -5.26 -24.76
CA GLU C 385 19.85 -4.02 -24.58
C GLU C 385 19.87 -3.27 -25.91
N LEU C 386 21.06 -3.09 -26.46
CA LEU C 386 21.22 -2.41 -27.74
C LEU C 386 20.40 -3.11 -28.81
N LEU C 387 20.15 -4.39 -28.58
CA LEU C 387 19.37 -5.18 -29.53
C LEU C 387 17.91 -4.80 -29.39
N ASP C 388 17.49 -4.55 -28.15
CA ASP C 388 16.11 -4.18 -27.84
C ASP C 388 15.79 -2.82 -28.44
N TRP C 389 16.51 -1.81 -27.96
CA TRP C 389 16.34 -0.45 -28.42
C TRP C 389 16.12 -0.40 -29.93
N LEU C 390 17.10 -0.91 -30.68
CA LEU C 390 17.05 -0.90 -32.14
C LEU C 390 16.00 -1.82 -32.75
N GLN C 391 15.28 -2.53 -31.89
CA GLN C 391 14.25 -3.44 -32.34
C GLN C 391 13.27 -2.70 -33.24
N GLY C 392 13.09 -3.16 -34.47
CA GLY C 392 12.13 -2.53 -35.36
C GLY C 392 12.63 -1.46 -36.31
N GLU C 393 13.75 -0.84 -35.98
CA GLU C 393 14.28 0.20 -36.84
C GLU C 393 14.90 -0.40 -38.09
N PRO C 394 14.49 0.06 -39.27
CA PRO C 394 14.98 -0.41 -40.57
C PRO C 394 16.47 -0.17 -40.90
N ARG C 395 16.96 1.03 -40.68
CA ARG C 395 18.37 1.32 -40.97
C ARG C 395 19.13 1.91 -39.79
N VAL C 396 20.22 1.25 -39.40
CA VAL C 396 21.06 1.72 -38.29
C VAL C 396 22.47 2.01 -38.80
N VAL C 397 23.17 2.91 -38.12
CA VAL C 397 24.53 3.27 -38.49
C VAL C 397 25.41 3.41 -37.26
N LEU C 398 25.78 2.27 -36.70
CA LEU C 398 26.61 2.16 -35.50
C LEU C 398 27.77 3.13 -35.35
N VAL C 399 28.05 3.48 -34.10
CA VAL C 399 29.15 4.36 -33.72
C VAL C 399 29.45 4.15 -32.23
N HIS C 400 30.35 4.98 -31.70
CA HIS C 400 30.72 4.89 -30.29
C HIS C 400 31.03 3.46 -29.81
N GLY C 401 31.99 2.81 -30.47
CA GLY C 401 32.40 1.46 -30.12
C GLY C 401 33.67 1.08 -30.84
N GLU C 402 34.25 -0.07 -30.48
CA GLU C 402 35.46 -0.55 -31.14
C GLU C 402 35.01 -1.21 -32.44
N GLU C 403 35.74 -0.96 -33.53
CA GLU C 403 35.37 -1.53 -34.83
C GLU C 403 34.86 -2.97 -34.72
N GLU C 404 35.52 -3.78 -33.91
CA GLU C 404 35.12 -5.17 -33.74
C GLU C 404 33.79 -5.26 -33.00
N LYS C 405 33.70 -4.54 -31.88
CA LYS C 405 32.48 -4.51 -31.09
C LYS C 405 31.28 -4.24 -31.99
N LEU C 406 31.35 -3.14 -32.73
CA LEU C 406 30.28 -2.78 -33.64
C LEU C 406 29.99 -3.94 -34.58
N LEU C 407 30.91 -4.15 -35.52
CA LEU C 407 30.79 -5.21 -36.52
C LEU C 407 30.07 -6.42 -35.96
N ALA C 408 30.28 -6.70 -34.68
CA ALA C 408 29.63 -7.83 -34.03
C ALA C 408 28.12 -7.60 -34.05
N LEU C 409 27.68 -6.61 -33.29
CA LEU C 409 26.26 -6.26 -33.21
C LEU C 409 25.70 -6.10 -34.61
N GLY C 410 26.55 -5.63 -35.52
CA GLY C 410 26.13 -5.43 -36.90
C GLY C 410 25.68 -6.70 -37.59
N LYS C 411 26.40 -7.79 -37.36
CA LYS C 411 26.05 -9.07 -37.98
C LYS C 411 24.72 -9.54 -37.40
N LEU C 412 24.53 -9.29 -36.11
CA LEU C 412 23.30 -9.68 -35.42
C LEU C 412 22.10 -8.99 -36.05
N LEU C 413 22.11 -7.66 -36.04
CA LEU C 413 21.02 -6.88 -36.62
C LEU C 413 20.79 -7.31 -38.05
N ALA C 414 21.90 -7.54 -38.75
CA ALA C 414 21.86 -7.95 -40.15
C ALA C 414 20.84 -9.06 -40.36
N LEU C 415 20.82 -10.03 -39.44
CA LEU C 415 19.91 -11.17 -39.52
C LEU C 415 18.49 -10.80 -39.14
N ARG C 416 18.34 -9.81 -38.26
CA ARG C 416 17.03 -9.38 -37.84
C ARG C 416 16.33 -8.65 -38.98
N GLY C 417 17.02 -8.57 -40.12
CA GLY C 417 16.45 -7.91 -41.29
C GLY C 417 16.67 -6.41 -41.32
N GLN C 418 17.41 -5.91 -40.34
CA GLN C 418 17.68 -4.47 -40.24
C GLN C 418 18.96 -4.07 -40.98
N GLU C 419 18.81 -3.19 -41.97
CA GLU C 419 19.95 -2.72 -42.77
C GLU C 419 20.96 -1.89 -41.97
N VAL C 420 22.04 -2.52 -41.54
CA VAL C 420 23.05 -1.82 -40.76
C VAL C 420 24.27 -1.40 -41.59
N SER C 421 25.23 -0.77 -40.94
CA SER C 421 26.47 -0.32 -41.54
C SER C 421 27.22 0.46 -40.46
N LEU C 422 28.52 0.68 -40.64
CA LEU C 422 29.31 1.40 -39.66
C LEU C 422 29.62 2.79 -40.17
N ALA C 423 29.67 3.77 -39.28
CA ALA C 423 29.94 5.13 -39.70
C ALA C 423 31.42 5.37 -39.97
N ARG C 424 31.71 5.98 -41.12
CA ARG C 424 33.07 6.28 -41.50
C ARG C 424 33.26 7.77 -41.28
N PHE C 425 34.19 8.13 -40.39
CA PHE C 425 34.47 9.53 -40.10
C PHE C 425 34.44 10.40 -41.36
N GLY C 426 33.70 11.50 -41.31
CA GLY C 426 33.65 12.40 -42.44
C GLY C 426 32.61 12.08 -43.48
N GLU C 427 32.40 10.79 -43.74
CA GLU C 427 31.40 10.40 -44.73
C GLU C 427 30.01 10.59 -44.15
N GLY C 428 29.28 11.55 -44.73
CA GLY C 428 27.94 11.83 -44.28
C GLY C 428 26.95 10.77 -44.75
N VAL C 429 25.86 10.63 -44.01
CA VAL C 429 24.79 9.67 -44.32
C VAL C 429 23.46 10.41 -44.47
N PRO C 430 22.76 10.16 -45.57
CA PRO C 430 21.46 10.84 -45.76
C PRO C 430 20.42 10.11 -44.91
N VAL C 431 19.50 10.87 -44.32
CA VAL C 431 18.45 10.27 -43.51
C VAL C 431 17.26 9.92 -44.41
N MET D 1 -8.03 -36.88 36.48
CA MET D 1 -8.17 -36.45 35.06
C MET D 1 -7.59 -37.51 34.12
N ARG D 2 -8.47 -38.15 33.37
CA ARG D 2 -8.07 -39.19 32.43
C ARG D 2 -8.84 -39.01 31.11
N ILE D 3 -8.21 -39.36 29.99
CA ILE D 3 -8.83 -39.21 28.69
C ILE D 3 -8.96 -40.57 28.00
N VAL D 4 -10.20 -40.98 27.73
CA VAL D 4 -10.46 -42.28 27.11
C VAL D 4 -10.80 -42.23 25.64
N PRO D 5 -9.88 -42.73 24.79
CA PRO D 5 -10.13 -42.73 23.35
C PRO D 5 -11.37 -43.56 23.02
N PHE D 6 -12.01 -43.24 21.91
CA PHE D 6 -13.20 -43.96 21.48
C PHE D 6 -13.28 -43.87 19.97
N GLY D 7 -12.10 -43.77 19.37
CA GLY D 7 -12.00 -43.66 17.93
C GLY D 7 -10.63 -43.11 17.58
N ALA D 8 -10.31 -43.10 16.29
CA ALA D 8 -9.02 -42.60 15.83
C ALA D 8 -7.86 -43.32 16.53
N ALA D 9 -8.16 -44.50 17.10
CA ALA D 9 -7.16 -45.29 17.81
C ALA D 9 -6.35 -46.10 16.79
N ARG D 10 -5.05 -45.80 16.69
CA ARG D 10 -4.17 -46.49 15.75
C ARG D 10 -4.76 -46.45 14.33
N GLU D 11 -5.58 -45.42 14.09
CA GLU D 11 -6.23 -45.20 12.81
C GLU D 11 -6.53 -43.70 12.69
N VAL D 12 -7.24 -43.31 11.63
CA VAL D 12 -7.55 -41.90 11.45
C VAL D 12 -9.01 -41.51 11.73
N THR D 13 -9.95 -42.25 11.18
CA THR D 13 -11.36 -41.91 11.40
C THR D 13 -11.87 -42.09 12.82
N GLY D 14 -13.04 -41.51 13.07
CA GLY D 14 -13.71 -41.61 14.36
C GLY D 14 -13.21 -40.88 15.61
N SER D 15 -12.35 -39.87 15.47
CA SER D 15 -11.84 -39.17 16.63
C SER D 15 -12.97 -38.83 17.61
N ALA D 16 -12.77 -39.24 18.87
CA ALA D 16 -13.74 -39.00 19.93
C ALA D 16 -13.08 -39.39 21.24
N HIS D 17 -12.65 -38.40 22.00
CA HIS D 17 -11.98 -38.68 23.27
C HIS D 17 -12.70 -38.07 24.47
N LEU D 18 -13.24 -38.93 25.33
CA LEU D 18 -13.98 -38.51 26.52
C LEU D 18 -13.11 -38.15 27.71
N LEU D 19 -12.96 -36.86 27.98
CA LEU D 19 -12.16 -36.39 29.10
C LEU D 19 -12.95 -36.55 30.38
N LEU D 20 -12.35 -37.23 31.36
CA LEU D 20 -12.97 -37.49 32.67
C LEU D 20 -12.18 -36.78 33.77
N ALA D 21 -12.56 -35.54 34.05
CA ALA D 21 -11.89 -34.76 35.07
C ALA D 21 -12.87 -34.00 35.95
N GLY D 22 -12.31 -33.23 36.89
CA GLY D 22 -13.08 -32.41 37.82
C GLY D 22 -14.54 -32.73 38.07
N GLY D 23 -14.88 -34.01 38.18
CA GLY D 23 -16.26 -34.40 38.43
C GLY D 23 -17.20 -34.13 37.26
N ARG D 24 -16.64 -34.17 36.06
CA ARG D 24 -17.37 -33.94 34.82
C ARG D 24 -16.83 -34.79 33.69
N ARG D 25 -17.68 -35.09 32.71
CA ARG D 25 -17.27 -35.86 31.55
C ARG D 25 -17.45 -34.98 30.31
N VAL D 26 -16.34 -34.63 29.67
CA VAL D 26 -16.38 -33.77 28.50
C VAL D 26 -15.80 -34.49 27.29
N LEU D 27 -16.63 -34.67 26.26
CA LEU D 27 -16.21 -35.36 25.04
C LEU D 27 -15.50 -34.44 24.06
N LEU D 28 -14.24 -34.73 23.76
CA LEU D 28 -13.48 -33.93 22.81
C LEU D 28 -13.66 -34.54 21.43
N ASP D 29 -14.48 -33.91 20.61
CA ASP D 29 -14.81 -34.36 19.26
C ASP D 29 -15.78 -35.53 19.27
N CYS D 30 -16.25 -35.90 18.09
CA CYS D 30 -17.21 -36.99 18.00
C CYS D 30 -17.35 -37.32 16.52
N GLY D 31 -16.21 -37.67 15.92
CA GLY D 31 -16.16 -37.99 14.49
C GLY D 31 -16.47 -39.41 14.09
N MET D 32 -17.01 -39.57 12.89
CA MET D 32 -17.38 -40.89 12.38
C MET D 32 -16.23 -41.67 11.73
N PHE D 33 -16.33 -43.00 11.82
CA PHE D 33 -15.35 -43.90 11.24
C PHE D 33 -15.63 -43.98 9.75
N GLN D 34 -14.58 -43.96 8.94
CA GLN D 34 -14.78 -44.02 7.51
C GLN D 34 -13.93 -45.06 6.79
N GLY D 35 -14.60 -45.88 5.99
CA GLY D 35 -13.91 -46.92 5.23
C GLY D 35 -14.07 -48.33 5.75
N LYS D 36 -12.92 -48.96 5.99
CA LYS D 36 -12.82 -50.34 6.47
C LYS D 36 -13.54 -50.64 7.78
N GLU D 37 -14.02 -49.61 8.46
CA GLU D 37 -14.67 -49.80 9.76
C GLU D 37 -15.99 -49.07 9.90
N GLU D 38 -16.48 -48.51 8.79
CA GLU D 38 -17.74 -47.77 8.78
C GLU D 38 -18.85 -48.49 9.54
N ALA D 39 -18.69 -49.81 9.74
CA ALA D 39 -19.70 -50.58 10.46
C ALA D 39 -19.87 -50.02 11.86
N ARG D 40 -18.74 -49.71 12.49
CA ARG D 40 -18.72 -49.17 13.84
C ARG D 40 -19.64 -47.98 14.09
N ASN D 41 -19.90 -47.20 13.05
CA ASN D 41 -20.76 -46.02 13.16
C ASN D 41 -22.18 -46.42 13.59
N HIS D 42 -22.56 -47.65 13.30
CA HIS D 42 -23.88 -48.15 13.67
C HIS D 42 -23.83 -48.75 15.06
N ALA D 43 -22.64 -49.18 15.45
CA ALA D 43 -22.40 -49.77 16.75
C ALA D 43 -22.46 -48.69 17.83
N PRO D 44 -22.55 -49.08 19.11
CA PRO D 44 -22.59 -48.12 20.21
C PRO D 44 -21.27 -47.40 20.40
N PHE D 45 -21.29 -46.37 21.22
CA PHE D 45 -20.10 -45.56 21.47
C PHE D 45 -19.04 -46.18 22.34
N GLY D 46 -19.44 -46.74 23.48
CA GLY D 46 -18.47 -47.34 24.38
C GLY D 46 -18.42 -46.54 25.66
N PHE D 47 -19.28 -45.52 25.72
CA PHE D 47 -19.39 -44.65 26.87
C PHE D 47 -20.85 -44.21 26.89
N ASP D 48 -21.37 -43.86 28.07
CA ASP D 48 -22.76 -43.43 28.15
C ASP D 48 -22.90 -41.98 27.72
N PRO D 49 -23.56 -41.74 26.58
CA PRO D 49 -23.78 -40.41 26.01
C PRO D 49 -24.65 -39.52 26.89
N LYS D 50 -25.68 -40.11 27.51
CA LYS D 50 -26.56 -39.33 28.39
C LYS D 50 -25.80 -38.82 29.61
N GLU D 51 -24.61 -39.35 29.83
CA GLU D 51 -23.80 -38.96 30.97
C GLU D 51 -22.72 -37.96 30.62
N VAL D 52 -22.69 -37.50 29.38
CA VAL D 52 -21.70 -36.50 29.01
C VAL D 52 -22.24 -35.16 29.46
N ASP D 53 -21.34 -34.25 29.80
CA ASP D 53 -21.74 -32.93 30.26
C ASP D 53 -21.56 -31.87 29.18
N ALA D 54 -20.56 -32.07 28.34
CA ALA D 54 -20.26 -31.13 27.27
C ALA D 54 -19.40 -31.78 26.20
N VAL D 55 -19.43 -31.20 25.01
CA VAL D 55 -18.63 -31.73 23.92
C VAL D 55 -17.93 -30.54 23.27
N LEU D 56 -16.76 -30.78 22.71
CA LEU D 56 -16.03 -29.72 22.05
C LEU D 56 -15.56 -30.27 20.73
N LEU D 57 -15.95 -29.62 19.63
CA LEU D 57 -15.53 -30.07 18.32
C LEU D 57 -14.31 -29.23 18.03
N THR D 58 -13.26 -29.83 17.49
CA THR D 58 -12.05 -29.08 17.19
C THR D 58 -12.16 -28.37 15.86
N HIS D 59 -12.96 -28.94 14.96
CA HIS D 59 -13.20 -28.35 13.65
C HIS D 59 -14.39 -29.05 12.98
N ALA D 60 -14.63 -28.76 11.70
CA ALA D 60 -15.79 -29.31 11.02
C ALA D 60 -15.62 -30.59 10.18
N HIS D 61 -14.43 -31.16 10.14
CA HIS D 61 -14.27 -32.38 9.35
C HIS D 61 -15.27 -33.41 9.85
N LEU D 62 -15.74 -34.25 8.93
CA LEU D 62 -16.74 -35.27 9.25
C LEU D 62 -16.23 -36.42 10.12
N ASP D 63 -14.91 -36.60 10.18
CA ASP D 63 -14.35 -37.66 11.00
C ASP D 63 -14.05 -37.09 12.38
N HIS D 64 -14.68 -35.95 12.66
CA HIS D 64 -14.55 -35.24 13.94
C HIS D 64 -15.92 -34.73 14.38
N VAL D 65 -16.90 -34.85 13.47
CA VAL D 65 -18.26 -34.39 13.72
C VAL D 65 -19.25 -35.51 13.40
N GLY D 66 -18.83 -36.40 12.51
CA GLY D 66 -19.67 -37.50 12.07
C GLY D 66 -20.66 -38.14 13.02
N ARG D 67 -20.20 -38.59 14.18
CA ARG D 67 -21.10 -39.26 15.13
C ARG D 67 -21.83 -38.35 16.09
N LEU D 68 -21.69 -37.04 15.93
CA LEU D 68 -22.36 -36.11 16.83
C LEU D 68 -23.87 -36.27 16.80
N PRO D 69 -24.47 -36.23 15.60
CA PRO D 69 -25.92 -36.38 15.54
C PRO D 69 -26.37 -37.65 16.30
N LYS D 70 -25.55 -38.69 16.25
CA LYS D 70 -25.86 -39.93 16.95
C LYS D 70 -25.83 -39.69 18.46
N LEU D 71 -24.78 -39.02 18.94
CA LEU D 71 -24.64 -38.73 20.36
C LEU D 71 -25.96 -38.14 20.89
N PHE D 72 -26.70 -37.46 20.03
CA PHE D 72 -27.97 -36.89 20.46
C PHE D 72 -29.09 -37.91 20.33
N ARG D 73 -29.07 -38.65 19.23
CA ARG D 73 -30.09 -39.67 19.01
C ARG D 73 -30.12 -40.61 20.22
N GLU D 74 -28.94 -40.85 20.80
CA GLU D 74 -28.79 -41.72 21.96
C GLU D 74 -29.44 -41.10 23.20
N GLY D 75 -29.36 -39.78 23.33
CA GLY D 75 -29.96 -39.14 24.49
C GLY D 75 -29.31 -37.84 24.91
N TYR D 76 -28.12 -37.56 24.40
CA TYR D 76 -27.42 -36.34 24.76
C TYR D 76 -28.22 -35.10 24.40
N ARG D 77 -28.38 -34.21 25.37
CA ARG D 77 -29.11 -32.96 25.17
C ARG D 77 -28.30 -31.84 25.80
N GLY D 78 -26.98 -31.91 25.63
CA GLY D 78 -26.11 -30.91 26.22
C GLY D 78 -25.46 -29.99 25.21
N PRO D 79 -24.76 -28.95 25.68
CA PRO D 79 -24.10 -27.97 24.83
C PRO D 79 -23.06 -28.64 23.95
N VAL D 80 -22.62 -27.93 22.92
CA VAL D 80 -21.63 -28.44 21.99
C VAL D 80 -20.82 -27.22 21.56
N TYR D 81 -19.68 -27.00 22.19
CA TYR D 81 -18.87 -25.85 21.89
C TYR D 81 -17.90 -25.98 20.73
N ALA D 82 -17.98 -25.03 19.80
CA ALA D 82 -17.11 -24.97 18.64
C ALA D 82 -17.01 -23.51 18.24
N THR D 83 -16.05 -23.18 17.38
CA THR D 83 -15.91 -21.80 16.96
C THR D 83 -17.05 -21.47 16.03
N ARG D 84 -17.33 -20.18 15.91
CA ARG D 84 -18.38 -19.70 15.04
C ARG D 84 -18.22 -20.35 13.65
N ALA D 85 -17.02 -20.28 13.09
CA ALA D 85 -16.75 -20.86 11.77
C ALA D 85 -17.03 -22.36 11.70
N THR D 86 -16.71 -23.09 12.77
CA THR D 86 -16.94 -24.53 12.76
C THR D 86 -18.42 -24.83 12.86
N VAL D 87 -19.16 -23.99 13.58
CA VAL D 87 -20.59 -24.19 13.71
C VAL D 87 -21.22 -24.04 12.34
N LEU D 88 -20.77 -23.05 11.58
CA LEU D 88 -21.30 -22.80 10.26
C LEU D 88 -20.92 -23.89 9.26
N LEU D 89 -19.64 -24.25 9.22
CA LEU D 89 -19.18 -25.31 8.34
C LEU D 89 -19.89 -26.61 8.71
N MET D 90 -20.25 -26.75 9.98
CA MET D 90 -20.89 -27.95 10.45
C MET D 90 -22.27 -28.20 9.86
N GLU D 91 -23.01 -27.15 9.57
CA GLU D 91 -24.32 -27.36 9.01
C GLU D 91 -24.18 -28.01 7.66
N ILE D 92 -23.33 -27.43 6.82
CA ILE D 92 -23.12 -27.97 5.49
C ILE D 92 -22.61 -29.42 5.51
N VAL D 93 -21.49 -29.66 6.20
CA VAL D 93 -20.92 -31.01 6.27
C VAL D 93 -21.92 -32.07 6.77
N LEU D 94 -22.81 -31.68 7.67
CA LEU D 94 -23.79 -32.62 8.20
C LEU D 94 -25.03 -32.75 7.33
N GLU D 95 -25.47 -31.65 6.72
CA GLU D 95 -26.65 -31.68 5.86
C GLU D 95 -26.32 -32.52 4.62
N ASP D 96 -25.04 -32.55 4.28
CA ASP D 96 -24.55 -33.31 3.13
C ASP D 96 -24.54 -34.82 3.39
N ALA D 97 -24.03 -35.22 4.56
CA ALA D 97 -23.99 -36.64 4.91
C ALA D 97 -25.37 -37.27 4.80
N LEU D 98 -26.33 -36.78 5.58
CA LEU D 98 -27.70 -37.30 5.56
C LEU D 98 -28.13 -37.81 4.19
N LYS D 99 -28.01 -36.94 3.18
CA LYS D 99 -28.38 -37.28 1.81
C LYS D 99 -27.38 -38.26 1.17
N VAL D 100 -26.09 -37.94 1.27
CA VAL D 100 -25.03 -38.77 0.71
C VAL D 100 -24.80 -40.10 1.43
N MET D 101 -25.19 -40.16 2.70
CA MET D 101 -25.02 -41.36 3.50
C MET D 101 -25.85 -42.55 3.07
N ASP D 102 -25.15 -43.61 2.65
CA ASP D 102 -25.79 -44.85 2.21
C ASP D 102 -26.65 -45.38 3.35
N GLU D 103 -25.99 -45.99 4.32
CA GLU D 103 -26.65 -46.53 5.50
C GLU D 103 -26.76 -45.42 6.53
N PRO D 104 -27.97 -44.91 6.77
CA PRO D 104 -28.17 -43.84 7.74
C PRO D 104 -28.12 -44.33 9.20
N PHE D 105 -27.09 -43.95 9.93
CA PHE D 105 -26.99 -44.33 11.33
C PHE D 105 -27.44 -43.18 12.23
N PHE D 106 -28.31 -42.35 11.66
CA PHE D 106 -28.92 -41.20 12.32
C PHE D 106 -29.79 -40.49 11.28
N GLY D 107 -31.01 -40.10 11.68
CA GLY D 107 -31.89 -39.41 10.76
C GLY D 107 -31.71 -37.90 10.74
N PRO D 108 -32.48 -37.19 9.92
CA PRO D 108 -32.33 -35.73 9.89
C PRO D 108 -32.71 -35.12 11.23
N GLU D 109 -33.85 -35.54 11.76
CA GLU D 109 -34.36 -35.03 13.03
C GLU D 109 -33.25 -34.89 14.08
N ASP D 110 -32.27 -35.78 14.02
CA ASP D 110 -31.15 -35.75 14.96
C ASP D 110 -30.30 -34.54 14.64
N VAL D 111 -29.84 -34.46 13.40
CA VAL D 111 -29.02 -33.36 12.92
C VAL D 111 -29.61 -32.01 13.32
N GLU D 112 -30.92 -31.91 13.25
CA GLU D 112 -31.59 -30.67 13.62
C GLU D 112 -31.27 -30.38 15.07
N GLU D 113 -31.56 -31.36 15.93
CA GLU D 113 -31.31 -31.24 17.36
C GLU D 113 -29.84 -30.97 17.62
N ALA D 114 -28.95 -31.71 16.98
CA ALA D 114 -27.52 -31.50 17.16
C ALA D 114 -27.17 -30.04 16.94
N LEU D 115 -27.40 -29.54 15.73
CA LEU D 115 -27.10 -28.16 15.40
C LEU D 115 -27.72 -27.18 16.39
N GLY D 116 -28.93 -27.47 16.84
CA GLY D 116 -29.61 -26.60 17.79
C GLY D 116 -28.97 -26.51 19.17
N HIS D 117 -27.88 -27.24 19.37
CA HIS D 117 -27.19 -27.21 20.65
C HIS D 117 -25.80 -26.65 20.46
N LEU D 118 -25.54 -26.13 19.26
CA LEU D 118 -24.24 -25.57 19.00
C LEU D 118 -24.04 -24.22 19.68
N ARG D 119 -23.16 -24.19 20.66
CA ARG D 119 -22.86 -22.95 21.36
C ARG D 119 -21.47 -22.50 20.93
N PRO D 120 -21.35 -21.24 20.50
CA PRO D 120 -20.08 -20.69 20.06
C PRO D 120 -19.10 -20.50 21.18
N LEU D 121 -17.82 -20.71 20.87
CA LEU D 121 -16.71 -20.56 21.82
C LEU D 121 -15.47 -20.30 20.97
N GLU D 122 -14.96 -19.07 21.01
CA GLU D 122 -13.80 -18.73 20.19
C GLU D 122 -12.45 -18.93 20.89
N TYR D 123 -11.38 -18.55 20.18
CA TYR D 123 -10.04 -18.66 20.72
C TYR D 123 -9.94 -17.69 21.88
N GLY D 124 -9.24 -18.10 22.93
CA GLY D 124 -9.05 -17.26 24.10
C GLY D 124 -10.30 -17.08 24.96
N GLU D 125 -11.20 -18.05 24.90
CA GLU D 125 -12.41 -17.98 25.69
C GLU D 125 -12.46 -19.22 26.57
N TRP D 126 -12.54 -19.01 27.87
CA TRP D 126 -12.53 -20.11 28.81
C TRP D 126 -13.88 -20.62 29.21
N LEU D 127 -14.03 -21.93 29.19
CA LEU D 127 -15.25 -22.58 29.56
C LEU D 127 -15.07 -23.11 30.98
N ARG D 128 -16.13 -23.18 31.77
CA ARG D 128 -15.99 -23.67 33.12
C ARG D 128 -16.98 -24.77 33.44
N LEU D 129 -16.44 -25.94 33.77
CA LEU D 129 -17.27 -27.07 34.15
C LEU D 129 -16.65 -27.64 35.41
N GLY D 130 -17.22 -27.30 36.56
CA GLY D 130 -16.65 -27.79 37.80
C GLY D 130 -15.27 -27.18 37.94
N ALA D 131 -14.32 -27.94 38.48
CA ALA D 131 -12.97 -27.43 38.66
C ALA D 131 -12.23 -27.49 37.33
N LEU D 132 -12.95 -27.90 36.29
CA LEU D 132 -12.38 -28.02 34.96
C LEU D 132 -12.38 -26.68 34.23
N SER D 133 -11.32 -26.41 33.45
CA SER D 133 -11.21 -25.18 32.66
C SER D 133 -10.93 -25.64 31.24
N LEU D 134 -11.46 -24.95 30.24
CA LEU D 134 -11.24 -25.37 28.86
C LEU D 134 -11.13 -24.18 27.91
N ALA D 135 -10.34 -24.33 26.86
CA ALA D 135 -10.15 -23.25 25.90
C ALA D 135 -9.53 -23.71 24.57
N PHE D 136 -9.99 -23.13 23.46
CA PHE D 136 -9.46 -23.49 22.15
C PHE D 136 -8.15 -22.76 21.89
N GLY D 137 -7.33 -23.36 21.03
CA GLY D 137 -6.07 -22.77 20.65
C GLY D 137 -5.97 -22.86 19.14
N GLN D 138 -5.22 -21.95 18.53
CA GLN D 138 -5.06 -21.93 17.08
C GLN D 138 -4.44 -23.22 16.49
N ALA D 139 -5.19 -23.90 15.63
CA ALA D 139 -4.74 -25.14 15.01
C ALA D 139 -4.46 -25.00 13.51
N GLY D 140 -4.88 -23.89 12.94
CA GLY D 140 -4.65 -23.63 11.52
C GLY D 140 -4.80 -24.79 10.55
N HIS D 141 -5.81 -25.63 10.74
CA HIS D 141 -6.06 -26.77 9.88
C HIS D 141 -7.38 -26.55 9.11
N LEU D 142 -8.21 -25.66 9.65
CA LEU D 142 -9.48 -25.31 9.04
C LEU D 142 -9.96 -23.99 9.62
N PRO D 143 -10.82 -23.28 8.88
CA PRO D 143 -11.31 -22.01 9.40
C PRO D 143 -12.03 -22.30 10.73
N GLY D 144 -11.45 -21.83 11.83
CA GLY D 144 -12.04 -22.06 13.13
C GLY D 144 -11.69 -23.43 13.68
N SER D 145 -10.49 -23.90 13.35
CA SER D 145 -10.00 -25.20 13.81
C SER D 145 -9.20 -24.96 15.07
N ALA D 146 -9.26 -25.88 16.02
CA ALA D 146 -8.51 -25.69 17.26
C ALA D 146 -8.15 -26.95 18.03
N PHE D 147 -7.25 -26.76 19.00
CA PHE D 147 -6.84 -27.84 19.88
C PHE D 147 -7.37 -27.43 21.26
N VAL D 148 -7.78 -28.40 22.07
CA VAL D 148 -8.33 -28.08 23.38
C VAL D 148 -7.24 -27.98 24.45
N VAL D 149 -7.51 -27.20 25.48
CA VAL D 149 -6.54 -27.06 26.55
C VAL D 149 -7.27 -27.13 27.88
N ALA D 150 -7.36 -28.34 28.43
CA ALA D 150 -8.03 -28.58 29.69
C ALA D 150 -7.09 -28.43 30.88
N GLN D 151 -7.48 -27.62 31.85
CA GLN D 151 -6.66 -27.44 33.03
C GLN D 151 -7.55 -27.69 34.23
N GLY D 152 -7.05 -28.49 35.17
CA GLY D 152 -7.81 -28.80 36.36
C GLY D 152 -7.13 -29.87 37.19
N GLU D 153 -7.44 -29.91 38.48
CA GLU D 153 -6.85 -30.88 39.37
C GLU D 153 -5.34 -30.70 39.29
N GLY D 154 -4.93 -29.43 39.18
CA GLY D 154 -3.53 -29.11 39.10
C GLY D 154 -2.80 -29.64 37.87
N ARG D 155 -3.52 -30.33 36.98
CA ARG D 155 -2.93 -30.91 35.79
C ARG D 155 -3.38 -30.21 34.49
N THR D 156 -2.56 -30.33 33.43
CA THR D 156 -2.87 -29.70 32.14
C THR D 156 -2.85 -30.68 30.97
N LEU D 157 -3.99 -30.77 30.27
CA LEU D 157 -4.11 -31.66 29.11
C LEU D 157 -4.13 -30.84 27.83
N VAL D 158 -3.83 -31.49 26.71
CA VAL D 158 -3.87 -30.83 25.41
C VAL D 158 -4.21 -31.83 24.33
N TYR D 159 -5.37 -31.65 23.72
CA TYR D 159 -5.82 -32.49 22.64
C TYR D 159 -5.62 -31.69 21.37
N SER D 160 -4.56 -32.02 20.64
CA SER D 160 -4.21 -31.32 19.40
C SER D 160 -5.29 -31.26 18.35
N GLY D 161 -6.23 -32.18 18.36
CA GLY D 161 -7.25 -32.17 17.33
C GLY D 161 -6.43 -32.36 16.06
N ASP D 162 -6.78 -31.70 14.97
CA ASP D 162 -5.99 -31.84 13.75
C ASP D 162 -5.21 -30.57 13.42
N LEU D 163 -3.90 -30.69 13.28
CA LEU D 163 -3.04 -29.55 12.94
C LEU D 163 -2.97 -29.37 11.43
N GLY D 164 -2.46 -28.24 10.98
CA GLY D 164 -2.39 -27.99 9.55
C GLY D 164 -1.00 -27.77 8.97
N ASN D 165 -0.97 -27.35 7.70
CA ASN D 165 0.27 -27.10 7.01
C ASN D 165 0.73 -25.66 7.20
N ARG D 166 1.56 -25.45 8.22
CA ARG D 166 2.06 -24.13 8.57
C ARG D 166 2.89 -23.47 7.48
N GLU D 167 2.78 -24.00 6.26
CA GLU D 167 3.52 -23.45 5.12
C GLU D 167 2.59 -22.92 4.04
N LYS D 168 1.32 -23.31 4.09
CA LYS D 168 0.36 -22.83 3.09
C LYS D 168 0.07 -21.37 3.39
N ASP D 169 -0.94 -20.79 2.75
CA ASP D 169 -1.23 -19.37 2.97
C ASP D 169 -2.61 -19.04 3.53
N VAL D 170 -3.67 -19.59 2.92
CA VAL D 170 -5.05 -19.33 3.33
C VAL D 170 -5.37 -19.34 4.85
N LEU D 171 -4.81 -20.31 5.58
CA LEU D 171 -5.03 -20.44 7.02
C LEU D 171 -3.81 -19.96 7.80
N PRO D 172 -4.00 -19.59 9.08
CA PRO D 172 -2.90 -19.13 9.92
C PRO D 172 -2.06 -20.26 10.54
N ASP D 173 -0.87 -19.94 11.04
CA ASP D 173 0.01 -20.95 11.65
C ASP D 173 -0.52 -21.46 12.99
N PRO D 174 -0.66 -22.78 13.13
CA PRO D 174 -1.16 -23.32 14.39
C PRO D 174 -0.28 -22.80 15.52
N SER D 175 -0.89 -22.43 16.63
CA SER D 175 -0.17 -21.91 17.80
C SER D 175 0.59 -23.00 18.53
N LEU D 176 1.78 -22.69 19.02
CA LEU D 176 2.52 -23.69 19.77
C LEU D 176 1.62 -23.97 20.96
N PRO D 177 1.58 -25.22 21.42
CA PRO D 177 0.73 -25.55 22.57
C PRO D 177 1.39 -25.11 23.86
N PRO D 178 0.65 -25.16 24.97
CA PRO D 178 1.25 -24.76 26.25
C PRO D 178 2.10 -25.94 26.75
N LEU D 179 2.67 -25.83 27.95
CA LEU D 179 3.46 -26.93 28.49
C LEU D 179 2.49 -27.80 29.27
N ALA D 180 2.24 -29.01 28.77
CA ALA D 180 1.29 -29.90 29.41
C ALA D 180 1.83 -31.23 29.95
N ASP D 181 1.19 -31.73 30.99
CA ASP D 181 1.56 -32.97 31.62
C ASP D 181 1.03 -34.14 30.80
N LEU D 182 0.65 -33.85 29.56
CA LEU D 182 0.13 -34.86 28.64
C LEU D 182 -0.48 -34.19 27.41
N VAL D 183 -0.11 -34.68 26.23
CA VAL D 183 -0.62 -34.13 24.99
C VAL D 183 -1.12 -35.23 24.08
N LEU D 184 -2.43 -35.46 24.08
CA LEU D 184 -3.00 -36.47 23.19
C LEU D 184 -2.83 -35.82 21.81
N ALA D 185 -1.88 -36.30 21.02
CA ALA D 185 -1.61 -35.69 19.71
C ALA D 185 -1.89 -36.57 18.50
N GLU D 186 -1.88 -35.94 17.33
CA GLU D 186 -2.13 -36.66 16.07
C GLU D 186 -0.80 -36.93 15.37
N GLY D 187 -0.90 -37.50 14.17
CA GLY D 187 0.28 -37.80 13.38
C GLY D 187 -0.08 -38.41 12.04
N THR D 188 -1.17 -37.91 11.44
CA THR D 188 -1.62 -38.41 10.14
C THR D 188 -0.42 -38.61 9.20
N TYR D 189 0.56 -37.70 9.29
CA TYR D 189 1.78 -37.77 8.48
C TYR D 189 2.97 -37.76 9.44
N GLY D 190 3.04 -38.78 10.30
CA GLY D 190 4.11 -38.87 11.27
C GLY D 190 5.28 -39.72 10.82
N ASP D 191 5.34 -40.04 9.53
CA ASP D 191 6.42 -40.86 8.99
C ASP D 191 7.13 -40.16 7.83
N ARG D 192 6.81 -38.89 7.61
CA ARG D 192 7.41 -38.14 6.52
C ARG D 192 6.99 -36.67 6.55
N PRO D 193 7.73 -35.80 5.83
CA PRO D 193 7.42 -34.37 5.77
C PRO D 193 6.50 -34.11 4.59
N HIS D 194 6.59 -32.90 4.04
CA HIS D 194 5.78 -32.52 2.90
C HIS D 194 6.64 -31.84 1.85
N ARG D 195 6.11 -31.74 0.63
CA ARG D 195 6.83 -31.10 -0.46
C ARG D 195 6.69 -29.59 -0.37
N PRO D 196 7.75 -28.88 0.07
CA PRO D 196 7.78 -27.43 0.22
C PRO D 196 6.73 -26.73 -0.61
N TYR D 197 5.89 -25.93 0.04
CA TYR D 197 4.81 -25.23 -0.63
C TYR D 197 5.28 -24.42 -1.84
N ARG D 198 6.30 -23.61 -1.65
CA ARG D 198 6.83 -22.77 -2.73
C ARG D 198 6.74 -23.47 -4.09
N GLU D 199 7.73 -24.33 -4.35
CA GLU D 199 7.80 -25.07 -5.61
C GLU D 199 6.47 -25.71 -6.00
N THR D 200 5.76 -26.26 -5.01
CA THR D 200 4.48 -26.91 -5.24
C THR D 200 3.52 -25.98 -5.96
N VAL D 201 3.65 -24.67 -5.71
CA VAL D 201 2.79 -23.68 -6.34
C VAL D 201 3.15 -23.60 -7.83
N ARG D 202 4.44 -23.34 -8.08
CA ARG D 202 4.98 -23.22 -9.42
C ARG D 202 4.72 -24.48 -10.22
N GLU D 203 5.05 -25.63 -9.63
CA GLU D 203 4.85 -26.91 -10.28
C GLU D 203 3.38 -27.03 -10.71
N PHE D 204 2.49 -26.61 -9.81
CA PHE D 204 1.06 -26.67 -10.09
C PHE D 204 0.64 -25.70 -11.19
N LEU D 205 1.30 -24.55 -11.24
CA LEU D 205 1.00 -23.53 -12.23
C LEU D 205 1.32 -24.01 -13.65
N GLU D 206 2.56 -24.45 -13.85
CA GLU D 206 3.03 -24.95 -15.14
C GLU D 206 2.05 -25.95 -15.72
N ILE D 207 1.76 -26.98 -14.94
CA ILE D 207 0.85 -28.04 -15.34
C ILE D 207 -0.50 -27.52 -15.86
N LEU D 208 -0.94 -26.38 -15.36
CA LEU D 208 -2.22 -25.79 -15.79
C LEU D 208 -2.09 -25.16 -17.18
N GLU D 209 -1.00 -24.43 -17.40
CA GLU D 209 -0.76 -23.78 -18.67
C GLU D 209 -0.61 -24.81 -19.77
N LYS D 210 0.48 -25.58 -19.69
CA LYS D 210 0.79 -26.62 -20.67
C LYS D 210 -0.44 -27.25 -21.30
N THR D 211 -1.48 -27.48 -20.51
CA THR D 211 -2.71 -28.08 -21.03
C THR D 211 -3.65 -27.05 -21.62
N LEU D 212 -4.05 -26.05 -20.83
CA LEU D 212 -4.96 -25.02 -21.31
C LEU D 212 -4.42 -24.41 -22.61
N SER D 213 -3.10 -24.26 -22.67
CA SER D 213 -2.43 -23.69 -23.84
C SER D 213 -2.73 -24.47 -25.10
N GLN D 214 -3.13 -25.73 -24.93
CA GLN D 214 -3.46 -26.59 -26.04
C GLN D 214 -4.92 -27.06 -25.97
N GLY D 215 -5.82 -26.13 -25.66
CA GLY D 215 -7.22 -26.45 -25.57
C GLY D 215 -7.55 -27.65 -24.70
N GLY D 216 -6.59 -28.09 -23.90
CA GLY D 216 -6.81 -29.22 -23.02
C GLY D 216 -7.42 -28.79 -21.70
N LYS D 217 -7.78 -29.76 -20.87
CA LYS D 217 -8.39 -29.48 -19.57
C LYS D 217 -7.46 -29.88 -18.43
N VAL D 218 -7.92 -29.64 -17.20
CA VAL D 218 -7.15 -29.97 -16.00
C VAL D 218 -8.08 -30.53 -14.92
N LEU D 219 -7.92 -31.82 -14.65
CA LEU D 219 -8.74 -32.49 -13.64
C LEU D 219 -8.20 -32.21 -12.25
N ILE D 220 -9.09 -31.78 -11.35
CA ILE D 220 -8.70 -31.49 -9.98
C ILE D 220 -9.76 -31.92 -8.98
N PRO D 221 -9.47 -32.99 -8.23
CA PRO D 221 -10.34 -33.58 -7.20
C PRO D 221 -10.10 -32.89 -5.85
N THR D 222 -11.16 -32.32 -5.28
CA THR D 222 -11.02 -31.62 -4.01
C THR D 222 -12.27 -31.69 -3.14
N PHE D 223 -12.08 -31.82 -1.83
CA PHE D 223 -13.20 -31.86 -0.91
C PHE D 223 -13.78 -30.46 -0.87
N ALA D 224 -15.09 -30.37 -1.02
CA ALA D 224 -15.79 -29.09 -1.01
C ALA D 224 -15.69 -28.40 0.35
N VAL D 225 -14.54 -28.52 1.01
CA VAL D 225 -14.37 -27.87 2.30
C VAL D 225 -13.26 -26.83 2.28
N GLU D 226 -12.02 -27.24 2.49
CA GLU D 226 -10.93 -26.27 2.49
C GLU D 226 -10.13 -26.37 1.19
N ARG D 227 -9.64 -27.57 0.96
CA ARG D 227 -8.83 -27.90 -0.22
C ARG D 227 -9.37 -27.25 -1.49
N ALA D 228 -10.66 -27.46 -1.75
CA ALA D 228 -11.30 -26.91 -2.94
C ALA D 228 -10.98 -25.45 -3.17
N GLN D 229 -11.65 -24.56 -2.44
CA GLN D 229 -11.43 -23.13 -2.60
C GLN D 229 -10.01 -22.67 -2.31
N GLU D 230 -9.19 -23.50 -1.67
CA GLU D 230 -7.83 -23.07 -1.44
C GLU D 230 -7.13 -23.09 -2.79
N ILE D 231 -7.76 -23.75 -3.76
CA ILE D 231 -7.25 -23.84 -5.11
C ILE D 231 -7.55 -22.51 -5.79
N LEU D 232 -8.83 -22.19 -5.86
CA LEU D 232 -9.30 -20.94 -6.44
C LEU D 232 -8.49 -19.76 -5.92
N TYR D 233 -7.78 -19.95 -4.82
CA TYR D 233 -6.96 -18.90 -4.24
C TYR D 233 -5.62 -18.82 -4.96
N VAL D 234 -5.00 -19.98 -5.15
CA VAL D 234 -3.70 -20.04 -5.83
C VAL D 234 -3.89 -19.60 -7.28
N LEU D 235 -5.14 -19.65 -7.72
CA LEU D 235 -5.47 -19.24 -9.08
C LEU D 235 -5.75 -17.73 -9.07
N TYR D 236 -6.62 -17.29 -8.17
CA TYR D 236 -6.97 -15.88 -8.05
C TYR D 236 -5.71 -15.02 -7.91
N THR D 237 -4.73 -15.50 -7.17
CA THR D 237 -3.51 -14.75 -6.96
C THR D 237 -2.52 -14.87 -8.11
N HIS D 238 -2.52 -16.02 -8.76
CA HIS D 238 -1.60 -16.26 -9.86
C HIS D 238 -2.33 -16.57 -11.17
N GLY D 239 -3.48 -15.95 -11.38
CA GLY D 239 -4.24 -16.19 -12.59
C GLY D 239 -3.81 -15.25 -13.70
N HIS D 240 -3.14 -14.18 -13.32
CA HIS D 240 -2.64 -13.17 -14.24
C HIS D 240 -1.61 -13.76 -15.21
N ARG D 241 -0.88 -14.76 -14.75
CA ARG D 241 0.14 -15.43 -15.57
C ARG D 241 -0.37 -16.78 -16.04
N LEU D 242 -1.65 -16.85 -16.38
CA LEU D 242 -2.27 -18.08 -16.84
C LEU D 242 -3.15 -17.85 -18.06
N PRO D 243 -2.96 -18.64 -19.11
CA PRO D 243 -3.72 -18.54 -20.36
C PRO D 243 -5.24 -18.58 -20.16
N ARG D 244 -5.93 -17.65 -20.83
CA ARG D 244 -7.39 -17.56 -20.76
C ARG D 244 -8.04 -18.94 -20.74
N ALA D 245 -8.96 -19.11 -19.79
CA ALA D 245 -9.67 -20.38 -19.65
C ALA D 245 -10.59 -20.30 -18.43
N PRO D 246 -11.90 -20.52 -18.64
CA PRO D 246 -12.84 -20.46 -17.51
C PRO D 246 -12.55 -21.53 -16.47
N ILE D 247 -12.91 -21.25 -15.21
CA ILE D 247 -12.71 -22.19 -14.12
C ILE D 247 -14.07 -22.49 -13.50
N TYR D 248 -14.61 -23.67 -13.84
CA TYR D 248 -15.90 -24.07 -13.33
C TYR D 248 -15.74 -24.85 -12.02
N LEU D 249 -16.42 -24.40 -10.99
CA LEU D 249 -16.36 -25.11 -9.72
C LEU D 249 -17.53 -26.08 -9.77
N ASP D 250 -17.23 -27.34 -10.02
CA ASP D 250 -18.27 -28.36 -10.11
C ASP D 250 -18.49 -29.06 -8.79
N SER D 251 -19.32 -28.46 -7.96
CA SER D 251 -19.65 -28.99 -6.64
C SER D 251 -20.60 -28.04 -5.92
N PRO D 252 -21.92 -28.25 -6.07
CA PRO D 252 -22.96 -27.43 -5.46
C PRO D 252 -22.73 -27.24 -3.96
N MET D 253 -21.88 -28.09 -3.39
CA MET D 253 -21.53 -28.00 -1.97
C MET D 253 -20.32 -27.08 -1.85
N ALA D 254 -19.31 -27.33 -2.68
CA ALA D 254 -18.11 -26.50 -2.67
C ALA D 254 -18.51 -25.04 -2.82
N GLY D 255 -19.71 -24.84 -3.39
CA GLY D 255 -20.23 -23.50 -3.58
C GLY D 255 -20.70 -22.95 -2.25
N ARG D 256 -21.64 -23.66 -1.61
CA ARG D 256 -22.17 -23.23 -0.32
C ARG D 256 -21.04 -22.82 0.62
N VAL D 257 -19.88 -23.46 0.45
CA VAL D 257 -18.71 -23.16 1.25
C VAL D 257 -18.08 -21.83 0.85
N LEU D 258 -17.78 -21.68 -0.43
CA LEU D 258 -17.19 -20.43 -0.91
C LEU D 258 -18.16 -19.30 -0.57
N SER D 259 -19.45 -19.59 -0.70
CA SER D 259 -20.49 -18.62 -0.40
C SER D 259 -20.50 -18.29 1.09
N LEU D 260 -19.62 -18.94 1.85
CA LEU D 260 -19.57 -18.74 3.28
C LEU D 260 -18.31 -18.02 3.70
N TYR D 261 -17.22 -18.30 3.01
CA TYR D 261 -15.95 -17.68 3.33
C TYR D 261 -16.01 -16.18 3.55
N PRO D 262 -16.69 -15.43 2.67
CA PRO D 262 -16.74 -13.98 2.91
C PRO D 262 -17.13 -13.69 4.37
N ARG D 263 -17.96 -14.57 4.95
CA ARG D 263 -18.42 -14.41 6.33
C ARG D 263 -17.36 -14.79 7.36
N LEU D 264 -16.50 -15.73 7.01
CA LEU D 264 -15.45 -16.20 7.92
C LEU D 264 -14.09 -15.54 7.75
N VAL D 265 -14.06 -14.42 7.05
CA VAL D 265 -12.82 -13.70 6.81
C VAL D 265 -11.86 -13.60 7.98
N ARG D 266 -12.39 -13.43 9.20
CA ARG D 266 -11.53 -13.30 10.38
C ARG D 266 -10.76 -14.59 10.73
N TYR D 267 -11.28 -15.71 10.23
CA TYR D 267 -10.70 -17.01 10.49
C TYR D 267 -9.56 -17.39 9.57
N PHE D 268 -9.15 -16.51 8.67
CA PHE D 268 -8.07 -16.83 7.76
C PHE D 268 -6.76 -16.16 8.14
N SER D 269 -5.75 -16.36 7.31
CA SER D 269 -4.44 -15.78 7.56
C SER D 269 -4.48 -14.28 7.31
N GLU D 270 -3.59 -13.54 7.97
CA GLU D 270 -3.54 -12.08 7.81
C GLU D 270 -3.60 -11.76 6.32
N GLU D 271 -2.68 -12.34 5.56
CA GLU D 271 -2.66 -12.11 4.12
C GLU D 271 -4.08 -12.22 3.58
N VAL D 272 -4.67 -13.41 3.64
CA VAL D 272 -6.03 -13.60 3.14
C VAL D 272 -6.98 -12.54 3.68
N GLN D 273 -6.65 -11.98 4.83
CA GLN D 273 -7.49 -10.94 5.43
C GLN D 273 -7.14 -9.61 4.79
N ALA D 274 -5.84 -9.40 4.55
CA ALA D 274 -5.36 -8.19 3.93
C ALA D 274 -6.10 -7.99 2.61
N HIS D 275 -6.33 -9.09 1.91
CA HIS D 275 -7.01 -9.04 0.63
C HIS D 275 -8.47 -8.63 0.79
N PHE D 276 -9.17 -9.26 1.72
CA PHE D 276 -10.58 -8.94 1.93
C PHE D 276 -10.76 -7.48 2.28
N LEU D 277 -9.77 -6.91 2.97
CA LEU D 277 -9.82 -5.52 3.39
C LEU D 277 -9.73 -4.58 2.21
N GLN D 278 -9.17 -5.06 1.10
CA GLN D 278 -9.05 -4.24 -0.11
C GLN D 278 -10.36 -4.29 -0.87
N GLY D 279 -11.36 -4.96 -0.31
CA GLY D 279 -12.65 -5.08 -0.95
C GLY D 279 -12.63 -6.23 -1.94
N LYS D 280 -11.48 -6.90 -2.01
CA LYS D 280 -11.30 -8.03 -2.92
C LYS D 280 -11.52 -9.40 -2.25
N ASN D 281 -12.27 -10.28 -2.91
CA ASN D 281 -12.52 -11.64 -2.42
C ASN D 281 -11.56 -12.59 -3.14
N PRO D 282 -10.36 -12.81 -2.58
CA PRO D 282 -9.38 -13.69 -3.22
C PRO D 282 -9.81 -15.13 -3.43
N PHE D 283 -11.11 -15.39 -3.39
CA PHE D 283 -11.61 -16.74 -3.58
C PHE D 283 -12.56 -16.92 -4.77
N ARG D 284 -12.47 -16.02 -5.74
CA ARG D 284 -13.31 -16.11 -6.94
C ARG D 284 -12.49 -15.59 -8.12
N PRO D 285 -11.37 -16.26 -8.43
CA PRO D 285 -10.47 -15.89 -9.54
C PRO D 285 -11.22 -15.65 -10.84
N ALA D 286 -10.70 -14.73 -11.64
CA ALA D 286 -11.31 -14.38 -12.92
C ALA D 286 -11.67 -15.62 -13.72
N GLY D 287 -12.89 -15.64 -14.25
CA GLY D 287 -13.34 -16.77 -15.04
C GLY D 287 -14.14 -17.78 -14.24
N LEU D 288 -14.07 -17.69 -12.93
CA LEU D 288 -14.78 -18.60 -12.05
C LEU D 288 -16.26 -18.69 -12.40
N GLU D 289 -16.86 -19.84 -12.14
CA GLU D 289 -18.27 -20.06 -12.43
C GLU D 289 -18.74 -21.29 -11.68
N VAL D 290 -19.70 -21.09 -10.77
CA VAL D 290 -20.23 -22.21 -10.00
C VAL D 290 -21.40 -22.83 -10.71
N VAL D 291 -21.25 -24.11 -11.05
CA VAL D 291 -22.28 -24.85 -11.75
C VAL D 291 -23.11 -25.63 -10.74
N GLU D 292 -24.42 -25.37 -10.72
CA GLU D 292 -25.30 -26.05 -9.79
C GLU D 292 -25.69 -27.42 -10.31
N HIS D 293 -26.87 -27.50 -10.93
CA HIS D 293 -27.38 -28.76 -11.47
C HIS D 293 -26.34 -29.52 -12.30
N THR D 294 -26.41 -30.85 -12.27
CA THR D 294 -25.49 -31.71 -13.00
C THR D 294 -25.48 -31.34 -14.49
N GLU D 295 -26.66 -31.02 -14.99
CA GLU D 295 -26.89 -30.65 -16.38
C GLU D 295 -25.70 -29.97 -17.07
N ALA D 296 -25.19 -28.89 -16.49
CA ALA D 296 -24.06 -28.15 -17.07
C ALA D 296 -22.70 -28.79 -16.85
N SER D 297 -22.60 -29.71 -15.90
CA SER D 297 -21.33 -30.37 -15.63
C SER D 297 -21.08 -31.40 -16.72
N LYS D 298 -22.15 -32.08 -17.12
CA LYS D 298 -22.07 -33.09 -18.17
C LYS D 298 -21.72 -32.41 -19.50
N ALA D 299 -22.10 -31.14 -19.61
CA ALA D 299 -21.83 -30.37 -20.81
C ALA D 299 -20.35 -29.99 -20.90
N LEU D 300 -19.64 -30.07 -19.78
CA LEU D 300 -18.23 -29.74 -19.75
C LEU D 300 -17.40 -30.83 -20.41
N ASN D 301 -17.84 -32.07 -20.25
CA ASN D 301 -17.15 -33.23 -20.83
C ASN D 301 -17.18 -33.17 -22.35
N ARG D 302 -18.32 -32.77 -22.89
CA ARG D 302 -18.52 -32.65 -24.33
C ARG D 302 -17.89 -31.37 -24.89
N ALA D 303 -17.89 -30.30 -24.09
CA ALA D 303 -17.31 -29.04 -24.52
C ALA D 303 -15.79 -29.15 -24.59
N PRO D 304 -15.19 -28.61 -25.66
CA PRO D 304 -13.74 -28.67 -25.82
C PRO D 304 -13.02 -27.73 -24.86
N GLY D 305 -11.86 -28.14 -24.38
CA GLY D 305 -11.11 -27.29 -23.48
C GLY D 305 -10.66 -26.04 -24.22
N PRO D 306 -9.84 -25.18 -23.61
CA PRO D 306 -9.32 -25.35 -22.25
C PRO D 306 -10.36 -24.99 -21.19
N MET D 307 -10.09 -25.40 -19.95
CA MET D 307 -10.97 -25.15 -18.82
C MET D 307 -10.52 -25.93 -17.59
N VAL D 308 -10.12 -25.21 -16.54
CA VAL D 308 -9.68 -25.85 -15.30
C VAL D 308 -10.92 -26.34 -14.55
N VAL D 309 -10.87 -27.59 -14.09
CA VAL D 309 -12.00 -28.18 -13.40
C VAL D 309 -11.78 -28.55 -11.92
N LEU D 310 -12.77 -28.20 -11.09
CA LEU D 310 -12.74 -28.49 -9.67
C LEU D 310 -14.01 -29.25 -9.31
N ALA D 311 -13.86 -30.46 -8.81
CA ALA D 311 -15.00 -31.27 -8.42
C ALA D 311 -14.59 -32.38 -7.45
N GLY D 312 -15.59 -32.96 -6.79
CA GLY D 312 -15.35 -34.03 -5.84
C GLY D 312 -16.15 -35.29 -6.12
N SER D 313 -16.02 -36.30 -5.28
CA SER D 313 -15.18 -36.27 -4.09
C SER D 313 -13.71 -36.05 -4.42
N GLY D 314 -12.89 -35.86 -3.39
CA GLY D 314 -11.48 -35.63 -3.61
C GLY D 314 -10.67 -36.91 -3.60
N MET D 315 -11.32 -38.02 -3.27
CA MET D 315 -10.66 -39.32 -3.24
C MET D 315 -11.18 -40.22 -4.34
N LEU D 316 -12.05 -39.66 -5.17
CA LEU D 316 -12.64 -40.37 -6.30
C LEU D 316 -13.70 -41.36 -5.85
N ALA D 317 -13.92 -41.46 -4.54
CA ALA D 317 -14.91 -42.37 -3.99
C ALA D 317 -16.31 -41.84 -4.30
N GLY D 318 -16.66 -41.86 -5.58
CA GLY D 318 -17.95 -41.36 -6.00
C GLY D 318 -17.80 -39.90 -6.41
N GLY D 319 -18.90 -39.16 -6.39
CA GLY D 319 -18.83 -37.75 -6.75
C GLY D 319 -18.83 -37.52 -8.26
N ARG D 320 -18.67 -36.27 -8.66
CA ARG D 320 -18.67 -35.91 -10.07
C ARG D 320 -17.27 -35.55 -10.59
N ILE D 321 -16.28 -36.30 -10.14
CA ILE D 321 -14.89 -36.12 -10.55
C ILE D 321 -14.60 -37.26 -11.53
N LEU D 322 -15.38 -38.32 -11.39
CA LEU D 322 -15.27 -39.51 -12.22
C LEU D 322 -15.65 -39.19 -13.66
N HIS D 323 -16.76 -38.48 -13.83
CA HIS D 323 -17.23 -38.11 -15.15
C HIS D 323 -16.18 -37.27 -15.87
N HIS D 324 -15.64 -36.27 -15.16
CA HIS D 324 -14.62 -35.40 -15.75
C HIS D 324 -13.28 -36.14 -15.77
N LEU D 325 -13.30 -37.39 -15.33
CA LEU D 325 -12.12 -38.25 -15.32
C LEU D 325 -12.36 -39.39 -16.31
N LYS D 326 -13.61 -39.55 -16.69
CA LYS D 326 -14.02 -40.59 -17.63
C LYS D 326 -13.87 -40.06 -19.05
N HIS D 327 -14.77 -39.15 -19.43
CA HIS D 327 -14.74 -38.56 -20.76
C HIS D 327 -13.58 -37.58 -20.84
N GLY D 328 -12.45 -37.94 -20.23
CA GLY D 328 -11.29 -37.06 -20.24
C GLY D 328 -9.96 -37.73 -19.98
N LEU D 329 -9.96 -38.80 -19.18
CA LEU D 329 -8.71 -39.49 -18.88
C LEU D 329 -8.11 -39.93 -20.20
N SER D 330 -8.98 -40.06 -21.21
CA SER D 330 -8.58 -40.46 -22.54
C SER D 330 -7.62 -39.45 -23.18
N ASP D 331 -8.17 -38.39 -23.76
CA ASP D 331 -7.37 -37.34 -24.41
C ASP D 331 -6.05 -37.08 -23.70
N PRO D 332 -4.92 -37.33 -24.40
CA PRO D 332 -3.57 -37.13 -23.85
C PRO D 332 -3.21 -35.69 -23.55
N ARG D 333 -4.04 -34.75 -24.00
CA ARG D 333 -3.79 -33.34 -23.76
C ARG D 333 -4.21 -32.96 -22.34
N ASN D 334 -5.37 -33.47 -21.91
CA ASN D 334 -5.89 -33.20 -20.59
C ASN D 334 -4.92 -33.54 -19.47
N ALA D 335 -5.14 -32.92 -18.30
CA ALA D 335 -4.30 -33.14 -17.14
C ALA D 335 -5.10 -33.62 -15.92
N LEU D 336 -4.41 -34.32 -15.02
CA LEU D 336 -5.02 -34.86 -13.81
C LEU D 336 -4.12 -34.44 -12.65
N VAL D 337 -4.61 -33.52 -11.83
CA VAL D 337 -3.84 -33.02 -10.70
C VAL D 337 -4.37 -33.47 -9.35
N PHE D 338 -3.56 -34.23 -8.63
CA PHE D 338 -3.93 -34.70 -7.30
C PHE D 338 -3.42 -33.72 -6.27
N VAL D 339 -4.36 -33.10 -5.55
CA VAL D 339 -4.01 -32.13 -4.53
C VAL D 339 -4.02 -32.76 -3.13
N GLY D 340 -4.75 -33.85 -2.97
CA GLY D 340 -4.82 -34.52 -1.69
C GLY D 340 -4.45 -36.00 -1.67
N TYR D 341 -4.13 -36.50 -0.49
CA TYR D 341 -3.75 -37.90 -0.30
C TYR D 341 -4.84 -38.86 -0.75
N GLN D 342 -4.42 -40.00 -1.28
CA GLN D 342 -5.33 -41.03 -1.76
C GLN D 342 -5.11 -42.35 -1.02
N PRO D 343 -6.22 -43.03 -0.63
CA PRO D 343 -6.15 -44.30 0.08
C PRO D 343 -5.59 -45.40 -0.81
N GLN D 344 -4.43 -45.94 -0.44
CA GLN D 344 -3.81 -47.00 -1.23
C GLN D 344 -4.84 -48.05 -1.60
N GLY D 345 -4.58 -48.79 -2.68
CA GLY D 345 -5.51 -49.80 -3.13
C GLY D 345 -6.82 -49.12 -3.47
N GLY D 346 -6.74 -47.84 -3.83
CA GLY D 346 -7.92 -47.08 -4.17
C GLY D 346 -7.90 -46.58 -5.60
N LEU D 347 -9.08 -46.23 -6.11
CA LEU D 347 -9.23 -45.75 -7.47
C LEU D 347 -8.13 -44.77 -7.87
N GLY D 348 -7.62 -44.01 -6.90
CA GLY D 348 -6.58 -43.05 -7.19
C GLY D 348 -5.19 -43.60 -7.00
N ALA D 349 -5.07 -44.59 -6.12
CA ALA D 349 -3.78 -45.22 -5.84
C ALA D 349 -3.25 -45.93 -7.08
N GLU D 350 -4.17 -46.47 -7.88
CA GLU D 350 -3.79 -47.17 -9.09
C GLU D 350 -3.37 -46.20 -10.18
N ILE D 351 -4.22 -45.22 -10.46
CA ILE D 351 -3.95 -44.23 -11.49
C ILE D 351 -2.61 -43.53 -11.30
N ILE D 352 -1.93 -43.85 -10.19
CA ILE D 352 -0.62 -43.26 -9.91
C ILE D 352 0.51 -44.21 -10.32
N ALA D 353 0.40 -45.48 -9.95
CA ALA D 353 1.42 -46.46 -10.32
C ALA D 353 1.53 -46.40 -11.84
N ARG D 354 0.40 -46.07 -12.46
CA ARG D 354 0.25 -45.92 -13.90
C ARG D 354 -0.04 -47.15 -14.75
N PRO D 355 -1.30 -47.64 -14.69
CA PRO D 355 -1.69 -48.82 -15.46
C PRO D 355 -2.07 -48.33 -16.86
N PRO D 356 -1.86 -49.15 -17.91
CA PRO D 356 -2.20 -48.70 -19.25
C PRO D 356 -3.60 -48.11 -19.35
N ALA D 357 -4.52 -48.65 -18.56
CA ALA D 357 -5.90 -48.17 -18.54
C ALA D 357 -6.50 -48.32 -17.15
N VAL D 358 -7.77 -47.92 -17.01
CA VAL D 358 -8.49 -47.99 -15.74
C VAL D 358 -10.00 -48.13 -15.93
N ARG D 359 -10.66 -48.73 -14.95
CA ARG D 359 -12.11 -48.92 -14.97
C ARG D 359 -12.80 -47.82 -14.17
N ILE D 360 -13.82 -47.21 -14.76
CA ILE D 360 -14.54 -46.12 -14.11
C ILE D 360 -16.00 -46.10 -14.55
N LEU D 361 -16.89 -46.56 -13.69
CA LEU D 361 -18.33 -46.60 -13.97
C LEU D 361 -18.70 -47.60 -15.06
N GLY D 362 -18.27 -48.85 -14.90
CA GLY D 362 -18.59 -49.87 -15.88
C GLY D 362 -18.08 -49.62 -17.29
N GLU D 363 -16.78 -49.34 -17.42
CA GLU D 363 -16.18 -49.09 -18.73
C GLU D 363 -14.70 -48.73 -18.63
N GLU D 364 -13.85 -49.71 -18.89
CA GLU D 364 -12.40 -49.52 -18.85
C GLU D 364 -12.04 -48.30 -19.70
N VAL D 365 -10.94 -47.65 -19.37
CA VAL D 365 -10.50 -46.47 -20.10
C VAL D 365 -8.99 -46.32 -20.04
N PRO D 366 -8.38 -45.80 -21.12
CA PRO D 366 -6.94 -45.57 -21.25
C PRO D 366 -6.34 -44.66 -20.18
N LEU D 367 -5.06 -44.32 -20.35
CA LEU D 367 -4.36 -43.45 -19.42
C LEU D 367 -3.49 -42.46 -20.20
N ARG D 368 -4.03 -41.93 -21.29
CA ARG D 368 -3.29 -40.98 -22.11
C ARG D 368 -3.19 -39.61 -21.44
N ALA D 369 -4.03 -39.38 -20.45
CA ALA D 369 -4.02 -38.12 -19.72
C ALA D 369 -2.76 -38.01 -18.86
N SER D 370 -2.41 -36.79 -18.46
CA SER D 370 -1.21 -36.55 -17.66
C SER D 370 -1.50 -36.52 -16.16
N VAL D 371 -0.98 -37.52 -15.43
CA VAL D 371 -1.20 -37.59 -13.99
C VAL D 371 -0.03 -37.00 -13.20
N HIS D 372 -0.34 -36.23 -12.17
CA HIS D 372 0.68 -35.60 -11.32
C HIS D 372 0.25 -35.66 -9.86
N THR D 373 1.18 -36.03 -8.98
CA THR D 373 0.89 -36.12 -7.56
C THR D 373 1.39 -34.88 -6.82
N LEU D 374 0.46 -34.03 -6.38
CA LEU D 374 0.81 -32.81 -5.66
C LEU D 374 0.59 -32.94 -4.15
N GLY D 375 1.64 -33.39 -3.46
CA GLY D 375 1.56 -33.56 -2.02
C GLY D 375 1.92 -32.30 -1.25
N GLY D 376 1.87 -31.16 -1.92
CA GLY D 376 2.17 -29.90 -1.27
C GLY D 376 0.87 -29.35 -0.74
N PHE D 377 -0.20 -29.58 -1.50
CA PHE D 377 -1.54 -29.12 -1.16
C PHE D 377 -2.14 -29.98 -0.05
N SER D 378 -1.39 -30.17 1.04
CA SER D 378 -1.86 -30.98 2.15
C SER D 378 -2.49 -30.16 3.28
N GLY D 379 -3.64 -30.62 3.75
CA GLY D 379 -4.33 -29.93 4.83
C GLY D 379 -3.75 -30.34 6.17
N ALA D 380 -3.04 -31.46 6.18
CA ALA D 380 -2.42 -31.96 7.39
C ALA D 380 -1.02 -31.38 7.54
N ALA D 381 -0.48 -31.46 8.75
CA ALA D 381 0.85 -30.94 9.01
C ALA D 381 1.87 -32.00 8.60
N GLY D 382 3.12 -31.81 8.98
CA GLY D 382 4.15 -32.76 8.62
C GLY D 382 5.00 -33.18 9.81
N GLN D 383 5.58 -34.38 9.71
CA GLN D 383 6.43 -34.93 10.75
C GLN D 383 7.37 -33.88 11.35
N ASP D 384 7.94 -33.04 10.50
CA ASP D 384 8.86 -31.98 10.93
C ASP D 384 8.12 -30.93 11.76
N GLU D 385 6.94 -30.57 11.30
CA GLU D 385 6.12 -29.57 11.99
C GLU D 385 5.63 -30.14 13.34
N LEU D 386 5.32 -31.43 13.35
CA LEU D 386 4.87 -32.08 14.57
C LEU D 386 6.01 -32.11 15.57
N LEU D 387 7.18 -32.56 15.13
CA LEU D 387 8.34 -32.60 16.03
C LEU D 387 8.61 -31.20 16.53
N ASP D 388 8.02 -30.23 15.83
CA ASP D 388 8.18 -28.82 16.19
C ASP D 388 7.06 -28.42 17.16
N TRP D 389 5.84 -28.82 16.85
CA TRP D 389 4.69 -28.50 17.69
C TRP D 389 4.85 -29.14 19.07
N LEU D 390 5.13 -30.44 19.06
CA LEU D 390 5.29 -31.21 20.30
C LEU D 390 6.61 -30.98 21.04
N GLN D 391 7.48 -30.17 20.45
CA GLN D 391 8.77 -29.90 21.05
C GLN D 391 8.59 -29.37 22.48
N GLY D 392 9.35 -29.91 23.41
CA GLY D 392 9.27 -29.49 24.80
C GLY D 392 8.37 -30.36 25.66
N GLU D 393 7.35 -30.93 25.04
CA GLU D 393 6.38 -31.75 25.75
C GLU D 393 6.90 -33.08 26.30
N PRO D 394 6.84 -33.26 27.64
CA PRO D 394 7.29 -34.48 28.30
C PRO D 394 6.55 -35.74 27.86
N ARG D 395 5.28 -35.88 28.25
CA ARG D 395 4.50 -37.05 27.87
C ARG D 395 3.61 -36.84 26.65
N VAL D 396 3.48 -37.87 25.83
CA VAL D 396 2.66 -37.79 24.63
C VAL D 396 1.94 -39.10 24.35
N VAL D 397 0.77 -39.01 23.74
CA VAL D 397 -0.01 -40.20 23.41
C VAL D 397 -0.62 -40.05 22.02
N LEU D 398 0.21 -40.31 21.03
CA LEU D 398 -0.20 -40.22 19.63
C LEU D 398 -1.52 -40.92 19.31
N VAL D 399 -2.28 -40.30 18.39
CA VAL D 399 -3.57 -40.80 17.95
C VAL D 399 -3.81 -40.20 16.56
N HIS D 400 -4.96 -40.53 15.95
CA HIS D 400 -5.29 -39.99 14.63
C HIS D 400 -4.14 -40.27 13.68
N GLY D 401 -4.19 -41.42 13.02
CA GLY D 401 -3.15 -41.80 12.08
C GLY D 401 -2.94 -43.31 12.05
N GLU D 402 -2.11 -43.78 11.11
CA GLU D 402 -1.82 -45.19 10.97
C GLU D 402 -0.74 -45.66 11.92
N GLU D 403 -0.97 -46.83 12.53
CA GLU D 403 -0.05 -47.40 13.51
C GLU D 403 1.46 -47.27 13.23
N GLU D 404 1.87 -47.46 11.97
CA GLU D 404 3.28 -47.33 11.63
C GLU D 404 3.61 -45.85 11.71
N LYS D 405 2.84 -45.04 10.98
CA LYS D 405 2.98 -43.60 10.93
C LYS D 405 3.23 -43.10 12.35
N LEU D 406 2.37 -43.52 13.27
CA LEU D 406 2.48 -43.15 14.67
C LEU D 406 3.75 -43.78 15.22
N LEU D 407 3.73 -45.11 15.27
CA LEU D 407 4.86 -45.90 15.76
C LEU D 407 6.16 -45.18 15.40
N ALA D 408 6.26 -44.81 14.13
CA ALA D 408 7.41 -44.09 13.60
C ALA D 408 7.66 -42.84 14.44
N LEU D 409 6.88 -41.80 14.16
CA LEU D 409 7.00 -40.53 14.85
C LEU D 409 7.33 -40.79 16.33
N GLY D 410 6.64 -41.76 16.91
CA GLY D 410 6.88 -42.09 18.31
C GLY D 410 8.35 -42.28 18.61
N LYS D 411 9.02 -43.10 17.79
CA LYS D 411 10.43 -43.39 17.97
C LYS D 411 11.24 -42.10 18.07
N LEU D 412 11.00 -41.16 17.16
CA LEU D 412 11.72 -39.89 17.16
C LEU D 412 11.50 -39.11 18.45
N LEU D 413 10.27 -39.10 18.94
CA LEU D 413 9.95 -38.38 20.16
C LEU D 413 10.71 -38.97 21.34
N ALA D 414 10.69 -40.30 21.43
CA ALA D 414 11.40 -40.98 22.50
C ALA D 414 12.91 -40.83 22.26
N LEU D 415 13.31 -40.95 21.00
CA LEU D 415 14.71 -40.81 20.63
C LEU D 415 15.14 -39.38 20.90
N ARG D 416 14.18 -38.57 21.34
CA ARG D 416 14.44 -37.18 21.68
C ARG D 416 14.15 -36.98 23.17
N GLY D 417 14.02 -38.09 23.89
CA GLY D 417 13.77 -38.04 25.32
C GLY D 417 12.33 -37.80 25.74
N GLN D 418 11.40 -38.04 24.83
CA GLN D 418 10.00 -37.82 25.13
C GLN D 418 9.23 -39.13 25.32
N GLU D 419 8.46 -39.20 26.39
CA GLU D 419 7.67 -40.39 26.70
C GLU D 419 6.49 -40.53 25.73
N VAL D 420 6.65 -41.40 24.73
CA VAL D 420 5.61 -41.60 23.73
C VAL D 420 4.74 -42.84 24.02
N SER D 421 3.83 -43.16 23.11
CA SER D 421 2.93 -44.31 23.19
C SER D 421 1.74 -44.08 22.27
N LEU D 422 0.96 -45.12 22.00
CA LEU D 422 -0.19 -44.96 21.13
C LEU D 422 -1.49 -45.03 21.91
N ALA D 423 -2.60 -44.77 21.23
CA ALA D 423 -3.90 -44.78 21.87
C ALA D 423 -4.72 -45.98 21.44
N ARG D 424 -5.22 -46.72 22.43
CA ARG D 424 -6.02 -47.91 22.17
C ARG D 424 -7.47 -47.66 22.57
N PHE D 425 -8.39 -48.06 21.70
CA PHE D 425 -9.80 -47.88 21.96
C PHE D 425 -10.17 -48.26 23.39
N GLY D 426 -11.14 -47.53 23.94
CA GLY D 426 -11.60 -47.78 25.31
C GLY D 426 -10.59 -47.79 26.43
N GLU D 427 -9.32 -47.50 26.14
CA GLU D 427 -8.29 -47.52 27.18
C GLU D 427 -7.80 -46.17 27.69
N GLY D 428 -8.25 -45.84 28.90
CA GLY D 428 -7.89 -44.58 29.51
C GLY D 428 -6.42 -44.27 29.69
N VAL D 429 -6.11 -42.98 29.67
CA VAL D 429 -4.76 -42.50 29.84
C VAL D 429 -4.79 -41.42 30.92
N PRO D 430 -4.05 -41.62 32.02
CA PRO D 430 -4.03 -40.64 33.10
C PRO D 430 -3.27 -39.41 32.65
N VAL D 431 -3.72 -38.24 33.13
CA VAL D 431 -3.09 -36.98 32.78
C VAL D 431 -2.11 -36.60 33.89
#